data_4PDQ
# 
_entry.id   4PDQ 
# 
_audit_conform.dict_name       mmcif_pdbx.dic 
_audit_conform.dict_version    5.387 
_audit_conform.dict_location   http://mmcif.pdb.org/dictionaries/ascii/mmcif_pdbx.dic 
# 
loop_
_database_2.database_id 
_database_2.database_code 
_database_2.pdbx_database_accession 
_database_2.pdbx_DOI 
PDB   4PDQ         pdb_00004pdq 10.2210/pdb4pdq/pdb 
WWPDB D_1000201202 ?            ?                   
# 
loop_
_pdbx_audit_revision_history.ordinal 
_pdbx_audit_revision_history.data_content_type 
_pdbx_audit_revision_history.major_revision 
_pdbx_audit_revision_history.minor_revision 
_pdbx_audit_revision_history.revision_date 
1 'Structure model' 1 0 2015-01-07 
2 'Structure model' 1 1 2020-01-22 
3 'Structure model' 1 2 2024-03-20 
# 
_pdbx_audit_revision_details.ordinal             1 
_pdbx_audit_revision_details.revision_ordinal    1 
_pdbx_audit_revision_details.data_content_type   'Structure model' 
_pdbx_audit_revision_details.provider            repository 
_pdbx_audit_revision_details.type                'Initial release' 
_pdbx_audit_revision_details.description         ? 
_pdbx_audit_revision_details.details             ? 
# 
loop_
_pdbx_audit_revision_group.ordinal 
_pdbx_audit_revision_group.revision_ordinal 
_pdbx_audit_revision_group.data_content_type 
_pdbx_audit_revision_group.group 
1 2 'Structure model' 'Data collection'      
2 2 'Structure model' 'Derived calculations' 
3 2 'Structure model' 'Source and taxonomy'  
4 3 'Structure model' 'Data collection'      
5 3 'Structure model' 'Database references'  
6 3 'Structure model' 'Derived calculations' 
7 3 'Structure model' 'Structure summary'    
# 
loop_
_pdbx_audit_revision_category.ordinal 
_pdbx_audit_revision_category.revision_ordinal 
_pdbx_audit_revision_category.data_content_type 
_pdbx_audit_revision_category.category 
1 2 'Structure model' diffrn_source         
2 2 'Structure model' pdbx_entity_src_syn   
3 2 'Structure model' pdbx_struct_oper_list 
4 3 'Structure model' chem_comp             
5 3 'Structure model' chem_comp_atom        
6 3 'Structure model' chem_comp_bond        
7 3 'Structure model' database_2            
8 3 'Structure model' entity                
9 3 'Structure model' pdbx_entity_nonpoly   
# 
loop_
_pdbx_audit_revision_item.ordinal 
_pdbx_audit_revision_item.revision_ordinal 
_pdbx_audit_revision_item.data_content_type 
_pdbx_audit_revision_item.item 
1 2 'Structure model' '_diffrn_source.pdbx_synchrotron_site'      
2 2 'Structure model' '_pdbx_entity_src_syn.pdbx_alt_source_flag' 
3 2 'Structure model' '_pdbx_struct_oper_list.symmetry_operation' 
4 3 'Structure model' '_chem_comp.name'                           
5 3 'Structure model' '_database_2.pdbx_DOI'                      
6 3 'Structure model' '_database_2.pdbx_database_accession'       
7 3 'Structure model' '_entity.pdbx_description'                  
8 3 'Structure model' '_pdbx_entity_nonpoly.name'                 
# 
_pdbx_database_status.status_code                     REL 
_pdbx_database_status.status_code_sf                  REL 
_pdbx_database_status.status_code_mr                  ? 
_pdbx_database_status.entry_id                        4PDQ 
_pdbx_database_status.recvd_initial_deposition_date   2014-04-21 
_pdbx_database_status.SG_entry                        N 
_pdbx_database_status.deposit_site                    RCSB 
_pdbx_database_status.process_site                    PDBJ 
_pdbx_database_status.status_code_cs                  ? 
_pdbx_database_status.methods_development_category    ? 
_pdbx_database_status.pdb_format_compatible           Y 
_pdbx_database_status.status_code_nmr_data            ? 
# 
loop_
_audit_author.name 
_audit_author.pdbx_ordinal 
'Hanessian, S.'       1 
'Saavedra, O.M.'      2 
'Vilchis-Reyes, M.A.' 3 
'Maianti, J.P.'       4 
'Kanazawa, H.'        5 
'Dozzo, P.'           6 
'Feeney, L.A.'        7 
'Armstrong, E.S.'     8 
'Kondo, J.'           9 
# 
_citation.abstract                  ? 
_citation.abstract_id_CAS           ? 
_citation.book_id_ISBN              ? 
_citation.book_publisher            ? 
_citation.book_publisher_city       ? 
_citation.book_title                ? 
_citation.coordinate_linkage        ? 
_citation.country                   UK 
_citation.database_id_Medline       ? 
_citation.details                   ? 
_citation.id                        primary 
_citation.journal_abbrev            'Chem Sci' 
_citation.journal_id_ASTM           ? 
_citation.journal_id_CSD            ? 
_citation.journal_id_ISSN           2041-6539 
_citation.journal_full              ? 
_citation.journal_issue             ? 
_citation.journal_volume            5 
_citation.language                  ? 
_citation.page_first                4621 
_citation.page_last                 4632 
_citation.title                     
;Synthesis, broad spectrum antibacterial activity, and X-ray co-crystal structure of the decoding bacterial ribosomal A-site with 4'-deoxy-4'-fluoro neomycin analogs
;
_citation.year                      2014 
_citation.database_id_CSD           ? 
_citation.pdbx_database_id_DOI      10.1039/C4SC01626B 
_citation.pdbx_database_id_PubMed   ? 
_citation.unpublished_flag          ? 
# 
loop_
_citation_author.citation_id 
_citation_author.name 
_citation_author.ordinal 
_citation_author.identifier_ORCID 
primary 'Hanessian, S.'       1 ? 
primary 'Saavedra, O.M.'      2 ? 
primary 'Vilchis-Reyes, M.A.' 3 ? 
primary 'Maianti, J.P.'       4 ? 
primary 'Kanazawa, H.'        5 ? 
primary 'Dozzo, P.'           6 ? 
primary 'Matias, R.D.'        7 ? 
primary 'Serio, A.'           8 ? 
primary 'Kondo, J.'           9 ? 
# 
loop_
_entity.id 
_entity.type 
_entity.src_method 
_entity.pdbx_description 
_entity.formula_weight 
_entity.pdbx_number_of_molecules 
_entity.pdbx_ec 
_entity.pdbx_mutation 
_entity.pdbx_fragment 
_entity.details 
1 polymer     syn 
;RNA (5'-*UP*UP*GP*CP*GP*UP*CP*AP*CP*GP*CP*CP*GP*GP*CP*GP*AP*AP*GP*UP*CP*GP*C-3')
;
7370.424 2 ? ? ? ? 
2 non-polymer syn 'MAGNESIUM ION' 24.305   2 ? ? ? ? 
3 non-polymer syn 
;(2S)-4-amino-N-{(1R,2S,3R,4R,5S)-5-amino-3-{[3-O-(2,6-diamino-2,6-dideoxy-beta-L-idopyranosyl)-beta-D-ribofuranosyl]oxy }-4-[(2,6-diamino-2,4,6-trideoxy-4-fluoro-alpha-D-galactopyranosyl)oxy]-2-hydroxycyclohexyl}-2-hydroxybutanamide
;
717.739  1 ? ? ? ? 
4 water       nat water 18.015   1 ? ? ? ? 
# 
_entity_poly.entity_id                      1 
_entity_poly.type                           polyribonucleotide 
_entity_poly.nstd_linkage                   no 
_entity_poly.nstd_monomer                   no 
_entity_poly.pdbx_seq_one_letter_code       UUGCGUCACGCCGGCGAAGUCGC 
_entity_poly.pdbx_seq_one_letter_code_can   UUGCGUCACGCCGGCGAAGUCGC 
_entity_poly.pdbx_strand_id                 A,B 
_entity_poly.pdbx_target_identifier         ? 
# 
loop_
_pdbx_entity_nonpoly.entity_id 
_pdbx_entity_nonpoly.name 
_pdbx_entity_nonpoly.comp_id 
2 'MAGNESIUM ION' MG  
3 
;(2S)-4-amino-N-{(1R,2S,3R,4R,5S)-5-amino-3-{[3-O-(2,6-diamino-2,6-dideoxy-beta-L-idopyranosyl)-beta-D-ribofuranosyl]oxy }-4-[(2,6-diamino-2,4,6-trideoxy-4-fluoro-alpha-D-galactopyranosyl)oxy]-2-hydroxycyclohexyl}-2-hydroxybutanamide
;
NMZ 
4 water HOH 
# 
loop_
_entity_poly_seq.entity_id 
_entity_poly_seq.num 
_entity_poly_seq.mon_id 
_entity_poly_seq.hetero 
1 1  U n 
1 2  U n 
1 3  G n 
1 4  C n 
1 5  G n 
1 6  U n 
1 7  C n 
1 8  A n 
1 9  C n 
1 10 G n 
1 11 C n 
1 12 C n 
1 13 G n 
1 14 G n 
1 15 C n 
1 16 G n 
1 17 A n 
1 18 A n 
1 19 G n 
1 20 U n 
1 21 C n 
1 22 G n 
1 23 C n 
# 
_pdbx_entity_src_syn.entity_id              1 
_pdbx_entity_src_syn.pdbx_src_id            1 
_pdbx_entity_src_syn.pdbx_alt_source_flag   sample 
_pdbx_entity_src_syn.pdbx_beg_seq_num       1 
_pdbx_entity_src_syn.pdbx_end_seq_num       23 
_pdbx_entity_src_syn.organism_scientific    synthetic 
_pdbx_entity_src_syn.organism_common_name   ? 
_pdbx_entity_src_syn.ncbi_taxonomy_id       32630 
_pdbx_entity_src_syn.details                ? 
# 
loop_
_chem_comp.id 
_chem_comp.type 
_chem_comp.mon_nstd_flag 
_chem_comp.name 
_chem_comp.pdbx_synonyms 
_chem_comp.formula 
_chem_comp.formula_weight 
A   'RNA linking' y "ADENOSINE-5'-MONOPHOSPHATE" ?                                                                       
'C10 H14 N5 O7 P'  347.221 
C   'RNA linking' y "CYTIDINE-5'-MONOPHOSPHATE" ?                                                                       
'C9 H14 N3 O8 P'   323.197 
G   'RNA linking' y "GUANOSINE-5'-MONOPHOSPHATE" ?                                                                       
'C10 H14 N5 O8 P'  363.221 
HOH non-polymer   . WATER ?                                                                       'H2 O'             18.015  
MG  non-polymer   . 'MAGNESIUM ION' ?                                                                       'Mg 2'             
24.305  
NMZ non-polymer   . 
;(2S)-4-amino-N-{(1R,2S,3R,4R,5S)-5-amino-3-{[3-O-(2,6-diamino-2,6-dideoxy-beta-L-idopyranosyl)-beta-D-ribofuranosyl]oxy }-4-[(2,6-diamino-2,4,6-trideoxy-4-fluoro-alpha-D-galactopyranosyl)oxy]-2-hydroxycyclohexyl}-2-hydroxybutanamide
;
"1-N-[(S)-4-Amino-2-hydroxybutanoyl]-4'-deoxy-4'-fluoro-4'-epineomycin" 'C27 H52 F N7 O14' 717.739 
U   'RNA linking' y "URIDINE-5'-MONOPHOSPHATE" ?                                                                       
'C9 H13 N2 O9 P'   324.181 
# 
loop_
_pdbx_poly_seq_scheme.asym_id 
_pdbx_poly_seq_scheme.entity_id 
_pdbx_poly_seq_scheme.seq_id 
_pdbx_poly_seq_scheme.mon_id 
_pdbx_poly_seq_scheme.ndb_seq_num 
_pdbx_poly_seq_scheme.pdb_seq_num 
_pdbx_poly_seq_scheme.auth_seq_num 
_pdbx_poly_seq_scheme.pdb_mon_id 
_pdbx_poly_seq_scheme.auth_mon_id 
_pdbx_poly_seq_scheme.pdb_strand_id 
_pdbx_poly_seq_scheme.pdb_ins_code 
_pdbx_poly_seq_scheme.hetero 
A 1 1  U 1  1  1  U U A . n 
A 1 2  U 2  2  2  U U A . n 
A 1 3  G 3  3  3  G G A . n 
A 1 4  C 4  4  4  C C A . n 
A 1 5  G 5  5  5  G G A . n 
A 1 6  U 6  6  6  U U A . n 
A 1 7  C 7  7  7  C C A . n 
A 1 8  A 8  8  8  A A A . n 
A 1 9  C 9  9  9  C C A . n 
A 1 10 G 10 10 10 G G A . n 
A 1 11 C 11 11 11 C C A . n 
A 1 12 C 12 12 12 C C A . n 
A 1 13 G 13 13 13 G G A . n 
A 1 14 G 14 14 14 G G A . n 
A 1 15 C 15 15 15 C C A . n 
A 1 16 G 16 16 16 G G A . n 
A 1 17 A 17 17 17 A A A . n 
A 1 18 A 18 18 18 A A A . n 
A 1 19 G 19 19 19 G G A . n 
A 1 20 U 20 20 20 U U A . n 
A 1 21 C 21 21 21 C C A . n 
A 1 22 G 22 22 22 G G A . n 
A 1 23 C 23 23 23 C C A . n 
B 1 1  U 1  24 24 U U B . n 
B 1 2  U 2  25 25 U U B . n 
B 1 3  G 3  26 26 G G B . n 
B 1 4  C 4  27 27 C C B . n 
B 1 5  G 5  28 28 G G B . n 
B 1 6  U 6  29 29 U U B . n 
B 1 7  C 7  30 30 C C B . n 
B 1 8  A 8  31 31 A A B . n 
B 1 9  C 9  32 32 C C B . n 
B 1 10 G 10 33 33 G G B . n 
B 1 11 C 11 34 34 C C B . n 
B 1 12 C 12 35 35 C C B . n 
B 1 13 G 13 36 36 G G B . n 
B 1 14 G 14 37 37 G G B . n 
B 1 15 C 15 38 38 C C B . n 
B 1 16 G 16 39 39 G G B . n 
B 1 17 A 17 40 40 A A B . n 
B 1 18 A 18 41 41 A A B . n 
B 1 19 G 19 42 42 G G B . n 
B 1 20 U 20 43 43 U U B . n 
B 1 21 C 21 44 44 C C B . n 
B 1 22 G 22 45 45 G G B . n 
B 1 23 C 23 46 46 C C B . n 
# 
loop_
_pdbx_nonpoly_scheme.asym_id 
_pdbx_nonpoly_scheme.entity_id 
_pdbx_nonpoly_scheme.mon_id 
_pdbx_nonpoly_scheme.ndb_seq_num 
_pdbx_nonpoly_scheme.pdb_seq_num 
_pdbx_nonpoly_scheme.auth_seq_num 
_pdbx_nonpoly_scheme.pdb_mon_id 
_pdbx_nonpoly_scheme.auth_mon_id 
_pdbx_nonpoly_scheme.pdb_strand_id 
_pdbx_nonpoly_scheme.pdb_ins_code 
C 2 MG  1 101 101 MG  MG  A . 
D 3 NMZ 1 101 101 NMZ NMZ B . 
E 2 MG  1 102 102 MG  MG  B . 
F 4 HOH 1 201 201 HOH HOH A . 
# 
loop_
_software.citation_id 
_software.classification 
_software.compiler_name 
_software.compiler_version 
_software.contact_author 
_software.contact_author_email 
_software.date 
_software.description 
_software.dependencies 
_software.hardware 
_software.language 
_software.location 
_software.mods 
_software.name 
_software.os 
_software.os_version 
_software.type 
_software.version 
_software.pdbx_ordinal 
? refinement        ? ? ? ? ? ? ? ? ? ? ? CNS          ? ? ? .    1 
? 'data extraction' ? ? ? ? ? ? ? ? ? ? ? PDB_EXTRACT  ? ? ? 3.14 2 
? 'model building'  ? ? ? ? ? ? ? ? ? ? ? Coot         ? ? ? .    3 
? phasing           ? ? ? ? ? ? ? ? ? ? ? PHENIX       ? ? ? .    4 
? 'model building'  ? ? ? ? ? ? ? ? ? ? ? PHENIX       ? ? ? .    5 
? 'data reduction'  ? ? ? ? ? ? ? ? ? ? ? CrystalClear ? ? ? .    6 
? 'data scaling'    ? ? ? ? ? ? ? ? ? ? ? CrystalClear ? ? ? .    7 
# 
_cell.entry_id           4PDQ 
_cell.length_a           103.657 
_cell.length_b           103.657 
_cell.length_c           44.572 
_cell.angle_alpha        90.00 
_cell.angle_beta         90.00 
_cell.angle_gamma        120.00 
_cell.Z_PDB              18 
_cell.pdbx_unique_axis   ? 
# 
_symmetry.entry_id                         4PDQ 
_symmetry.space_group_name_H-M             'H 3' 
_symmetry.pdbx_full_space_group_name_H-M   ? 
_symmetry.cell_setting                     ? 
_symmetry.Int_Tables_number                146 
# 
_exptl.absorpt_coefficient_mu     ? 
_exptl.absorpt_correction_T_max   ? 
_exptl.absorpt_correction_T_min   ? 
_exptl.absorpt_correction_type    ? 
_exptl.absorpt_process_details    ? 
_exptl.entry_id                   4PDQ 
_exptl.crystals_number            1 
_exptl.details                    ? 
_exptl.method                     'X-RAY DIFFRACTION' 
_exptl.method_details             ? 
# 
_exptl_crystal.colour                      ? 
_exptl_crystal.density_diffrn              ? 
_exptl_crystal.density_Matthews            3.13 
_exptl_crystal.density_method              ? 
_exptl_crystal.density_percent_sol         60.66 
_exptl_crystal.description                 ? 
_exptl_crystal.F_000                       ? 
_exptl_crystal.id                          1 
_exptl_crystal.preparation                 ? 
_exptl_crystal.size_max                    ? 
_exptl_crystal.size_mid                    ? 
_exptl_crystal.size_min                    ? 
_exptl_crystal.size_rad                    ? 
_exptl_crystal.colour_lustre               ? 
_exptl_crystal.colour_modifier             ? 
_exptl_crystal.colour_primary              ? 
_exptl_crystal.density_meas                ? 
_exptl_crystal.density_meas_esd            ? 
_exptl_crystal.density_meas_gt             ? 
_exptl_crystal.density_meas_lt             ? 
_exptl_crystal.density_meas_temp           ? 
_exptl_crystal.density_meas_temp_esd       ? 
_exptl_crystal.density_meas_temp_gt        ? 
_exptl_crystal.density_meas_temp_lt        ? 
_exptl_crystal.pdbx_crystal_image_url      ? 
_exptl_crystal.pdbx_crystal_image_format   ? 
_exptl_crystal.pdbx_mosaicity              ? 
_exptl_crystal.pdbx_mosaicity_esd          ? 
# 
_exptl_crystal_grow.apparatus       ? 
_exptl_crystal_grow.atmosphere      ? 
_exptl_crystal_grow.crystal_id      1 
_exptl_crystal_grow.details         ? 
_exptl_crystal_grow.method          'VAPOR DIFFUSION, SITTING DROP' 
_exptl_crystal_grow.method_ref      ? 
_exptl_crystal_grow.pH              7.0 
_exptl_crystal_grow.pressure        ? 
_exptl_crystal_grow.pressure_esd    ? 
_exptl_crystal_grow.seeding         ? 
_exptl_crystal_grow.seeding_ref     ? 
_exptl_crystal_grow.temp            293 
_exptl_crystal_grow.temp_details    ? 
_exptl_crystal_grow.temp_esd        ? 
_exptl_crystal_grow.time            ? 
_exptl_crystal_grow.pdbx_details    'Sodium cacodylate, MgCl2, MPD, Spermine tetrahydrochloride' 
_exptl_crystal_grow.pdbx_pH_range   ? 
# 
_diffrn.ambient_environment              ? 
_diffrn.ambient_temp                     100 
_diffrn.ambient_temp_details             ? 
_diffrn.ambient_temp_esd                 ? 
_diffrn.crystal_id                       1 
_diffrn.crystal_support                  ? 
_diffrn.crystal_treatment                ? 
_diffrn.details                          ? 
_diffrn.id                               1 
_diffrn.ambient_pressure                 ? 
_diffrn.ambient_pressure_esd             ? 
_diffrn.ambient_pressure_gt              ? 
_diffrn.ambient_pressure_lt              ? 
_diffrn.ambient_temp_gt                  ? 
_diffrn.ambient_temp_lt                  ? 
_diffrn.pdbx_serial_crystal_experiment   ? 
# 
_diffrn_detector.details                      ? 
_diffrn_detector.detector                     CCD 
_diffrn_detector.diffrn_id                    1 
_diffrn_detector.type                         'ADSC QUANTUM 270' 
_diffrn_detector.area_resol_mean              ? 
_diffrn_detector.dtime                        ? 
_diffrn_detector.pdbx_frames_total            ? 
_diffrn_detector.pdbx_collection_time_total   ? 
_diffrn_detector.pdbx_collection_date         2013-11-18 
# 
_diffrn_radiation.collimation                      ? 
_diffrn_radiation.diffrn_id                        1 
_diffrn_radiation.filter_edge                      ? 
_diffrn_radiation.inhomogeneity                    ? 
_diffrn_radiation.monochromator                    ? 
_diffrn_radiation.polarisn_norm                    ? 
_diffrn_radiation.polarisn_ratio                   ? 
_diffrn_radiation.probe                            ? 
_diffrn_radiation.type                             ? 
_diffrn_radiation.xray_symbol                      ? 
_diffrn_radiation.wavelength_id                    1 
_diffrn_radiation.pdbx_monochromatic_or_laue_m_l   M 
_diffrn_radiation.pdbx_wavelength_list             ? 
_diffrn_radiation.pdbx_wavelength                  ? 
_diffrn_radiation.pdbx_diffrn_protocol             'SINGLE WAVELENGTH' 
_diffrn_radiation.pdbx_analyzer                    ? 
_diffrn_radiation.pdbx_scattering_type             x-ray 
# 
_diffrn_radiation_wavelength.id           1 
_diffrn_radiation_wavelength.wavelength   0.98 
_diffrn_radiation_wavelength.wt           1.0 
# 
_diffrn_source.current                     ? 
_diffrn_source.details                     ? 
_diffrn_source.diffrn_id                   1 
_diffrn_source.power                       ? 
_diffrn_source.size                        ? 
_diffrn_source.source                      SYNCHROTRON 
_diffrn_source.target                      ? 
_diffrn_source.type                        'PHOTON FACTORY BEAMLINE BL-17A' 
_diffrn_source.voltage                     ? 
_diffrn_source.take-off_angle              ? 
_diffrn_source.pdbx_wavelength_list        0.98 
_diffrn_source.pdbx_wavelength             ? 
_diffrn_source.pdbx_synchrotron_beamline   BL-17A 
_diffrn_source.pdbx_synchrotron_site       'Photon Factory' 
# 
_reflns.pdbx_diffrn_id               1 
_reflns.pdbx_ordinal                 1 
_reflns.entry_id                     4PDQ 
_reflns.observed_criterion_sigma_I   ? 
_reflns.observed_criterion_sigma_F   ? 
_reflns.d_resolution_low             19.600 
_reflns.d_resolution_high            3.000 
_reflns.number_obs                   3522 
_reflns.number_all                   ? 
_reflns.percent_possible_obs         98.7 
_reflns.pdbx_Rmerge_I_obs            ? 
_reflns.pdbx_Rsym_value              ? 
_reflns.pdbx_netI_over_sigmaI        12.6000 
_reflns.B_iso_Wilson_estimate        ? 
_reflns.pdbx_redundancy              5.600 
# 
_refine.pdbx_refine_id                           'X-RAY DIFFRACTION' 
_refine.entry_id                                 4PDQ 
_refine.pdbx_diffrn_id                           1 
_refine.pdbx_TLS_residual_ADP_flag               ? 
_refine.ls_number_reflns_obs                     3522 
_refine.ls_number_reflns_all                     ? 
_refine.pdbx_ls_sigma_I                          ? 
_refine.pdbx_ls_sigma_F                          0.000 
_refine.pdbx_data_cutoff_high_absF               ? 
_refine.pdbx_data_cutoff_low_absF                ? 
_refine.pdbx_data_cutoff_high_rms_absF           ? 
_refine.ls_d_res_low                             19.60 
_refine.ls_d_res_high                            3.00 
_refine.ls_percent_reflns_obs                    98.4 
_refine.ls_R_factor_obs                          0.195 
_refine.ls_R_factor_all                          ? 
_refine.ls_R_factor_R_work                       0.195 
_refine.ls_R_factor_R_free                       0.236 
_refine.ls_R_factor_R_free_error                 ? 
_refine.ls_R_factor_R_free_error_details         ? 
_refine.ls_percent_reflns_R_free                 9.900 
_refine.ls_number_reflns_R_free                  355 
_refine.ls_number_parameters                     ? 
_refine.ls_number_restraints                     ? 
_refine.occupancy_min                            ? 
_refine.occupancy_max                            ? 
_refine.correlation_coeff_Fo_to_Fc               ? 
_refine.correlation_coeff_Fo_to_Fc_free          ? 
_refine.B_iso_mean                               76.3504 
_refine.aniso_B[1][1]                            1.05200 
_refine.aniso_B[2][2]                            1.05200 
_refine.aniso_B[3][3]                            -2.10400 
_refine.aniso_B[1][2]                            0.00000 
_refine.aniso_B[1][3]                            0.00000 
_refine.aniso_B[2][3]                            0.00000 
_refine.solvent_model_details                    ? 
_refine.solvent_model_param_ksol                 ? 
_refine.solvent_model_param_bsol                 59.88 
_refine.pdbx_solvent_vdw_probe_radii             ? 
_refine.pdbx_solvent_ion_probe_radii             ? 
_refine.pdbx_solvent_shrinkage_radii             ? 
_refine.pdbx_ls_cross_valid_method               'FREE R-VALUE' 
_refine.details                                  ? 
_refine.pdbx_starting_model                      ? 
_refine.pdbx_method_to_determine_struct          'MOLECULAR REPLACEMENT' 
_refine.pdbx_isotropic_thermal_model             ? 
_refine.pdbx_stereochemistry_target_values       ? 
_refine.pdbx_stereochem_target_val_spec_case     ? 
_refine.pdbx_R_Free_selection_details            ? 
_refine.pdbx_overall_ESU_R                       ? 
_refine.pdbx_overall_ESU_R_Free                  ? 
_refine.overall_SU_ML                            ? 
_refine.pdbx_overall_phase_error                 ? 
_refine.overall_SU_B                             ? 
_refine.overall_SU_R_Cruickshank_DPI             ? 
_refine.pdbx_overall_SU_R_free_Cruickshank_DPI   ? 
_refine.pdbx_overall_SU_R_Blow_DPI               ? 
_refine.pdbx_overall_SU_R_free_Blow_DPI          ? 
# 
_refine_hist.pdbx_refine_id                   'X-RAY DIFFRACTION' 
_refine_hist.cycle_id                         LAST 
_refine_hist.pdbx_number_atoms_protein        0 
_refine_hist.pdbx_number_atoms_nucleic_acid   974 
_refine_hist.pdbx_number_atoms_ligand         51 
_refine_hist.number_atoms_solvent             1 
_refine_hist.number_atoms_total               1026 
_refine_hist.d_res_high                       3.00 
_refine_hist.d_res_low                        19.60 
# 
loop_
_refine_ls_restr.type 
_refine_ls_restr.dev_ideal 
_refine_ls_restr.dev_ideal_target 
_refine_ls_restr.weight 
_refine_ls_restr.number 
_refine_ls_restr.pdbx_refine_id 
_refine_ls_restr.pdbx_restraint_function 
c_bond_d                0.008 ?     ? ? 'X-RAY DIFFRACTION' ? 
c_bond_d_na             ?     ?     ? ? 'X-RAY DIFFRACTION' ? 
c_bond_d_prot           ?     ?     ? ? 'X-RAY DIFFRACTION' ? 
c_angle_d               ?     ?     ? ? 'X-RAY DIFFRACTION' ? 
c_angle_d_na            ?     ?     ? ? 'X-RAY DIFFRACTION' ? 
c_angle_d_prot          ?     ?     ? ? 'X-RAY DIFFRACTION' ? 
c_angle_deg             ?     ?     ? ? 'X-RAY DIFFRACTION' ? 
c_angle_deg_na          ?     ?     ? ? 'X-RAY DIFFRACTION' ? 
c_angle_deg_prot        ?     ?     ? ? 'X-RAY DIFFRACTION' ? 
c_dihedral_angle_d      ?     ?     ? ? 'X-RAY DIFFRACTION' ? 
c_dihedral_angle_d_na   ?     ?     ? ? 'X-RAY DIFFRACTION' ? 
c_dihedral_angle_d_prot ?     ?     ? ? 'X-RAY DIFFRACTION' ? 
c_improper_angle_d      ?     ?     ? ? 'X-RAY DIFFRACTION' ? 
c_improper_angle_d_na   ?     ?     ? ? 'X-RAY DIFFRACTION' ? 
c_improper_angle_d_prot ?     ?     ? ? 'X-RAY DIFFRACTION' ? 
c_mcbond_it             0.000 1.500 ? ? 'X-RAY DIFFRACTION' ? 
c_mcangle_it            0.000 2.000 ? ? 'X-RAY DIFFRACTION' ? 
c_scbond_it             1.692 2.000 ? ? 'X-RAY DIFFRACTION' ? 
c_scangle_it            2.722 2.500 ? ? 'X-RAY DIFFRACTION' ? 
# 
_refine_ls_shell.pdbx_refine_id                   'X-RAY DIFFRACTION' 
_refine_ls_shell.pdbx_total_number_of_bins_used   ? 
_refine_ls_shell.d_res_high                       3.00 
_refine_ls_shell.d_res_low                        3.11 
_refine_ls_shell.number_reflns_R_work             322 
_refine_ls_shell.R_factor_R_work                  0.3192 
_refine_ls_shell.percent_reflns_obs               100.0 
_refine_ls_shell.R_factor_R_free                  0.3010 
_refine_ls_shell.R_factor_R_free_error            ? 
_refine_ls_shell.percent_reflns_R_free            ? 
_refine_ls_shell.number_reflns_R_free             37 
_refine_ls_shell.number_reflns_all                ? 
_refine_ls_shell.R_factor_all                     ? 
# 
loop_
_pdbx_xplor_file.pdbx_refine_id 
_pdbx_xplor_file.serial_no 
_pdbx_xplor_file.param_file 
_pdbx_xplor_file.topol_file 
'X-RAY DIFFRACTION' 1 DNA-RNA_FREE.PARAM         ? 
'X-RAY DIFFRACTION' 2 CNS_TOPPAR:WATER_REP.PARAM ? 
'X-RAY DIFFRACTION' 3 CNS_TOPPAR:ION.PARAM       ? 
'X-RAY DIFFRACTION' 4 GET_XPLOR.PARAM            ? 
'X-RAY DIFFRACTION' 5 174.PARAM                  ? 
# 
_struct.entry_id                     4PDQ 
_struct.title                        
;Crystal structure of the bacterial ribosomal decoding site in complex with 4'-deoxy-4'-fluoro neomycin analog
;
_struct.pdbx_model_details           ? 
_struct.pdbx_formula_weight          ? 
_struct.pdbx_formula_weight_method   ? 
_struct.pdbx_model_type_details      ? 
_struct.pdbx_CASP_flag               ? 
# 
_struct_keywords.entry_id        4PDQ 
_struct_keywords.text            'ribosome, aminoglycoside, RNA-ANTIBIOTIC complex' 
_struct_keywords.pdbx_keywords   RNA/ANTIBIOTIC 
# 
loop_
_struct_asym.id 
_struct_asym.pdbx_blank_PDB_chainid_flag 
_struct_asym.pdbx_modified 
_struct_asym.entity_id 
_struct_asym.details 
A N N 1 ? 
B N N 1 ? 
C N N 2 ? 
D N N 3 ? 
E N N 2 ? 
F N N 4 ? 
# 
_struct_ref.db_code                    4PDQ 
_struct_ref.db_name                    PDB 
_struct_ref.details                    ? 
_struct_ref.entity_id                  1 
_struct_ref.id                         1 
_struct_ref.seq_align                  ? 
_struct_ref.seq_dif                    ? 
_struct_ref.pdbx_db_accession          4PDQ 
_struct_ref.pdbx_db_isoform            ? 
_struct_ref.pdbx_seq_one_letter_code   ? 
_struct_ref.pdbx_align_begin           1 
_struct_ref.pdbx_align_end             ? 
# 
loop_
_struct_ref_seq.align_id 
_struct_ref_seq.ref_id 
_struct_ref_seq.pdbx_PDB_id_code 
_struct_ref_seq.pdbx_strand_id 
_struct_ref_seq.seq_align_beg 
_struct_ref_seq.pdbx_seq_align_beg_ins_code 
_struct_ref_seq.seq_align_end 
_struct_ref_seq.pdbx_seq_align_end_ins_code 
_struct_ref_seq.pdbx_db_accession 
_struct_ref_seq.db_align_beg 
_struct_ref_seq.pdbx_db_align_beg_ins_code 
_struct_ref_seq.db_align_end 
_struct_ref_seq.pdbx_db_align_end_ins_code 
_struct_ref_seq.pdbx_auth_seq_align_beg 
_struct_ref_seq.pdbx_auth_seq_align_end 
1 1 4PDQ A 1 ? 23 ? 4PDQ 1  ? 23 ? 1  23 
2 1 4PDQ B 1 ? 23 ? 4PDQ 24 ? 46 ? 24 46 
# 
_pdbx_struct_assembly.id                   1 
_pdbx_struct_assembly.details              author_and_software_defined_assembly 
_pdbx_struct_assembly.method_details       PISA 
_pdbx_struct_assembly.oligomeric_details   dimeric 
_pdbx_struct_assembly.oligomeric_count     2 
# 
loop_
_pdbx_struct_assembly_prop.biol_id 
_pdbx_struct_assembly_prop.type 
_pdbx_struct_assembly_prop.value 
_pdbx_struct_assembly_prop.details 
1 'ABSA (A^2)' 2610 ? 
1 MORE         -21  ? 
1 'SSA (A^2)'  8560 ? 
# 
_pdbx_struct_assembly_gen.assembly_id       1 
_pdbx_struct_assembly_gen.oper_expression   1 
_pdbx_struct_assembly_gen.asym_id_list      A,B,C,D,E,F 
# 
_pdbx_struct_oper_list.id                   1 
_pdbx_struct_oper_list.type                 'identity operation' 
_pdbx_struct_oper_list.name                 1_555 
_pdbx_struct_oper_list.symmetry_operation   x,y,z 
_pdbx_struct_oper_list.matrix[1][1]         1.0000000000 
_pdbx_struct_oper_list.matrix[1][2]         0.0000000000 
_pdbx_struct_oper_list.matrix[1][3]         0.0000000000 
_pdbx_struct_oper_list.vector[1]            0.0000000000 
_pdbx_struct_oper_list.matrix[2][1]         0.0000000000 
_pdbx_struct_oper_list.matrix[2][2]         1.0000000000 
_pdbx_struct_oper_list.matrix[2][3]         0.0000000000 
_pdbx_struct_oper_list.vector[2]            0.0000000000 
_pdbx_struct_oper_list.matrix[3][1]         0.0000000000 
_pdbx_struct_oper_list.matrix[3][2]         0.0000000000 
_pdbx_struct_oper_list.matrix[3][3]         1.0000000000 
_pdbx_struct_oper_list.vector[3]            0.0000000000 
# 
loop_
_struct_conn.id 
_struct_conn.conn_type_id 
_struct_conn.pdbx_leaving_atom_flag 
_struct_conn.pdbx_PDB_id 
_struct_conn.ptnr1_label_asym_id 
_struct_conn.ptnr1_label_comp_id 
_struct_conn.ptnr1_label_seq_id 
_struct_conn.ptnr1_label_atom_id 
_struct_conn.pdbx_ptnr1_label_alt_id 
_struct_conn.pdbx_ptnr1_PDB_ins_code 
_struct_conn.pdbx_ptnr1_standard_comp_id 
_struct_conn.ptnr1_symmetry 
_struct_conn.ptnr2_label_asym_id 
_struct_conn.ptnr2_label_comp_id 
_struct_conn.ptnr2_label_seq_id 
_struct_conn.ptnr2_label_atom_id 
_struct_conn.pdbx_ptnr2_label_alt_id 
_struct_conn.pdbx_ptnr2_PDB_ins_code 
_struct_conn.ptnr1_auth_asym_id 
_struct_conn.ptnr1_auth_comp_id 
_struct_conn.ptnr1_auth_seq_id 
_struct_conn.ptnr2_auth_asym_id 
_struct_conn.ptnr2_auth_comp_id 
_struct_conn.ptnr2_auth_seq_id 
_struct_conn.ptnr2_symmetry 
_struct_conn.pdbx_ptnr3_label_atom_id 
_struct_conn.pdbx_ptnr3_label_seq_id 
_struct_conn.pdbx_ptnr3_label_comp_id 
_struct_conn.pdbx_ptnr3_label_asym_id 
_struct_conn.pdbx_ptnr3_label_alt_id 
_struct_conn.pdbx_ptnr3_PDB_ins_code 
_struct_conn.details 
_struct_conn.pdbx_dist_value 
_struct_conn.pdbx_value_order 
_struct_conn.pdbx_role 
hydrog1  hydrog ? ? A G 3  N1 ? ? ? 1_555 B C 23 N3 ? ? A G 3  B C 46 1_555 ? ? ? ? ? ? WATSON-CRICK  ? ? ? 
hydrog2  hydrog ? ? A G 3  N2 ? ? ? 1_555 B C 23 O2 ? ? A G 3  B C 46 1_555 ? ? ? ? ? ? WATSON-CRICK  ? ? ? 
hydrog3  hydrog ? ? A G 3  O6 ? ? ? 1_555 B C 23 N4 ? ? A G 3  B C 46 1_555 ? ? ? ? ? ? WATSON-CRICK  ? ? ? 
hydrog4  hydrog ? ? A C 4  N3 ? ? ? 1_555 B G 22 N1 ? ? A C 4  B G 45 1_555 ? ? ? ? ? ? WATSON-CRICK  ? ? ? 
hydrog5  hydrog ? ? A C 4  N4 ? ? ? 1_555 B G 22 O6 ? ? A C 4  B G 45 1_555 ? ? ? ? ? ? WATSON-CRICK  ? ? ? 
hydrog6  hydrog ? ? A C 4  O2 ? ? ? 1_555 B G 22 N2 ? ? A C 4  B G 45 1_555 ? ? ? ? ? ? WATSON-CRICK  ? ? ? 
hydrog7  hydrog ? ? A G 5  N1 ? ? ? 1_555 B C 21 N3 ? ? A G 5  B C 44 1_555 ? ? ? ? ? ? WATSON-CRICK  ? ? ? 
hydrog8  hydrog ? ? A G 5  N2 ? ? ? 1_555 B C 21 O2 ? ? A G 5  B C 44 1_555 ? ? ? ? ? ? WATSON-CRICK  ? ? ? 
hydrog9  hydrog ? ? A G 5  O6 ? ? ? 1_555 B C 21 N4 ? ? A G 5  B C 44 1_555 ? ? ? ? ? ? WATSON-CRICK  ? ? ? 
hydrog10 hydrog ? ? A U 6  O4 ? ? ? 1_555 B U 20 N3 ? ? A U 6  B U 43 1_555 ? ? ? ? ? ? 'U-U MISPAIR' ? ? ? 
hydrog11 hydrog ? ? A C 7  N3 ? ? ? 1_555 B G 19 N1 ? ? A C 7  B G 42 1_555 ? ? ? ? ? ? WATSON-CRICK  ? ? ? 
hydrog12 hydrog ? ? A C 7  N4 ? ? ? 1_555 B G 19 O6 ? ? A C 7  B G 42 1_555 ? ? ? ? ? ? WATSON-CRICK  ? ? ? 
hydrog13 hydrog ? ? A C 7  O2 ? ? ? 1_555 B G 19 N2 ? ? A C 7  B G 42 1_555 ? ? ? ? ? ? WATSON-CRICK  ? ? ? 
hydrog14 hydrog ? ? A C 9  N3 ? ? ? 1_555 B G 16 N1 ? ? A C 9  B G 39 1_555 ? ? ? ? ? ? WATSON-CRICK  ? ? ? 
hydrog15 hydrog ? ? A C 9  N4 ? ? ? 1_555 B G 16 O6 ? ? A C 9  B G 39 1_555 ? ? ? ? ? ? WATSON-CRICK  ? ? ? 
hydrog16 hydrog ? ? A C 9  O2 ? ? ? 1_555 B G 16 N2 ? ? A C 9  B G 39 1_555 ? ? ? ? ? ? WATSON-CRICK  ? ? ? 
hydrog17 hydrog ? ? A G 10 N1 ? ? ? 1_555 B C 15 N3 ? ? A G 10 B C 38 1_555 ? ? ? ? ? ? WATSON-CRICK  ? ? ? 
hydrog18 hydrog ? ? A G 10 N2 ? ? ? 1_555 B C 15 O2 ? ? A G 10 B C 38 1_555 ? ? ? ? ? ? WATSON-CRICK  ? ? ? 
hydrog19 hydrog ? ? A G 10 O6 ? ? ? 1_555 B C 15 N4 ? ? A G 10 B C 38 1_555 ? ? ? ? ? ? WATSON-CRICK  ? ? ? 
hydrog20 hydrog ? ? A C 11 N3 ? ? ? 1_555 B G 14 N1 ? ? A C 11 B G 37 1_555 ? ? ? ? ? ? WATSON-CRICK  ? ? ? 
hydrog21 hydrog ? ? A C 11 N4 ? ? ? 1_555 B G 14 O6 ? ? A C 11 B G 37 1_555 ? ? ? ? ? ? WATSON-CRICK  ? ? ? 
hydrog22 hydrog ? ? A C 11 O2 ? ? ? 1_555 B G 14 N2 ? ? A C 11 B G 37 1_555 ? ? ? ? ? ? WATSON-CRICK  ? ? ? 
hydrog23 hydrog ? ? A C 12 N3 ? ? ? 1_555 B G 13 N1 ? ? A C 12 B G 36 1_555 ? ? ? ? ? ? WATSON-CRICK  ? ? ? 
hydrog24 hydrog ? ? A C 12 N4 ? ? ? 1_555 B G 13 O6 ? ? A C 12 B G 36 1_555 ? ? ? ? ? ? WATSON-CRICK  ? ? ? 
hydrog25 hydrog ? ? A C 12 O2 ? ? ? 1_555 B G 13 N2 ? ? A C 12 B G 36 1_555 ? ? ? ? ? ? WATSON-CRICK  ? ? ? 
hydrog26 hydrog ? ? A G 13 N1 ? ? ? 1_555 B C 12 N3 ? ? A G 13 B C 35 1_555 ? ? ? ? ? ? WATSON-CRICK  ? ? ? 
hydrog27 hydrog ? ? A G 13 N2 ? ? ? 1_555 B C 12 O2 ? ? A G 13 B C 35 1_555 ? ? ? ? ? ? WATSON-CRICK  ? ? ? 
hydrog28 hydrog ? ? A G 13 O6 ? ? ? 1_555 B C 12 N4 ? ? A G 13 B C 35 1_555 ? ? ? ? ? ? WATSON-CRICK  ? ? ? 
hydrog29 hydrog ? ? A G 14 N1 ? ? ? 1_555 B C 11 N3 ? ? A G 14 B C 34 1_555 ? ? ? ? ? ? WATSON-CRICK  ? ? ? 
hydrog30 hydrog ? ? A G 14 N2 ? ? ? 1_555 B C 11 O2 ? ? A G 14 B C 34 1_555 ? ? ? ? ? ? WATSON-CRICK  ? ? ? 
hydrog31 hydrog ? ? A G 14 O6 ? ? ? 1_555 B C 11 N4 ? ? A G 14 B C 34 1_555 ? ? ? ? ? ? WATSON-CRICK  ? ? ? 
hydrog32 hydrog ? ? A C 15 N3 ? ? ? 1_555 B G 10 N1 ? ? A C 15 B G 33 1_555 ? ? ? ? ? ? WATSON-CRICK  ? ? ? 
hydrog33 hydrog ? ? A C 15 N4 ? ? ? 1_555 B G 10 O6 ? ? A C 15 B G 33 1_555 ? ? ? ? ? ? WATSON-CRICK  ? ? ? 
hydrog34 hydrog ? ? A C 15 O2 ? ? ? 1_555 B G 10 N2 ? ? A C 15 B G 33 1_555 ? ? ? ? ? ? WATSON-CRICK  ? ? ? 
hydrog35 hydrog ? ? A G 16 N1 ? ? ? 1_555 B C 9  N3 ? ? A G 16 B C 32 1_555 ? ? ? ? ? ? WATSON-CRICK  ? ? ? 
hydrog36 hydrog ? ? A G 16 N2 ? ? ? 1_555 B C 9  O2 ? ? A G 16 B C 32 1_555 ? ? ? ? ? ? WATSON-CRICK  ? ? ? 
hydrog37 hydrog ? ? A G 16 O6 ? ? ? 1_555 B C 9  N4 ? ? A G 16 B C 32 1_555 ? ? ? ? ? ? WATSON-CRICK  ? ? ? 
hydrog38 hydrog ? ? A G 19 N1 ? ? ? 1_555 B C 7  N3 ? ? A G 19 B C 30 1_555 ? ? ? ? ? ? WATSON-CRICK  ? ? ? 
hydrog39 hydrog ? ? A G 19 N2 ? ? ? 1_555 B C 7  O2 ? ? A G 19 B C 30 1_555 ? ? ? ? ? ? WATSON-CRICK  ? ? ? 
hydrog40 hydrog ? ? A G 19 O6 ? ? ? 1_555 B C 7  N4 ? ? A G 19 B C 30 1_555 ? ? ? ? ? ? WATSON-CRICK  ? ? ? 
hydrog41 hydrog ? ? A U 20 N3 ? ? ? 1_555 B U 6  O4 ? ? A U 20 B U 29 1_555 ? ? ? ? ? ? 'U-U MISPAIR' ? ? ? 
hydrog42 hydrog ? ? A C 21 N3 ? ? ? 1_555 B G 5  N1 ? ? A C 21 B G 28 1_555 ? ? ? ? ? ? WATSON-CRICK  ? ? ? 
hydrog43 hydrog ? ? A C 21 N4 ? ? ? 1_555 B G 5  O6 ? ? A C 21 B G 28 1_555 ? ? ? ? ? ? WATSON-CRICK  ? ? ? 
hydrog44 hydrog ? ? A C 21 O2 ? ? ? 1_555 B G 5  N2 ? ? A C 21 B G 28 1_555 ? ? ? ? ? ? WATSON-CRICK  ? ? ? 
hydrog45 hydrog ? ? A G 22 N1 ? ? ? 1_555 B C 4  N3 ? ? A G 22 B C 27 1_555 ? ? ? ? ? ? WATSON-CRICK  ? ? ? 
hydrog46 hydrog ? ? A G 22 N2 ? ? ? 1_555 B C 4  O2 ? ? A G 22 B C 27 1_555 ? ? ? ? ? ? WATSON-CRICK  ? ? ? 
hydrog47 hydrog ? ? A G 22 O6 ? ? ? 1_555 B C 4  N4 ? ? A G 22 B C 27 1_555 ? ? ? ? ? ? WATSON-CRICK  ? ? ? 
hydrog48 hydrog ? ? A C 23 N3 ? ? ? 1_555 B G 3  N1 ? ? A C 23 B G 26 1_555 ? ? ? ? ? ? WATSON-CRICK  ? ? ? 
hydrog49 hydrog ? ? A C 23 N4 ? ? ? 1_555 B G 3  O6 ? ? A C 23 B G 26 1_555 ? ? ? ? ? ? WATSON-CRICK  ? ? ? 
hydrog50 hydrog ? ? A C 23 O2 ? ? ? 1_555 B G 3  N2 ? ? A C 23 B G 26 1_555 ? ? ? ? ? ? WATSON-CRICK  ? ? ? 
# 
_struct_conn_type.id          hydrog 
_struct_conn_type.criteria    ? 
_struct_conn_type.reference   ? 
# 
loop_
_struct_site.id 
_struct_site.pdbx_evidence_code 
_struct_site.pdbx_auth_asym_id 
_struct_site.pdbx_auth_comp_id 
_struct_site.pdbx_auth_seq_id 
_struct_site.pdbx_auth_ins_code 
_struct_site.pdbx_num_residues 
_struct_site.details 
AC1 Software A MG  101 ? 1  'binding site for residue MG A 101'  
AC2 Software B NMZ 101 ? 17 'binding site for residue NMZ B 101' 
# 
loop_
_struct_site_gen.id 
_struct_site_gen.site_id 
_struct_site_gen.pdbx_num_res 
_struct_site_gen.label_comp_id 
_struct_site_gen.label_asym_id 
_struct_site_gen.label_seq_id 
_struct_site_gen.pdbx_auth_ins_code 
_struct_site_gen.auth_comp_id 
_struct_site_gen.auth_asym_id 
_struct_site_gen.auth_seq_id 
_struct_site_gen.label_atom_id 
_struct_site_gen.label_alt_id 
_struct_site_gen.symmetry 
_struct_site_gen.details 
1  AC1 1  G A 13 ? G A 13 . ? 1_555 ? 
2  AC2 17 G A 3  ? G A 3  . ? 1_555 ? 
3  AC2 17 C A 4  ? C A 4  . ? 1_555 ? 
4  AC2 17 G A 5  ? G A 5  . ? 1_555 ? 
5  AC2 17 U A 6  ? U A 6  . ? 1_555 ? 
6  AC2 17 C A 7  ? C A 7  . ? 1_555 ? 
7  AC2 17 A A 8  ? A A 8  . ? 1_555 ? 
8  AC2 17 C A 9  ? C A 9  . ? 1_555 ? 
9  AC2 17 G B 14 ? G B 37 . ? 1_555 ? 
10 AC2 17 C B 15 ? C B 38 . ? 1_555 ? 
11 AC2 17 G B 16 ? G B 39 . ? 1_555 ? 
12 AC2 17 A B 17 ? A B 40 . ? 1_555 ? 
13 AC2 17 A B 18 ? A B 41 . ? 1_555 ? 
14 AC2 17 G B 19 ? G B 42 . ? 1_555 ? 
15 AC2 17 U B 20 ? U B 43 . ? 1_555 ? 
16 AC2 17 C B 21 ? C B 44 . ? 1_555 ? 
17 AC2 17 G B 22 ? G B 45 . ? 1_555 ? 
18 AC2 17 C B 23 ? C B 46 . ? 1_555 ? 
# 
_phasing.method   MR 
# 
loop_
_chem_comp_atom.comp_id 
_chem_comp_atom.atom_id 
_chem_comp_atom.type_symbol 
_chem_comp_atom.pdbx_aromatic_flag 
_chem_comp_atom.pdbx_stereo_config 
_chem_comp_atom.pdbx_ordinal 
A   OP3    O  N N 1   
A   P      P  N N 2   
A   OP1    O  N N 3   
A   OP2    O  N N 4   
A   "O5'"  O  N N 5   
A   "C5'"  C  N N 6   
A   "C4'"  C  N R 7   
A   "O4'"  O  N N 8   
A   "C3'"  C  N S 9   
A   "O3'"  O  N N 10  
A   "C2'"  C  N R 11  
A   "O2'"  O  N N 12  
A   "C1'"  C  N R 13  
A   N9     N  Y N 14  
A   C8     C  Y N 15  
A   N7     N  Y N 16  
A   C5     C  Y N 17  
A   C6     C  Y N 18  
A   N6     N  N N 19  
A   N1     N  Y N 20  
A   C2     C  Y N 21  
A   N3     N  Y N 22  
A   C4     C  Y N 23  
A   HOP3   H  N N 24  
A   HOP2   H  N N 25  
A   "H5'"  H  N N 26  
A   "H5''" H  N N 27  
A   "H4'"  H  N N 28  
A   "H3'"  H  N N 29  
A   "HO3'" H  N N 30  
A   "H2'"  H  N N 31  
A   "HO2'" H  N N 32  
A   "H1'"  H  N N 33  
A   H8     H  N N 34  
A   H61    H  N N 35  
A   H62    H  N N 36  
A   H2     H  N N 37  
C   OP3    O  N N 38  
C   P      P  N N 39  
C   OP1    O  N N 40  
C   OP2    O  N N 41  
C   "O5'"  O  N N 42  
C   "C5'"  C  N N 43  
C   "C4'"  C  N R 44  
C   "O4'"  O  N N 45  
C   "C3'"  C  N S 46  
C   "O3'"  O  N N 47  
C   "C2'"  C  N R 48  
C   "O2'"  O  N N 49  
C   "C1'"  C  N R 50  
C   N1     N  N N 51  
C   C2     C  N N 52  
C   O2     O  N N 53  
C   N3     N  N N 54  
C   C4     C  N N 55  
C   N4     N  N N 56  
C   C5     C  N N 57  
C   C6     C  N N 58  
C   HOP3   H  N N 59  
C   HOP2   H  N N 60  
C   "H5'"  H  N N 61  
C   "H5''" H  N N 62  
C   "H4'"  H  N N 63  
C   "H3'"  H  N N 64  
C   "HO3'" H  N N 65  
C   "H2'"  H  N N 66  
C   "HO2'" H  N N 67  
C   "H1'"  H  N N 68  
C   H41    H  N N 69  
C   H42    H  N N 70  
C   H5     H  N N 71  
C   H6     H  N N 72  
G   OP3    O  N N 73  
G   P      P  N N 74  
G   OP1    O  N N 75  
G   OP2    O  N N 76  
G   "O5'"  O  N N 77  
G   "C5'"  C  N N 78  
G   "C4'"  C  N R 79  
G   "O4'"  O  N N 80  
G   "C3'"  C  N S 81  
G   "O3'"  O  N N 82  
G   "C2'"  C  N R 83  
G   "O2'"  O  N N 84  
G   "C1'"  C  N R 85  
G   N9     N  Y N 86  
G   C8     C  Y N 87  
G   N7     N  Y N 88  
G   C5     C  Y N 89  
G   C6     C  N N 90  
G   O6     O  N N 91  
G   N1     N  N N 92  
G   C2     C  N N 93  
G   N2     N  N N 94  
G   N3     N  N N 95  
G   C4     C  Y N 96  
G   HOP3   H  N N 97  
G   HOP2   H  N N 98  
G   "H5'"  H  N N 99  
G   "H5''" H  N N 100 
G   "H4'"  H  N N 101 
G   "H3'"  H  N N 102 
G   "HO3'" H  N N 103 
G   "H2'"  H  N N 104 
G   "HO2'" H  N N 105 
G   "H1'"  H  N N 106 
G   H8     H  N N 107 
G   H1     H  N N 108 
G   H21    H  N N 109 
G   H22    H  N N 110 
HOH O      O  N N 111 
HOH H1     H  N N 112 
HOH H2     H  N N 113 
MG  MG     MG N N 114 
NMZ C4     C  N R 115 
NMZ C5     C  N R 116 
NMZ C6     C  N N 117 
NMZ C3     C  N R 118 
NMZ C2     C  N R 119 
NMZ C1     C  N S 120 
NMZ O1     O  N N 121 
NMZ O2     O  N N 122 
NMZ C10    C  N R 123 
NMZ C11    C  N R 124 
NMZ C12    C  N S 125 
NMZ C13    C  N S 126 
NMZ C14    C  N R 127 
NMZ C15    C  N S 128 
NMZ C16    C  N R 129 
NMZ C17    C  N N 130 
NMZ C18    C  N R 131 
NMZ C19    C  N R 132 
NMZ C20    C  N R 133 
NMZ C21    C  N S 134 
NMZ C22    C  N S 135 
NMZ C23    C  N N 136 
NMZ C24    C  N N 137 
NMZ C26    C  N N 138 
NMZ C27    C  N N 139 
NMZ C28    C  N S 140 
NMZ C7     C  N R 141 
NMZ C8     C  N N 142 
NMZ C9     C  N S 143 
NMZ F99    F  N N 144 
NMZ N19    N  N N 145 
NMZ N2     N  N N 146 
NMZ N23    N  N N 147 
NMZ N3     N  N N 148 
NMZ N6     N  N N 149 
NMZ N7     N  N N 150 
NMZ N9     N  N N 151 
NMZ O11    O  N N 152 
NMZ O12    O  N N 153 
NMZ O14    O  N N 154 
NMZ O16    O  N N 155 
NMZ O17    O  N N 156 
NMZ O18    O  N N 157 
NMZ O19    O  N N 158 
NMZ O22    O  N N 159 
NMZ O23    O  N N 160 
NMZ O24    O  N N 161 
NMZ O25    O  N N 162 
NMZ O5     O  N N 163 
NMZ H1     H  N N 164 
NMZ H2     H  N N 165 
NMZ H3     H  N N 166 
NMZ H4     H  N N 167 
NMZ H5     H  N N 168 
NMZ H6     H  N N 169 
NMZ H7     H  N N 170 
NMZ H8     H  N N 171 
NMZ H9     H  N N 172 
NMZ H10    H  N N 173 
NMZ H11    H  N N 174 
NMZ H12    H  N N 175 
NMZ H13    H  N N 176 
NMZ H14    H  N N 177 
NMZ H15    H  N N 178 
NMZ H16    H  N N 179 
NMZ H17    H  N N 180 
NMZ H18    H  N N 181 
NMZ H19    H  N N 182 
NMZ H20    H  N N 183 
NMZ H21    H  N N 184 
NMZ H22    H  N N 185 
NMZ H23    H  N N 186 
NMZ H24    H  N N 187 
NMZ H25    H  N N 188 
NMZ H26    H  N N 189 
NMZ H27    H  N N 190 
NMZ H28    H  N N 191 
NMZ H29    H  N N 192 
NMZ H30    H  N N 193 
NMZ H31    H  N N 194 
NMZ H32    H  N N 195 
NMZ H33    H  N N 196 
NMZ H34    H  N N 197 
NMZ H36    H  N N 198 
NMZ H37    H  N N 199 
NMZ H39    H  N N 200 
NMZ H40    H  N N 201 
NMZ H42    H  N N 202 
NMZ H43    H  N N 203 
NMZ H45    H  N N 204 
NMZ H46    H  N N 205 
NMZ H48    H  N N 206 
NMZ H49    H  N N 207 
NMZ H50    H  N N 208 
NMZ H52    H  N N 209 
NMZ H53    H  N N 210 
NMZ H54    H  N N 211 
NMZ H55    H  N N 212 
NMZ H56    H  N N 213 
NMZ H57    H  N N 214 
NMZ H58    H  N N 215 
U   OP3    O  N N 216 
U   P      P  N N 217 
U   OP1    O  N N 218 
U   OP2    O  N N 219 
U   "O5'"  O  N N 220 
U   "C5'"  C  N N 221 
U   "C4'"  C  N R 222 
U   "O4'"  O  N N 223 
U   "C3'"  C  N S 224 
U   "O3'"  O  N N 225 
U   "C2'"  C  N R 226 
U   "O2'"  O  N N 227 
U   "C1'"  C  N R 228 
U   N1     N  N N 229 
U   C2     C  N N 230 
U   O2     O  N N 231 
U   N3     N  N N 232 
U   C4     C  N N 233 
U   O4     O  N N 234 
U   C5     C  N N 235 
U   C6     C  N N 236 
U   HOP3   H  N N 237 
U   HOP2   H  N N 238 
U   "H5'"  H  N N 239 
U   "H5''" H  N N 240 
U   "H4'"  H  N N 241 
U   "H3'"  H  N N 242 
U   "HO3'" H  N N 243 
U   "H2'"  H  N N 244 
U   "HO2'" H  N N 245 
U   "H1'"  H  N N 246 
U   H3     H  N N 247 
U   H5     H  N N 248 
U   H6     H  N N 249 
# 
loop_
_chem_comp_bond.comp_id 
_chem_comp_bond.atom_id_1 
_chem_comp_bond.atom_id_2 
_chem_comp_bond.value_order 
_chem_comp_bond.pdbx_aromatic_flag 
_chem_comp_bond.pdbx_stereo_config 
_chem_comp_bond.pdbx_ordinal 
A   OP3   P      sing N N 1   
A   OP3   HOP3   sing N N 2   
A   P     OP1    doub N N 3   
A   P     OP2    sing N N 4   
A   P     "O5'"  sing N N 5   
A   OP2   HOP2   sing N N 6   
A   "O5'" "C5'"  sing N N 7   
A   "C5'" "C4'"  sing N N 8   
A   "C5'" "H5'"  sing N N 9   
A   "C5'" "H5''" sing N N 10  
A   "C4'" "O4'"  sing N N 11  
A   "C4'" "C3'"  sing N N 12  
A   "C4'" "H4'"  sing N N 13  
A   "O4'" "C1'"  sing N N 14  
A   "C3'" "O3'"  sing N N 15  
A   "C3'" "C2'"  sing N N 16  
A   "C3'" "H3'"  sing N N 17  
A   "O3'" "HO3'" sing N N 18  
A   "C2'" "O2'"  sing N N 19  
A   "C2'" "C1'"  sing N N 20  
A   "C2'" "H2'"  sing N N 21  
A   "O2'" "HO2'" sing N N 22  
A   "C1'" N9     sing N N 23  
A   "C1'" "H1'"  sing N N 24  
A   N9    C8     sing Y N 25  
A   N9    C4     sing Y N 26  
A   C8    N7     doub Y N 27  
A   C8    H8     sing N N 28  
A   N7    C5     sing Y N 29  
A   C5    C6     sing Y N 30  
A   C5    C4     doub Y N 31  
A   C6    N6     sing N N 32  
A   C6    N1     doub Y N 33  
A   N6    H61    sing N N 34  
A   N6    H62    sing N N 35  
A   N1    C2     sing Y N 36  
A   C2    N3     doub Y N 37  
A   C2    H2     sing N N 38  
A   N3    C4     sing Y N 39  
C   OP3   P      sing N N 40  
C   OP3   HOP3   sing N N 41  
C   P     OP1    doub N N 42  
C   P     OP2    sing N N 43  
C   P     "O5'"  sing N N 44  
C   OP2   HOP2   sing N N 45  
C   "O5'" "C5'"  sing N N 46  
C   "C5'" "C4'"  sing N N 47  
C   "C5'" "H5'"  sing N N 48  
C   "C5'" "H5''" sing N N 49  
C   "C4'" "O4'"  sing N N 50  
C   "C4'" "C3'"  sing N N 51  
C   "C4'" "H4'"  sing N N 52  
C   "O4'" "C1'"  sing N N 53  
C   "C3'" "O3'"  sing N N 54  
C   "C3'" "C2'"  sing N N 55  
C   "C3'" "H3'"  sing N N 56  
C   "O3'" "HO3'" sing N N 57  
C   "C2'" "O2'"  sing N N 58  
C   "C2'" "C1'"  sing N N 59  
C   "C2'" "H2'"  sing N N 60  
C   "O2'" "HO2'" sing N N 61  
C   "C1'" N1     sing N N 62  
C   "C1'" "H1'"  sing N N 63  
C   N1    C2     sing N N 64  
C   N1    C6     sing N N 65  
C   C2    O2     doub N N 66  
C   C2    N3     sing N N 67  
C   N3    C4     doub N N 68  
C   C4    N4     sing N N 69  
C   C4    C5     sing N N 70  
C   N4    H41    sing N N 71  
C   N4    H42    sing N N 72  
C   C5    C6     doub N N 73  
C   C5    H5     sing N N 74  
C   C6    H6     sing N N 75  
G   OP3   P      sing N N 76  
G   OP3   HOP3   sing N N 77  
G   P     OP1    doub N N 78  
G   P     OP2    sing N N 79  
G   P     "O5'"  sing N N 80  
G   OP2   HOP2   sing N N 81  
G   "O5'" "C5'"  sing N N 82  
G   "C5'" "C4'"  sing N N 83  
G   "C5'" "H5'"  sing N N 84  
G   "C5'" "H5''" sing N N 85  
G   "C4'" "O4'"  sing N N 86  
G   "C4'" "C3'"  sing N N 87  
G   "C4'" "H4'"  sing N N 88  
G   "O4'" "C1'"  sing N N 89  
G   "C3'" "O3'"  sing N N 90  
G   "C3'" "C2'"  sing N N 91  
G   "C3'" "H3'"  sing N N 92  
G   "O3'" "HO3'" sing N N 93  
G   "C2'" "O2'"  sing N N 94  
G   "C2'" "C1'"  sing N N 95  
G   "C2'" "H2'"  sing N N 96  
G   "O2'" "HO2'" sing N N 97  
G   "C1'" N9     sing N N 98  
G   "C1'" "H1'"  sing N N 99  
G   N9    C8     sing Y N 100 
G   N9    C4     sing Y N 101 
G   C8    N7     doub Y N 102 
G   C8    H8     sing N N 103 
G   N7    C5     sing Y N 104 
G   C5    C6     sing N N 105 
G   C5    C4     doub Y N 106 
G   C6    O6     doub N N 107 
G   C6    N1     sing N N 108 
G   N1    C2     sing N N 109 
G   N1    H1     sing N N 110 
G   C2    N2     sing N N 111 
G   C2    N3     doub N N 112 
G   N2    H21    sing N N 113 
G   N2    H22    sing N N 114 
G   N3    C4     sing N N 115 
HOH O     H1     sing N N 116 
HOH O     H2     sing N N 117 
NMZ N6    C6     sing N N 118 
NMZ C6    C5     sing N N 119 
NMZ N9    C9     sing N N 120 
NMZ C5    C4     sing N N 121 
NMZ C5    O5     sing N N 122 
NMZ C4    F99    sing N N 123 
NMZ C4    C3     sing N N 124 
NMZ C9    C8     sing N N 125 
NMZ C9    C10    sing N N 126 
NMZ C8    C7     sing N N 127 
NMZ C3    O23    sing N N 128 
NMZ C3    C2     sing N N 129 
NMZ O5    C1     sing N N 130 
NMZ O1    C10    sing N N 131 
NMZ O1    C1     sing N N 132 
NMZ O19   C28    sing N N 133 
NMZ C10   C11    sing N N 134 
NMZ O2    C26    doub N N 135 
NMZ C28   C26    sing N N 136 
NMZ C28   C24    sing N N 137 
NMZ C26   N7     sing N N 138 
NMZ C1    C2     sing N N 139 
NMZ N7    C7     sing N N 140 
NMZ C7    C12    sing N N 141 
NMZ C2    N2     sing N N 142 
NMZ C27   C24    sing N N 143 
NMZ C27   N3     sing N N 144 
NMZ C11   C12    sing N N 145 
NMZ C11   O11    sing N N 146 
NMZ C12   O12    sing N N 147 
NMZ O11   C13    sing N N 148 
NMZ C13   O16    sing N N 149 
NMZ C13   C14    sing N N 150 
NMZ O16   C16    sing N N 151 
NMZ O17   C17    sing N N 152 
NMZ C17   C16    sing N N 153 
NMZ C14   O14    sing N N 154 
NMZ C14   C15    sing N N 155 
NMZ C16   C15    sing N N 156 
NMZ C15   O18    sing N N 157 
NMZ O18   C18    sing N N 158 
NMZ C18   O22    sing N N 159 
NMZ C18   C19    sing N N 160 
NMZ O22   C22    sing N N 161 
NMZ N19   C23    sing N N 162 
NMZ N23   C19    sing N N 163 
NMZ C19   C20    sing N N 164 
NMZ C23   C22    sing N N 165 
NMZ C22   C21    sing N N 166 
NMZ O24   C21    sing N N 167 
NMZ C20   C21    sing N N 168 
NMZ C20   O25    sing N N 169 
NMZ C4    H1     sing N N 170 
NMZ C5    H2     sing N N 171 
NMZ C6    H3     sing N N 172 
NMZ C6    H4     sing N N 173 
NMZ C3    H5     sing N N 174 
NMZ C2    H6     sing N N 175 
NMZ C1    H7     sing N N 176 
NMZ C10   H8     sing N N 177 
NMZ C11   H9     sing N N 178 
NMZ C12   H10    sing N N 179 
NMZ C13   H11    sing N N 180 
NMZ C14   H12    sing N N 181 
NMZ C15   H13    sing N N 182 
NMZ C16   H14    sing N N 183 
NMZ C17   H15    sing N N 184 
NMZ C17   H16    sing N N 185 
NMZ C18   H17    sing N N 186 
NMZ C19   H18    sing N N 187 
NMZ C20   H19    sing N N 188 
NMZ C21   H20    sing N N 189 
NMZ C22   H21    sing N N 190 
NMZ C23   H22    sing N N 191 
NMZ C23   H23    sing N N 192 
NMZ C24   H24    sing N N 193 
NMZ C24   H25    sing N N 194 
NMZ C27   H26    sing N N 195 
NMZ C27   H27    sing N N 196 
NMZ C28   H28    sing N N 197 
NMZ C7    H29    sing N N 198 
NMZ C8    H30    sing N N 199 
NMZ C8    H31    sing N N 200 
NMZ C9    H32    sing N N 201 
NMZ N19   H33    sing N N 202 
NMZ N19   H34    sing N N 203 
NMZ N2    H36    sing N N 204 
NMZ N2    H37    sing N N 205 
NMZ N23   H39    sing N N 206 
NMZ N23   H40    sing N N 207 
NMZ N3    H42    sing N N 208 
NMZ N3    H43    sing N N 209 
NMZ N6    H45    sing N N 210 
NMZ N6    H46    sing N N 211 
NMZ N7    H48    sing N N 212 
NMZ N9    H49    sing N N 213 
NMZ N9    H50    sing N N 214 
NMZ O12   H52    sing N N 215 
NMZ O14   H53    sing N N 216 
NMZ O17   H54    sing N N 217 
NMZ O19   H55    sing N N 218 
NMZ O23   H56    sing N N 219 
NMZ O24   H57    sing N N 220 
NMZ O25   H58    sing N N 221 
U   OP3   P      sing N N 222 
U   OP3   HOP3   sing N N 223 
U   P     OP1    doub N N 224 
U   P     OP2    sing N N 225 
U   P     "O5'"  sing N N 226 
U   OP2   HOP2   sing N N 227 
U   "O5'" "C5'"  sing N N 228 
U   "C5'" "C4'"  sing N N 229 
U   "C5'" "H5'"  sing N N 230 
U   "C5'" "H5''" sing N N 231 
U   "C4'" "O4'"  sing N N 232 
U   "C4'" "C3'"  sing N N 233 
U   "C4'" "H4'"  sing N N 234 
U   "O4'" "C1'"  sing N N 235 
U   "C3'" "O3'"  sing N N 236 
U   "C3'" "C2'"  sing N N 237 
U   "C3'" "H3'"  sing N N 238 
U   "O3'" "HO3'" sing N N 239 
U   "C2'" "O2'"  sing N N 240 
U   "C2'" "C1'"  sing N N 241 
U   "C2'" "H2'"  sing N N 242 
U   "O2'" "HO2'" sing N N 243 
U   "C1'" N1     sing N N 244 
U   "C1'" "H1'"  sing N N 245 
U   N1    C2     sing N N 246 
U   N1    C6     sing N N 247 
U   C2    O2     doub N N 248 
U   C2    N3     sing N N 249 
U   N3    C4     sing N N 250 
U   N3    H3     sing N N 251 
U   C4    O4     doub N N 252 
U   C4    C5     sing N N 253 
U   C5    C6     doub N N 254 
U   C5    H5     sing N N 255 
U   C6    H6     sing N N 256 
# 
loop_
_ndb_struct_conf_na.entry_id 
_ndb_struct_conf_na.feature 
4PDQ 'double helix'        
4PDQ 'a-form double helix' 
# 
loop_
_ndb_struct_na_base_pair.model_number 
_ndb_struct_na_base_pair.i_label_asym_id 
_ndb_struct_na_base_pair.i_label_comp_id 
_ndb_struct_na_base_pair.i_label_seq_id 
_ndb_struct_na_base_pair.i_symmetry 
_ndb_struct_na_base_pair.j_label_asym_id 
_ndb_struct_na_base_pair.j_label_comp_id 
_ndb_struct_na_base_pair.j_label_seq_id 
_ndb_struct_na_base_pair.j_symmetry 
_ndb_struct_na_base_pair.shear 
_ndb_struct_na_base_pair.stretch 
_ndb_struct_na_base_pair.stagger 
_ndb_struct_na_base_pair.buckle 
_ndb_struct_na_base_pair.propeller 
_ndb_struct_na_base_pair.opening 
_ndb_struct_na_base_pair.pair_number 
_ndb_struct_na_base_pair.pair_name 
_ndb_struct_na_base_pair.i_auth_asym_id 
_ndb_struct_na_base_pair.i_auth_seq_id 
_ndb_struct_na_base_pair.i_PDB_ins_code 
_ndb_struct_na_base_pair.j_auth_asym_id 
_ndb_struct_na_base_pair.j_auth_seq_id 
_ndb_struct_na_base_pair.j_PDB_ins_code 
_ndb_struct_na_base_pair.hbond_type_28 
_ndb_struct_na_base_pair.hbond_type_12 
1 A G 3  1_555 B C 23 1_555 -0.063 -0.101 0.509  1.508   -15.036 1.760   1  A_G3:C46_B  A 3  ? B 46 ? 19 1 
1 A C 4  1_555 B G 22 1_555 0.103  -0.073 0.256  0.011   -6.626  -0.450  2  A_C4:G45_B  A 4  ? B 45 ? 19 1 
1 A G 5  1_555 B C 21 1_555 -0.051 -0.044 0.201  2.508   -6.401  -0.687  3  A_G5:C44_B  A 5  ? B 44 ? 19 1 
1 A U 6  1_555 B U 20 1_555 -2.871 -1.082 -0.998 12.127  -9.828  -27.493 4  A_U6:U43_B  A 6  ? B 43 ? ?  ? 
1 A C 7  1_555 B G 19 1_555 -0.035 -0.089 -0.269 -2.038  11.571  -0.362  5  A_C7:G42_B  A 7  ? B 42 ? 19 1 
1 A C 9  1_555 B G 16 1_555 0.229  -0.063 -0.295 17.044  -27.131 5.520   6  A_C9:G39_B  A 9  ? B 39 ? 19 1 
1 A G 10 1_555 B C 15 1_555 -0.300 -0.170 0.246  1.195   -12.462 4.489   7  A_G10:C38_B A 10 ? B 38 ? 19 1 
1 A C 11 1_555 B G 14 1_555 0.202  -0.076 0.098  0.622   -6.151  0.885   8  A_C11:G37_B A 11 ? B 37 ? 19 1 
1 A C 12 1_555 B G 13 1_555 0.031  -0.118 0.366  -3.415  -8.044  2.229   9  A_C12:G36_B A 12 ? B 36 ? 19 1 
1 A G 13 1_555 B C 12 1_555 0.007  -0.103 0.202  0.182   -17.059 1.739   10 A_G13:C35_B A 13 ? B 35 ? 19 1 
1 A G 14 1_555 B C 11 1_555 -0.161 -0.201 -0.109 -4.206  -10.791 1.057   11 A_G14:C34_B A 14 ? B 34 ? 19 1 
1 A C 15 1_555 B G 10 1_555 0.145  -0.198 0.273  -1.092  -3.472  -1.914  12 A_C15:G33_B A 15 ? B 33 ? 19 1 
1 A G 16 1_555 B C 9  1_555 0.112  -0.173 -0.176 -5.423  -6.802  -2.346  13 A_G16:C32_B A 16 ? B 32 ? 19 1 
1 A G 19 1_555 B C 7  1_555 -0.429 0.019  0.079  -22.795 -5.990  3.424   14 A_G19:C30_B A 19 ? B 30 ? 19 1 
1 A U 20 1_555 B U 6  1_555 1.502  -1.071 0.636  -1.206  7.080   -16.316 15 A_U20:U29_B A 20 ? B 29 ? ?  ? 
1 A C 21 1_555 B G 5  1_555 0.039  -0.213 0.068  6.793   -12.333 -2.344  16 A_C21:G28_B A 21 ? B 28 ? 19 1 
1 A G 22 1_555 B C 4  1_555 -0.298 -0.135 -0.110 -8.719  -20.477 3.184   17 A_G22:C27_B A 22 ? B 27 ? 19 1 
1 A C 23 1_555 B G 3  1_555 0.218  -0.153 0.050  -10.711 -10.782 0.985   18 A_C23:G26_B A 23 ? B 26 ? 19 1 
# 
loop_
_ndb_struct_na_base_pair_step.model_number 
_ndb_struct_na_base_pair_step.i_label_asym_id_1 
_ndb_struct_na_base_pair_step.i_label_comp_id_1 
_ndb_struct_na_base_pair_step.i_label_seq_id_1 
_ndb_struct_na_base_pair_step.i_symmetry_1 
_ndb_struct_na_base_pair_step.j_label_asym_id_1 
_ndb_struct_na_base_pair_step.j_label_comp_id_1 
_ndb_struct_na_base_pair_step.j_label_seq_id_1 
_ndb_struct_na_base_pair_step.j_symmetry_1 
_ndb_struct_na_base_pair_step.i_label_asym_id_2 
_ndb_struct_na_base_pair_step.i_label_comp_id_2 
_ndb_struct_na_base_pair_step.i_label_seq_id_2 
_ndb_struct_na_base_pair_step.i_symmetry_2 
_ndb_struct_na_base_pair_step.j_label_asym_id_2 
_ndb_struct_na_base_pair_step.j_label_comp_id_2 
_ndb_struct_na_base_pair_step.j_label_seq_id_2 
_ndb_struct_na_base_pair_step.j_symmetry_2 
_ndb_struct_na_base_pair_step.shift 
_ndb_struct_na_base_pair_step.slide 
_ndb_struct_na_base_pair_step.rise 
_ndb_struct_na_base_pair_step.tilt 
_ndb_struct_na_base_pair_step.roll 
_ndb_struct_na_base_pair_step.twist 
_ndb_struct_na_base_pair_step.x_displacement 
_ndb_struct_na_base_pair_step.y_displacement 
_ndb_struct_na_base_pair_step.helical_rise 
_ndb_struct_na_base_pair_step.inclination 
_ndb_struct_na_base_pair_step.tip 
_ndb_struct_na_base_pair_step.helical_twist 
_ndb_struct_na_base_pair_step.step_number 
_ndb_struct_na_base_pair_step.step_name 
_ndb_struct_na_base_pair_step.i_auth_asym_id_1 
_ndb_struct_na_base_pair_step.i_auth_seq_id_1 
_ndb_struct_na_base_pair_step.i_PDB_ins_code_1 
_ndb_struct_na_base_pair_step.j_auth_asym_id_1 
_ndb_struct_na_base_pair_step.j_auth_seq_id_1 
_ndb_struct_na_base_pair_step.j_PDB_ins_code_1 
_ndb_struct_na_base_pair_step.i_auth_asym_id_2 
_ndb_struct_na_base_pair_step.i_auth_seq_id_2 
_ndb_struct_na_base_pair_step.i_PDB_ins_code_2 
_ndb_struct_na_base_pair_step.j_auth_asym_id_2 
_ndb_struct_na_base_pair_step.j_auth_seq_id_2 
_ndb_struct_na_base_pair_step.j_PDB_ins_code_2 
1 A G 3  1_555 B C 23 1_555 A C 4  1_555 B G 22 1_555 -0.568 -1.610 3.322 -2.483 -2.089 32.527 -2.487 0.563  3.449 -3.719 4.419   
32.684 1  AA_G3C4:G45C46_BB   A 3  ? B 46 ? A 4  ? B 45 ? 
1 A C 4  1_555 B G 22 1_555 A G 5  1_555 B C 21 1_555 -0.119 -1.885 3.109 0.414  4.815  32.688 -4.057 0.274  2.808 8.498  -0.731  
33.033 2  AA_C4G5:C44G45_BB   A 4  ? B 45 ? A 5  ? B 44 ? 
1 A G 5  1_555 B C 21 1_555 A U 6  1_555 B U 20 1_555 -0.745 -2.064 3.045 7.872  5.971  19.472 -7.322 4.433  1.895 16.362 -21.570 
21.814 3  AA_G5U6:U43C44_BB   A 5  ? B 44 ? A 6  ? B 43 ? 
1 A U 6  1_555 B U 20 1_555 A C 7  1_555 B G 19 1_555 2.634  -2.637 3.824 -4.432 4.212  43.854 -3.929 -3.949 3.302 5.607  5.900   
44.257 4  AA_U6C7:G42U43_BB   A 6  ? B 43 ? A 7  ? B 42 ? 
1 A C 7  1_555 B G 19 1_555 A C 9  1_555 B G 16 1_555 2.168  -3.813 5.798 -4.756 27.266 79.803 -3.917 -1.809 4.439 20.696 3.610   
83.702 5  AA_C7C9:G39G42_BB   A 7  ? B 42 ? A 9  ? B 39 ? 
1 A C 9  1_555 B G 16 1_555 A G 10 1_555 B C 15 1_555 -0.079 -1.765 3.329 -5.483 18.309 30.674 -5.151 -0.561 1.984 31.111 9.317   
36.019 6  AA_C9G10:C38G39_BB  A 9  ? B 39 ? A 10 ? B 38 ? 
1 A G 10 1_555 B C 15 1_555 A C 11 1_555 B G 14 1_555 -0.970 -1.458 3.214 -1.862 4.601  32.091 -3.383 1.421  3.031 8.260  3.343   
32.463 7  AA_G10C11:G37C38_BB A 10 ? B 38 ? A 11 ? B 37 ? 
1 A C 11 1_555 B G 14 1_555 A C 12 1_555 B G 13 1_555 0.509  -1.264 3.311 -1.268 3.444  35.420 -2.563 -1.015 3.159 5.642  2.077   
35.603 8  AA_C11C12:G36G37_BB A 11 ? B 37 ? A 12 ? B 36 ? 
1 A C 12 1_555 B G 13 1_555 A G 13 1_555 B C 12 1_555 -0.173 -1.786 2.980 3.440  9.894  29.252 -4.903 0.868  2.237 18.845 -6.553  
31.033 9  AA_C12G13:C35G36_BB A 12 ? B 36 ? A 13 ? B 35 ? 
1 A G 13 1_555 B C 12 1_555 A G 14 1_555 B C 11 1_555 -0.438 -1.527 3.189 1.481  9.025  32.964 -3.901 0.960  2.669 15.536 -2.550  
34.176 10 AA_G13G14:C34C35_BB A 13 ? B 35 ? A 14 ? B 34 ? 
1 A G 14 1_555 B C 11 1_555 A C 15 1_555 B G 10 1_555 -0.160 -1.383 3.091 -2.453 11.658 31.998 -3.983 -0.070 2.458 20.290 4.269   
34.090 11 AA_G14C15:G33C34_BB A 14 ? B 34 ? A 15 ? B 33 ? 
1 A C 15 1_555 B G 10 1_555 A G 16 1_555 B C 9  1_555 0.552  -2.457 3.249 4.982  11.178 28.374 -6.514 -0.193 2.209 21.579 -9.618  
30.851 12 AA_C15G16:C32G33_BB A 15 ? B 33 ? A 16 ? B 32 ? 
1 A G 19 1_555 B C 7  1_555 A U 20 1_555 B U 6  1_555 -0.446 -1.431 2.865 -4.276 5.040  30.962 -3.417 0.144  2.641 9.309  7.897   
31.643 13 AA_G19U20:U29C30_BB A 19 ? B 30 ? A 20 ? B 29 ? 
1 A U 20 1_555 B U 6  1_555 A C 21 1_555 B G 5  1_555 0.824  -1.889 2.971 4.969  1.522  27.608 -4.221 -0.629 2.964 3.153  -10.297 
28.083 14 AA_U20C21:G28U29_BB A 20 ? B 29 ? A 21 ? B 28 ? 
1 A C 21 1_555 B G 5  1_555 A G 22 1_555 B C 4  1_555 0.041  -1.807 3.551 0.997  10.674 29.509 -5.341 0.110  2.746 20.136 -1.882  
31.355 15 AA_C21G22:C27G28_BB A 21 ? B 28 ? A 22 ? B 27 ? 
1 A G 22 1_555 B C 4  1_555 A C 23 1_555 B G 3  1_555 0.395  -1.082 3.421 0.584  2.728  37.533 -2.045 -0.534 3.342 4.233  -0.906  
37.633 16 AA_G22C23:G26C27_BB A 22 ? B 27 ? A 23 ? B 26 ? 
# 
_atom_sites.entry_id                    4PDQ 
_atom_sites.fract_transf_matrix[1][1]   -0.00657953 
_atom_sites.fract_transf_matrix[1][2]   0.00359188 
_atom_sites.fract_transf_matrix[1][3]   0.00824000 
_atom_sites.fract_transf_matrix[2][1]   -0.00695564 
_atom_sites.fract_transf_matrix[2][2]   0.00852587 
_atom_sites.fract_transf_matrix[2][3]   -0.00174016 
_atom_sites.fract_transf_matrix[3][1]   -0.01597167 
_atom_sites.fract_transf_matrix[3][2]   -0.01435585 
_atom_sites.fract_transf_matrix[3][3]   -0.00649535 
_atom_sites.fract_transf_vector[1]      0.283571 
_atom_sites.fract_transf_vector[2]      0.218617 
_atom_sites.fract_transf_vector[3]      0.170837 
# 
loop_
_atom_type.symbol 
C  
CA 
F  
MG 
N  
O  
P  
# 
loop_
_atom_site.group_PDB 
_atom_site.id 
_atom_site.type_symbol 
_atom_site.label_atom_id 
_atom_site.label_alt_id 
_atom_site.label_comp_id 
_atom_site.label_asym_id 
_atom_site.label_entity_id 
_atom_site.label_seq_id 
_atom_site.pdbx_PDB_ins_code 
_atom_site.Cartn_x 
_atom_site.Cartn_y 
_atom_site.Cartn_z 
_atom_site.occupancy 
_atom_site.B_iso_or_equiv 
_atom_site.pdbx_formal_charge 
_atom_site.auth_seq_id 
_atom_site.auth_comp_id 
_atom_site.auth_asym_id 
_atom_site.auth_atom_id 
_atom_site.pdbx_PDB_model_num 
ATOM   1    O  "O5'" . U   A 1 1  ? 11.909  -4.535  26.225  1.00 79.10  ? 1   U   A "O5'" 1 
ATOM   2    C  "C5'" . U   A 1 1  ? 13.285  -4.927  26.054  1.00 78.69  ? 1   U   A "C5'" 1 
ATOM   3    C  "C4'" . U   A 1 1  ? 13.543  -6.419  26.043  1.00 76.49  ? 1   U   A "C4'" 1 
ATOM   4    O  "O4'" . U   A 1 1  ? 13.134  -7.014  27.309  1.00 78.48  ? 1   U   A "O4'" 1 
ATOM   5    C  "C3'" . U   A 1 1  ? 12.770  -7.206  25.005  1.00 76.34  ? 1   U   A "C3'" 1 
ATOM   6    O  "O3'" . U   A 1 1  ? 13.423  -7.178  23.758  1.00 75.98  ? 1   U   A "O3'" 1 
ATOM   7    C  "C2'" . U   A 1 1  ? 12.777  -8.603  25.603  1.00 76.43  ? 1   U   A "C2'" 1 
ATOM   8    O  "O2'" . U   A 1 1  ? 14.025  -9.249  25.465  1.00 75.04  ? 1   U   A "O2'" 1 
ATOM   9    C  "C1'" . U   A 1 1  ? 12.512  -8.278  27.072  1.00 77.30  ? 1   U   A "C1'" 1 
ATOM   10   N  N1    . U   A 1 1  ? 11.076  -8.182  27.406  1.00 74.15  ? 1   U   A N1    1 
ATOM   11   C  C2    . U   A 1 1  ? 10.370  -9.360  27.598  1.00 72.82  ? 1   U   A C2    1 
ATOM   12   O  O2    . U   A 1 1  ? 10.881  -10.465 27.498  1.00 72.73  ? 1   U   A O2    1 
ATOM   13   N  N3    . U   A 1 1  ? 9.044   -9.195  27.914  1.00 71.85  ? 1   U   A N3    1 
ATOM   14   C  C4    . U   A 1 1  ? 8.362   -8.000  28.060  1.00 72.57  ? 1   U   A C4    1 
ATOM   15   O  O4    . U   A 1 1  ? 7.153   -8.013  28.309  1.00 71.23  ? 1   U   A O4    1 
ATOM   16   C  C5    . U   A 1 1  ? 9.159   -6.836  27.849  1.00 72.94  ? 1   U   A C5    1 
ATOM   17   C  C6    . U   A 1 1  ? 10.452  -6.962  27.532  1.00 73.22  ? 1   U   A C6    1 
ATOM   18   P  P     . U   A 1 2  ? 12.553  -7.279  22.417  1.00 76.52  ? 2   U   A P     1 
ATOM   19   O  OP1   . U   A 1 2  ? 13.518  -7.300  21.286  1.00 75.68  ? 2   U   A OP1   1 
ATOM   20   O  OP2   . U   A 1 2  ? 11.512  -6.219  22.478  1.00 74.16  ? 2   U   A OP2   1 
ATOM   21   O  "O5'" . U   A 1 2  ? 11.846  -8.706  22.525  1.00 73.88  ? 2   U   A "O5'" 1 
ATOM   22   C  "C5'" . U   A 1 2  ? 12.599  -9.910  22.405  1.00 72.29  ? 2   U   A "C5'" 1 
ATOM   23   C  "C4'" . U   A 1 2  ? 11.685  -11.116 22.457  1.00 71.53  ? 2   U   A "C4'" 1 
ATOM   24   O  "O4'" . U   A 1 2  ? 11.037  -11.168 23.756  1.00 72.61  ? 2   U   A "O4'" 1 
ATOM   25   C  "C3'" . U   A 1 2  ? 10.535  -11.121 21.469  1.00 71.98  ? 2   U   A "C3'" 1 
ATOM   26   O  "O3'" . U   A 1 2  ? 10.939  -11.632 20.208  1.00 72.91  ? 2   U   A "O3'" 1 
ATOM   27   C  "C2'" . U   A 1 2  ? 9.519   -12.030 22.154  1.00 70.78  ? 2   U   A "C2'" 1 
ATOM   28   O  "O2'" . U   A 1 2  ? 9.790   -13.402 21.983  1.00 70.95  ? 2   U   A "O2'" 1 
ATOM   29   C  "C1'" . U   A 1 2  ? 9.718   -11.664 23.621  1.00 68.78  ? 2   U   A "C1'" 1 
ATOM   30   N  N1    . U   A 1 2  ? 8.784   -10.639 24.102  1.00 65.88  ? 2   U   A N1    1 
ATOM   31   C  C2    . U   A 1 2  ? 7.501   -11.047 24.414  1.00 65.87  ? 2   U   A C2    1 
ATOM   32   O  O2    . U   A 1 2  ? 7.135   -12.207 24.310  1.00 65.09  ? 2   U   A O2    1 
ATOM   33   N  N3    . U   A 1 2  ? 6.664   -10.046 24.854  1.00 64.37  ? 2   U   A N3    1 
ATOM   34   C  C4    . U   A 1 2  ? 6.978   -8.711  25.008  1.00 61.65  ? 2   U   A C4    1 
ATOM   35   O  O4    . U   A 1 2  ? 6.107   -7.929  25.385  1.00 59.45  ? 2   U   A O4    1 
ATOM   36   C  C5    . U   A 1 2  ? 8.331   -8.371  24.667  1.00 60.20  ? 2   U   A C5    1 
ATOM   37   C  C6    . U   A 1 2  ? 9.163   -9.319  24.236  1.00 62.44  ? 2   U   A C6    1 
ATOM   38   P  P     . G   A 1 3  ? 10.135  -11.193 18.884  1.00 76.21  ? 3   G   A P     1 
ATOM   39   O  OP1   . G   A 1 3  ? 10.923  -11.662 17.709  1.00 73.24  ? 3   G   A OP1   1 
ATOM   40   O  OP2   . G   A 1 3  ? 9.840   -9.743  19.038  1.00 75.36  ? 3   G   A OP2   1 
ATOM   41   O  "O5'" . G   A 1 3  ? 8.742   -11.986 18.955  1.00 71.45  ? 3   G   A "O5'" 1 
ATOM   42   C  "C5'" . G   A 1 3  ? 8.677   -13.396 18.751  1.00 66.29  ? 3   G   A "C5'" 1 
ATOM   43   C  "C4'" . G   A 1 3  ? 7.294   -13.919 19.072  1.00 66.04  ? 3   G   A "C4'" 1 
ATOM   44   O  "O4'" . G   A 1 3  ? 6.968   -13.543 20.428  1.00 64.32  ? 3   G   A "O4'" 1 
ATOM   45   C  "C3'" . G   A 1 3  ? 6.153   -13.351 18.249  1.00 67.77  ? 3   G   A "C3'" 1 
ATOM   46   O  "O3'" . G   A 1 3  ? 5.951   -14.057 17.035  1.00 71.09  ? 3   G   A "O3'" 1 
ATOM   47   C  "C2'" . G   A 1 3  ? 4.949   -13.482 19.170  1.00 65.76  ? 3   G   A "C2'" 1 
ATOM   48   O  "O2'" . G   A 1 3  ? 4.210   -14.674 19.055  1.00 65.92  ? 3   G   A "O2'" 1 
ATOM   49   C  "C1'" . G   A 1 3  ? 5.577   -13.321 20.548  1.00 63.87  ? 3   G   A "C1'" 1 
ATOM   50   N  N9    . G   A 1 3  ? 5.376   -11.977 21.073  1.00 64.13  ? 3   G   A N9    1 
ATOM   51   C  C8    . G   A 1 3  ? 6.326   -10.995 21.237  1.00 63.99  ? 3   G   A C8    1 
ATOM   52   N  N7    . G   A 1 3  ? 5.842   -9.896  21.748  1.00 63.54  ? 3   G   A N7    1 
ATOM   53   C  C5    . G   A 1 3  ? 4.490   -10.166 21.929  1.00 62.92  ? 3   G   A C5    1 
ATOM   54   C  C6    . G   A 1 3  ? 3.444   -9.346  22.445  1.00 62.20  ? 3   G   A C6    1 
ATOM   55   O  O6    . G   A 1 3  ? 3.506   -8.179  22.870  1.00 62.74  ? 3   G   A O6    1 
ATOM   56   N  N1    . G   A 1 3  ? 2.226   -10.014 22.429  1.00 60.14  ? 3   G   A N1    1 
ATOM   57   C  C2    . G   A 1 3  ? 2.032   -11.292 21.969  1.00 60.65  ? 3   G   A C2    1 
ATOM   58   N  N2    . G   A 1 3  ? 0.778   -11.743 22.006  1.00 60.83  ? 3   G   A N2    1 
ATOM   59   N  N3    . G   A 1 3  ? 2.993   -12.067 21.499  1.00 59.93  ? 3   G   A N3    1 
ATOM   60   C  C4    . G   A 1 3  ? 4.187   -11.444 21.507  1.00 62.50  ? 3   G   A C4    1 
ATOM   61   P  P     . C   A 1 4  ? 5.524   -13.241 15.720  1.00 74.35  ? 4   C   A P     1 
ATOM   62   O  OP1   . C   A 1 4  ? 5.874   -14.061 14.536  1.00 74.66  ? 4   C   A OP1   1 
ATOM   63   O  OP2   . C   A 1 4  ? 6.096   -11.875 15.852  1.00 76.09  ? 4   C   A OP2   1 
ATOM   64   O  "O5'" . C   A 1 4  ? 3.939   -13.147 15.847  1.00 73.13  ? 4   C   A "O5'" 1 
ATOM   65   C  "C5'" . C   A 1 4  ? 3.155   -14.329 15.922  1.00 72.54  ? 4   C   A "C5'" 1 
ATOM   66   C  "C4'" . C   A 1 4  ? 1.772   -14.016 16.429  1.00 71.22  ? 4   C   A "C4'" 1 
ATOM   67   O  "O4'" . C   A 1 4  ? 1.860   -13.539 17.792  1.00 71.85  ? 4   C   A "O4'" 1 
ATOM   68   C  "C3'" . C   A 1 4  ? 1.027   -12.918 15.702  1.00 71.77  ? 4   C   A "C3'" 1 
ATOM   69   O  "O3'" . C   A 1 4  ? 0.416   -13.405 14.513  1.00 73.53  ? 4   C   A "O3'" 1 
ATOM   70   C  "C2'" . C   A 1 4  ? 0.005   -12.488 16.748  1.00 72.06  ? 4   C   A "C2'" 1 
ATOM   71   O  "O2'" . C   A 1 4  ? -1.134  -13.309 16.822  1.00 71.95  ? 4   C   A "O2'" 1 
ATOM   72   C  "C1'" . C   A 1 4  ? 0.808   -12.622 18.040  1.00 71.88  ? 4   C   A "C1'" 1 
ATOM   73   N  N1    . C   A 1 4  ? 1.385   -11.342 18.489  1.00 70.66  ? 4   C   A N1    1 
ATOM   74   C  C2    . C   A 1 4  ? 0.528   -10.384 19.032  1.00 69.02  ? 4   C   A C2    1 
ATOM   75   O  O2    . C   A 1 4  ? -0.674  -10.650 19.125  1.00 67.48  ? 4   C   A O2    1 
ATOM   76   N  N3    . C   A 1 4  ? 1.030   -9.198  19.434  1.00 68.35  ? 4   C   A N3    1 
ATOM   77   C  C4    . C   A 1 4  ? 2.332   -8.946  19.305  1.00 68.48  ? 4   C   A C4    1 
ATOM   78   N  N4    . C   A 1 4  ? 2.774   -7.747  19.687  1.00 67.57  ? 4   C   A N4    1 
ATOM   79   C  C5    . C   A 1 4  ? 3.237   -9.911  18.769  1.00 69.46  ? 4   C   A C5    1 
ATOM   80   C  C6    . C   A 1 4  ? 2.724   -11.085 18.377  1.00 69.87  ? 4   C   A C6    1 
ATOM   81   P  P     . G   A 1 5  ? 0.012   -12.371 13.345  1.00 76.43  ? 5   G   A P     1 
ATOM   82   O  OP1   . G   A 1 5  ? -0.594  -13.114 12.212  1.00 74.85  ? 5   G   A OP1   1 
ATOM   83   O  OP2   . G   A 1 5  ? 1.187   -11.507 13.096  1.00 76.78  ? 5   G   A OP2   1 
ATOM   84   O  "O5'" . G   A 1 5  ? -1.129  -11.484 14.011  1.00 74.21  ? 5   G   A "O5'" 1 
ATOM   85   C  "C5'" . G   A 1 5  ? -2.451  -11.974 14.108  1.00 74.71  ? 5   G   A "C5'" 1 
ATOM   86   C  "C4'" . G   A 1 5  ? -3.364  -10.880 14.562  1.00 77.36  ? 5   G   A "C4'" 1 
ATOM   87   O  "O4'" . G   A 1 5  ? -2.982  -10.487 15.903  1.00 78.92  ? 5   G   A "O4'" 1 
ATOM   88   C  "C3'" . G   A 1 5  ? -3.252  -9.565  13.815  1.00 81.24  ? 5   G   A "C3'" 1 
ATOM   89   O  "O3'" . G   A 1 5  ? -3.907  -9.555  12.554  1.00 84.35  ? 5   G   A "O3'" 1 
ATOM   90   C  "C2'" . G   A 1 5  ? -3.922  -8.623  14.797  1.00 81.60  ? 5   G   A "C2'" 1 
ATOM   91   O  "O2'" . G   A 1 5  ? -5.337  -8.738  14.790  1.00 84.08  ? 5   G   A "O2'" 1 
ATOM   92   C  "C1'" . G   A 1 5  ? -3.315  -9.119  16.111  1.00 78.72  ? 5   G   A "C1'" 1 
ATOM   93   N  N9    . G   A 1 5  ? -2.092  -8.388  16.432  1.00 74.81  ? 5   G   A N9    1 
ATOM   94   C  C8    . G   A 1 5  ? -0.799  -8.758  16.144  1.00 74.10  ? 5   G   A C8    1 
ATOM   95   N  N7    . G   A 1 5  ? 0.084   -7.872  16.518  1.00 72.38  ? 5   G   A N7    1 
ATOM   96   C  C5    . G   A 1 5  ? -0.673  -6.859  17.096  1.00 72.81  ? 5   G   A C5    1 
ATOM   97   C  C6    . G   A 1 5  ? -0.272  -5.616  17.675  1.00 71.87  ? 5   G   A C6    1 
ATOM   98   O  O6    . G   A 1 5  ? 0.871   -5.142  17.777  1.00 71.84  ? 5   G   A O6    1 
ATOM   99   N  N1    . G   A 1 5  ? -1.367  -4.897  18.148  1.00 69.52  ? 5   G   A N1    1 
ATOM   100  C  C2    . G   A 1 5  ? -2.676  -5.301  18.061  1.00 69.38  ? 5   G   A C2    1 
ATOM   101  N  N2    . G   A 1 5  ? -3.583  -4.458  18.557  1.00 67.07  ? 5   G   A N2    1 
ATOM   102  N  N3    . G   A 1 5  ? -3.065  -6.448  17.520  1.00 70.73  ? 5   G   A N3    1 
ATOM   103  C  C4    . G   A 1 5  ? -2.018  -7.171  17.062  1.00 73.05  ? 5   G   A C4    1 
ATOM   104  P  P     . U   A 1 6  ? -3.344  -8.608  11.385  1.00 85.62  ? 6   U   A P     1 
ATOM   105  O  OP1   . U   A 1 6  ? -4.104  -8.995  10.174  1.00 86.98  ? 6   U   A OP1   1 
ATOM   106  O  OP2   . U   A 1 6  ? -1.858  -8.706  11.381  1.00 84.15  ? 6   U   A OP2   1 
ATOM   107  O  "O5'" . U   A 1 6  ? -3.791  -7.141  11.835  1.00 84.83  ? 6   U   A "O5'" 1 
ATOM   108  C  "C5'" . U   A 1 6  ? -5.173  -6.817  11.901  1.00 85.64  ? 6   U   A "C5'" 1 
ATOM   109  C  "C4'" . U   A 1 6  ? -5.405  -5.441  12.497  1.00 86.02  ? 6   U   A "C4'" 1 
ATOM   110  O  "O4'" . U   A 1 6  ? -5.051  -5.344  13.898  1.00 86.53  ? 6   U   A "O4'" 1 
ATOM   111  C  "C3'" . U   A 1 6  ? -4.743  -4.187  11.963  1.00 85.12  ? 6   U   A "C3'" 1 
ATOM   112  O  "O3'" . U   A 1 6  ? -5.166  -3.816  10.669  1.00 85.84  ? 6   U   A "O3'" 1 
ATOM   113  C  "C2'" . U   A 1 6  ? -5.284  -3.187  12.967  1.00 84.38  ? 6   U   A "C2'" 1 
ATOM   114  O  "O2'" . U   A 1 6  ? -6.648  -2.918  12.753  1.00 81.37  ? 6   U   A "O2'" 1 
ATOM   115  C  "C1'" . U   A 1 6  ? -5.094  -3.967  14.270  1.00 84.91  ? 6   U   A "C1'" 1 
ATOM   116  N  N1    . U   A 1 6  ? -3.803  -3.596  14.859  1.00 84.41  ? 6   U   A N1    1 
ATOM   117  C  C2    . U   A 1 6  ? -3.813  -2.529  15.733  1.00 84.85  ? 6   U   A C2    1 
ATOM   118  O  O2    . U   A 1 6  ? -4.839  -1.981  16.095  1.00 85.16  ? 6   U   A O2    1 
ATOM   119  N  N3    . U   A 1 6  ? -2.569  -2.119  16.174  1.00 85.38  ? 6   U   A N3    1 
ATOM   120  C  C4    . U   A 1 6  ? -1.354  -2.663  15.827  1.00 85.24  ? 6   U   A C4    1 
ATOM   121  O  O4    . U   A 1 6  ? -0.302  -2.208  16.289  1.00 86.51  ? 6   U   A O4    1 
ATOM   122  C  C5    . U   A 1 6  ? -1.443  -3.771  14.906  1.00 84.50  ? 6   U   A C5    1 
ATOM   123  C  C6    . U   A 1 6  ? -2.639  -4.203  14.459  1.00 83.95  ? 6   U   A C6    1 
ATOM   124  P  P     . C   A 1 7  ? -4.353  -2.680  9.867   1.00 87.46  ? 7   C   A P     1 
ATOM   125  O  OP1   . C   A 1 7  ? -5.312  -2.122  8.874   1.00 87.69  ? 7   C   A OP1   1 
ATOM   126  O  OP2   . C   A 1 7  ? -3.034  -3.208  9.406   1.00 84.65  ? 7   C   A OP2   1 
ATOM   127  O  "O5'" . C   A 1 7  ? -4.078  -1.549  10.951  1.00 83.52  ? 7   C   A "O5'" 1 
ATOM   128  C  "C5'" . C   A 1 7  ? -5.034  -0.538  11.202  1.00 78.41  ? 7   C   A "C5'" 1 
ATOM   129  C  "C4'" . C   A 1 7  ? -4.367  0.646   11.837  1.00 75.71  ? 7   C   A "C4'" 1 
ATOM   130  O  "O4'" . C   A 1 7  ? -3.648  0.195   13.013  1.00 74.86  ? 7   C   A "O4'" 1 
ATOM   131  C  "C3'" . C   A 1 7  ? -3.278  1.337   11.035  1.00 75.25  ? 7   C   A "C3'" 1 
ATOM   132  O  "O3'" . C   A 1 7  ? -3.834  2.257   10.107  1.00 77.05  ? 7   C   A "O3'" 1 
ATOM   133  C  "C2'" . C   A 1 7  ? -2.583  2.111   12.139  1.00 75.24  ? 7   C   A "C2'" 1 
ATOM   134  O  "O2'" . C   A 1 7  ? -3.347  3.225   12.545  1.00 74.40  ? 7   C   A "O2'" 1 
ATOM   135  C  "C1'" . C   A 1 7  ? -2.551  1.065   13.254  1.00 74.59  ? 7   C   A "C1'" 1 
ATOM   136  N  N1    . C   A 1 7  ? -1.303  0.287   13.213  1.00 73.20  ? 7   C   A N1    1 
ATOM   137  C  C2    . C   A 1 7  ? -0.123  0.903   13.620  1.00 73.66  ? 7   C   A C2    1 
ATOM   138  O  O2    . C   A 1 7  ? -0.174  2.060   14.058  1.00 75.46  ? 7   C   A O2    1 
ATOM   139  N  N3    . C   A 1 7  ? 1.040   0.231   13.532  1.00 72.50  ? 7   C   A N3    1 
ATOM   140  C  C4    . C   A 1 7  ? 1.051   -1.013  13.066  1.00 73.04  ? 7   C   A C4    1 
ATOM   141  N  N4    . C   A 1 7  ? 2.227   -1.629  12.967  1.00 74.18  ? 7   C   A N4    1 
ATOM   142  C  C5    . C   A 1 7  ? -0.142  -1.680  12.674  1.00 72.37  ? 7   C   A C5    1 
ATOM   143  C  C6    . C   A 1 7  ? -1.287  -1.000  12.764  1.00 72.94  ? 7   C   A C6    1 
ATOM   144  P  P     . A   A 1 8  ? -2.935  2.827   8.894   1.00 79.58  ? 8   A   A P     1 
ATOM   145  O  OP1   . A   A 1 8  ? -3.757  3.887   8.259   1.00 79.82  ? 8   A   A OP1   1 
ATOM   146  O  OP2   . A   A 1 8  ? -2.423  1.710   8.063   1.00 78.03  ? 8   A   A OP2   1 
ATOM   147  O  "O5'" . A   A 1 8  ? -1.682  3.532   9.599   1.00 79.93  ? 8   A   A "O5'" 1 
ATOM   148  C  "C5'" . A   A 1 8  ? -1.788  4.851   10.149  1.00 78.07  ? 8   A   A "C5'" 1 
ATOM   149  C  "C4'" . A   A 1 8  ? -0.417  5.411   10.477  1.00 77.21  ? 8   A   A "C4'" 1 
ATOM   150  O  "O4'" . A   A 1 8  ? 0.210   4.670   11.558  1.00 78.34  ? 8   A   A "O4'" 1 
ATOM   151  C  "C3'" . A   A 1 8  ? 0.590   5.361   9.350   1.00 76.94  ? 8   A   A "C3'" 1 
ATOM   152  O  "O3'" . A   A 1 8  ? 0.398   6.460   8.492   1.00 76.94  ? 8   A   A "O3'" 1 
ATOM   153  C  "C2'" . A   A 1 8  ? 1.923   5.406   10.087  1.00 77.62  ? 8   A   A "C2'" 1 
ATOM   154  O  "O2'" . A   A 1 8  ? 2.439   6.678   10.394  1.00 75.26  ? 8   A   A "O2'" 1 
ATOM   155  C  "C1'" . A   A 1 8  ? 1.609   4.586   11.339  1.00 78.88  ? 8   A   A "C1'" 1 
ATOM   156  N  N9    . A   A 1 8  ? 1.952   3.187   11.098  1.00 79.29  ? 8   A   A N9    1 
ATOM   157  C  C8    . A   A 1 8  ? 1.113   2.134   10.859  1.00 78.20  ? 8   A   A C8    1 
ATOM   158  N  N7    . A   A 1 8  ? 1.735   1.014   10.602  1.00 78.44  ? 8   A   A N7    1 
ATOM   159  C  C5    . A   A 1 8  ? 3.075   1.350   10.690  1.00 78.92  ? 8   A   A C5    1 
ATOM   160  C  C6    . A   A 1 8  ? 4.247   0.607   10.503  1.00 79.57  ? 8   A   A C6    1 
ATOM   161  N  N6    . A   A 1 8  ? 4.254   -0.675  10.141  1.00 81.41  ? 8   A   A N6    1 
ATOM   162  N  N1    . A   A 1 8  ? 5.426   1.236   10.687  1.00 79.48  ? 8   A   A N1    1 
ATOM   163  C  C2    . A   A 1 8  ? 5.413   2.530   11.011  1.00 79.96  ? 8   A   A C2    1 
ATOM   164  N  N3    . A   A 1 8  ? 4.374   3.340   11.195  1.00 79.95  ? 8   A   A N3    1 
ATOM   165  C  C4    . A   A 1 8  ? 3.222   2.678   11.019  1.00 79.04  ? 8   A   A C4    1 
ATOM   166  P  P     . C   A 1 9  ? 0.480   6.240   6.912   1.00 77.67  ? 9   C   A P     1 
ATOM   167  O  OP1   . C   A 1 9  ? -0.031  7.483   6.284   1.00 77.69  ? 9   C   A OP1   1 
ATOM   168  O  OP2   . C   A 1 9  ? -0.152  4.941   6.580   1.00 76.18  ? 9   C   A OP2   1 
ATOM   169  O  "O5'" . C   A 1 9  ? 2.044   6.148   6.657   1.00 75.39  ? 9   C   A "O5'" 1 
ATOM   170  C  "C5'" . C   A 1 9  ? 2.898   7.156   7.161   1.00 74.91  ? 9   C   A "C5'" 1 
ATOM   171  C  "C4'" . C   A 1 9  ? 4.325   6.689   7.141   1.00 76.53  ? 9   C   A "C4'" 1 
ATOM   172  O  "O4'" . C   A 1 9  ? 4.554   5.645   8.123   1.00 77.58  ? 9   C   A "O4'" 1 
ATOM   173  C  "C3'" . C   A 1 9  ? 4.784   6.057   5.849   1.00 77.60  ? 9   C   A "C3'" 1 
ATOM   174  O  "O3'" . C   A 1 9  ? 5.048   7.047   4.878   1.00 79.55  ? 9   C   A "O3'" 1 
ATOM   175  C  "C2'" . C   A 1 9  ? 6.041   5.339   6.307   1.00 77.15  ? 9   C   A "C2'" 1 
ATOM   176  O  "O2'" . C   A 1 9  ? 7.111   6.239   6.497   1.00 78.02  ? 9   C   A "O2'" 1 
ATOM   177  C  "C1'" . C   A 1 9  ? 5.575   4.779   7.654   1.00 77.31  ? 9   C   A "C1'" 1 
ATOM   178  N  N1    . C   A 1 9  ? 5.018   3.419   7.541   1.00 77.98  ? 9   C   A N1    1 
ATOM   179  C  C2    . C   A 1 9  ? 5.884   2.333   7.666   1.00 78.34  ? 9   C   A C2    1 
ATOM   180  O  O2    . C   A 1 9  ? 7.087   2.550   7.883   1.00 78.91  ? 9   C   A O2    1 
ATOM   181  N  N3    . C   A 1 9  ? 5.393   1.076   7.550   1.00 77.50  ? 9   C   A N3    1 
ATOM   182  C  C4    . C   A 1 9  ? 4.096   0.887   7.317   1.00 76.72  ? 9   C   A C4    1 
ATOM   183  N  N4    . C   A 1 9  ? 3.667   -0.373  7.201   1.00 76.52  ? 9   C   A N4    1 
ATOM   184  C  C5    . C   A 1 9  ? 3.188   1.976   7.192   1.00 76.27  ? 9   C   A C5    1 
ATOM   185  C  C6    . C   A 1 9  ? 3.685   3.214   7.312   1.00 76.66  ? 9   C   A C6    1 
ATOM   186  P  P     . G   A 1 10 ? 4.780   6.724   3.331   1.00 82.27  ? 10  G   A P     1 
ATOM   187  O  OP1   . G   A 1 10 ? 4.993   7.998   2.607   1.00 83.53  ? 10  G   A OP1   1 
ATOM   188  O  OP2   . G   A 1 10 ? 3.475   6.021   3.200   1.00 82.02  ? 10  G   A OP2   1 
ATOM   189  O  "O5'" . G   A 1 10 ? 5.955   5.719   2.950   1.00 79.23  ? 10  G   A "O5'" 1 
ATOM   190  C  "C5'" . G   A 1 10 ? 7.312   6.125   3.056   1.00 78.19  ? 10  G   A "C5'" 1 
ATOM   191  C  "C4'" . G   A 1 10 ? 8.227   4.980   2.715   1.00 77.37  ? 10  G   A "C4'" 1 
ATOM   192  O  "O4'" . G   A 1 10 ? 8.192   3.982   3.767   1.00 76.26  ? 10  G   A "O4'" 1 
ATOM   193  C  "C3'" . G   A 1 10 ? 7.851   4.204   1.470   1.00 77.32  ? 10  G   A "C3'" 1 
ATOM   194  O  "O3'" . G   A 1 10 ? 8.306   4.872   0.309   1.00 80.99  ? 10  G   A "O3'" 1 
ATOM   195  C  "C2'" . G   A 1 10 ? 8.572   2.885   1.696   1.00 75.79  ? 10  G   A "C2'" 1 
ATOM   196  O  "O2'" . G   A 1 10 ? 9.941   2.903   1.353   1.00 75.59  ? 10  G   A "O2'" 1 
ATOM   197  C  "C1'" . G   A 1 10 ? 8.391   2.698   3.205   1.00 73.54  ? 10  G   A "C1'" 1 
ATOM   198  N  N9    . G   A 1 10 ? 7.248   1.852   3.548   1.00 70.67  ? 10  G   A N9    1 
ATOM   199  C  C8    . G   A 1 10 ? 5.989   2.238   3.955   1.00 67.75  ? 10  G   A C8    1 
ATOM   200  N  N7    . G   A 1 10 ? 5.204   1.226   4.210   1.00 66.48  ? 10  G   A N7    1 
ATOM   201  C  C5    . G   A 1 10 ? 5.993   0.107   3.959   1.00 65.58  ? 10  G   A C5    1 
ATOM   202  C  C6    . G   A 1 10 ? 5.705   -1.287  4.086   1.00 64.06  ? 10  G   A C6    1 
ATOM   203  O  O6    . G   A 1 10 ? 4.666   -1.836  4.492   1.00 62.21  ? 10  G   A O6    1 
ATOM   204  N  N1    . G   A 1 10 ? 6.788   -2.063  3.696   1.00 63.26  ? 10  G   A N1    1 
ATOM   205  C  C2    . G   A 1 10 ? 7.995   -1.573  3.250   1.00 64.23  ? 10  G   A C2    1 
ATOM   206  N  N2    . G   A 1 10 ? 8.910   -2.466  2.874   1.00 61.54  ? 10  G   A N2    1 
ATOM   207  N  N3    . G   A 1 10 ? 8.283   -0.295  3.167   1.00 64.81  ? 10  G   A N3    1 
ATOM   208  C  C4    . G   A 1 10 ? 7.246   0.481   3.530   1.00 66.98  ? 10  G   A C4    1 
ATOM   209  P  P     . C   A 1 11 ? 7.663   4.515   -1.117  1.00 83.82  ? 11  C   A P     1 
ATOM   210  O  OP1   . C   A 1 11 ? 8.238   5.491   -2.072  1.00 83.64  ? 11  C   A OP1   1 
ATOM   211  O  OP2   . C   A 1 11 ? 6.186   4.419   -0.973  1.00 83.79  ? 11  C   A OP2   1 
ATOM   212  O  "O5'" . C   A 1 11 ? 8.248   3.070   -1.453  1.00 79.30  ? 11  C   A "O5'" 1 
ATOM   213  C  "C5'" . C   A 1 11 ? 9.610   2.910   -1.823  1.00 75.93  ? 11  C   A "C5'" 1 
ATOM   214  C  "C4'" . C   A 1 11 ? 9.924   1.453   -2.065  1.00 75.06  ? 11  C   A "C4'" 1 
ATOM   215  O  "O4'" . C   A 1 11 ? 9.786   0.682   -0.837  1.00 73.65  ? 11  C   A "O4'" 1 
ATOM   216  C  "C3'" . C   A 1 11 ? 9.024   0.721   -3.039  1.00 74.08  ? 11  C   A "C3'" 1 
ATOM   217  O  "O3'" . C   A 1 11 ? 9.388   0.998   -4.376  1.00 75.63  ? 11  C   A "O3'" 1 
ATOM   218  C  "C2'" . C   A 1 11 ? 9.307   -0.727  -2.667  1.00 70.82  ? 11  C   A "C2'" 1 
ATOM   219  O  "O2'" . C   A 1 11 ? 10.585  -1.129  -3.106  1.00 69.92  ? 11  C   A "O2'" 1 
ATOM   220  C  "C1'" . C   A 1 11 ? 9.317   -0.627  -1.143  1.00 68.51  ? 11  C   A "C1'" 1 
ATOM   221  N  N1    . C   A 1 11 ? 7.992   -0.816  -0.511  1.00 63.95  ? 11  C   A N1    1 
ATOM   222  C  C2    . C   A 1 11 ? 7.526   -2.113  -0.317  1.00 61.80  ? 11  C   A C2    1 
ATOM   223  O  O2    . C   A 1 11 ? 8.215   -3.058  -0.711  1.00 62.04  ? 11  C   A O2    1 
ATOM   224  N  N3    . C   A 1 11 ? 6.331   -2.308  0.289   1.00 59.58  ? 11  C   A N3    1 
ATOM   225  C  C4    . C   A 1 11 ? 5.606   -1.263  0.686   1.00 58.44  ? 11  C   A C4    1 
ATOM   226  N  N4    . C   A 1 11 ? 4.443   -1.510  1.287   1.00 57.47  ? 11  C   A N4    1 
ATOM   227  C  C5    . C   A 1 11 ? 6.045   0.076   0.486   1.00 58.62  ? 11  C   A C5    1 
ATOM   228  C  C6    . C   A 1 11 ? 7.233   0.253   -0.113  1.00 61.33  ? 11  C   A C6    1 
ATOM   229  P  P     . C   A 1 12 ? 8.353   0.679   -5.551  1.00 78.78  ? 12  C   A P     1 
ATOM   230  O  OP1   . C   A 1 12 ? 9.035   1.035   -6.824  1.00 79.27  ? 12  C   A OP1   1 
ATOM   231  O  OP2   . C   A 1 12 ? 7.059   1.312   -5.211  1.00 78.20  ? 12  C   A OP2   1 
ATOM   232  O  "O5'" . C   A 1 12 ? 8.160   -0.903  -5.490  1.00 77.94  ? 12  C   A "O5'" 1 
ATOM   233  C  "C5'" . C   A 1 12 ? 9.125   -1.782  -6.066  1.00 77.34  ? 12  C   A "C5'" 1 
ATOM   234  C  "C4'" . C   A 1 12 ? 8.708   -3.225  -5.879  1.00 76.76  ? 12  C   A "C4'" 1 
ATOM   235  O  "O4'" . C   A 1 12 ? 8.528   -3.477  -4.457  1.00 76.75  ? 12  C   A "O4'" 1 
ATOM   236  C  "C3'" . C   A 1 12 ? 7.372   -3.635  -6.480  1.00 76.39  ? 12  C   A "C3'" 1 
ATOM   237  O  "O3'" . C   A 1 12 ? 7.468   -3.962  -7.852  1.00 78.22  ? 12  C   A "O3'" 1 
ATOM   238  C  "C2'" . C   A 1 12 ? 7.021   -4.856  -5.646  1.00 74.01  ? 12  C   A "C2'" 1 
ATOM   239  O  "O2'" . C   A 1 12 ? 7.747   -6.008  -5.996  1.00 71.77  ? 12  C   A "O2'" 1 
ATOM   240  C  "C1'" . C   A 1 12 ? 7.448   -4.383  -4.262  1.00 72.93  ? 12  C   A "C1'" 1 
ATOM   241  N  N1    . C   A 1 12 ? 6.350   -3.672  -3.597  1.00 68.94  ? 12  C   A N1    1 
ATOM   242  C  C2    . C   A 1 12 ? 5.294   -4.430  -3.083  1.00 68.20  ? 12  C   A C2    1 
ATOM   243  O  O2    . C   A 1 12 ? 5.346   -5.669  -3.187  1.00 65.70  ? 12  C   A O2    1 
ATOM   244  N  N3    . C   A 1 12 ? 4.250   -3.799  -2.494  1.00 66.59  ? 12  C   A N3    1 
ATOM   245  C  C4    . C   A 1 12 ? 4.239   -2.469  -2.412  1.00 66.65  ? 12  C   A C4    1 
ATOM   246  N  N4    . C   A 1 12 ? 3.176   -1.894  -1.851  1.00 65.96  ? 12  C   A N4    1 
ATOM   247  C  C5    . C   A 1 12 ? 5.317   -1.670  -2.911  1.00 66.26  ? 12  C   A C5    1 
ATOM   248  C  C6    . C   A 1 12 ? 6.343   -2.310  -3.489  1.00 66.22  ? 12  C   A C6    1 
ATOM   249  P  P     . G   A 1 13 ? 6.261   -3.570  -8.837  1.00 82.99  ? 13  G   A P     1 
ATOM   250  O  OP1   . G   A 1 13 ? 6.782   -3.706  -10.226 1.00 81.91  ? 13  G   A OP1   1 
ATOM   251  O  OP2   . G   A 1 13 ? 5.712   -2.260  -8.378  1.00 80.86  ? 13  G   A OP2   1 
ATOM   252  O  "O5'" . G   A 1 13 ? 5.163   -4.702  -8.592  1.00 78.28  ? 13  G   A "O5'" 1 
ATOM   253  C  "C5'" . G   A 1 13 ? 5.432   -6.045  -8.961  1.00 75.87  ? 13  G   A "C5'" 1 
ATOM   254  C  "C4'" . G   A 1 13 ? 4.458   -6.988  -8.300  1.00 75.42  ? 13  G   A "C4'" 1 
ATOM   255  O  "O4'" . G   A 1 13 ? 4.485   -6.829  -6.855  1.00 73.79  ? 13  G   A "O4'" 1 
ATOM   256  C  "C3'" . G   A 1 13 ? 2.990   -6.806  -8.612  1.00 76.14  ? 13  G   A "C3'" 1 
ATOM   257  O  "O3'" . G   A 1 13 ? 2.651   -7.300  -9.892  1.00 78.32  ? 13  G   A "O3'" 1 
ATOM   258  C  "C2'" . G   A 1 13 ? 2.367   -7.616  -7.493  1.00 74.23  ? 13  G   A "C2'" 1 
ATOM   259  O  "O2'" . G   A 1 13 ? 2.583   -9.006  -7.630  1.00 74.29  ? 13  G   A "O2'" 1 
ATOM   260  C  "C1'" . G   A 1 13 ? 3.199   -7.112  -6.324  1.00 71.88  ? 13  G   A "C1'" 1 
ATOM   261  N  N9    . G   A 1 13 ? 2.644   -5.880  -5.779  1.00 69.55  ? 13  G   A N9    1 
ATOM   262  C  C8    . G   A 1 13 ? 3.102   -4.598  -5.963  1.00 68.61  ? 13  G   A C8    1 
ATOM   263  N  N7    . G   A 1 13 ? 2.396   -3.709  -5.319  1.00 69.65  ? 13  G   A N7    1 
ATOM   264  C  C5    . G   A 1 13 ? 1.413   -4.453  -4.672  1.00 68.94  ? 13  G   A C5    1 
ATOM   265  C  C6    . G   A 1 13 ? 0.356   -4.046  -3.799  1.00 68.39  ? 13  G   A C6    1 
ATOM   266  O  O6    . G   A 1 13 ? 0.078   -2.910  -3.392  1.00 68.39  ? 13  G   A O6    1 
ATOM   267  N  N1    . G   A 1 13 ? -0.410  -5.129  -3.395  1.00 65.70  ? 13  G   A N1    1 
ATOM   268  C  C2    . G   A 1 13 ? -0.195  -6.428  -3.773  1.00 65.54  ? 13  G   A C2    1 
ATOM   269  N  N2    . G   A 1 13 ? -1.063  -7.331  -3.314  1.00 65.52  ? 13  G   A N2    1 
ATOM   270  N  N3    . G   A 1 13 ? 0.791   -6.819  -4.551  1.00 65.83  ? 13  G   A N3    1 
ATOM   271  C  C4    . G   A 1 13 ? 1.547   -5.789  -4.963  1.00 68.12  ? 13  G   A C4    1 
ATOM   272  P  P     . G   A 1 14 ? 1.457   -6.610  -10.698 1.00 80.48  ? 14  G   A P     1 
ATOM   273  O  OP1   . G   A 1 14 ? 1.599   -7.063  -12.096 1.00 80.62  ? 14  G   A OP1   1 
ATOM   274  O  OP2   . G   A 1 14 ? 1.469   -5.157  -10.394 1.00 80.32  ? 14  G   A OP2   1 
ATOM   275  O  "O5'" . G   A 1 14 ? 0.147   -7.243  -10.049 1.00 79.87  ? 14  G   A "O5'" 1 
ATOM   276  C  "C5'" . G   A 1 14 ? -0.025  -8.650  -10.003 1.00 82.77  ? 14  G   A "C5'" 1 
ATOM   277  C  "C4'" . G   A 1 14 ? -1.307  -8.992  -9.290  1.00 85.96  ? 14  G   A "C4'" 1 
ATOM   278  O  "O4'" . G   A 1 14 ? -1.187  -8.744  -7.859  1.00 84.77  ? 14  G   A "O4'" 1 
ATOM   279  C  "C3'" . G   A 1 14 ? -2.528  -8.188  -9.705  1.00 87.99  ? 14  G   A "C3'" 1 
ATOM   280  O  "O3'" . G   A 1 14 ? -3.091  -8.713  -10.902 1.00 91.93  ? 14  G   A "O3'" 1 
ATOM   281  C  "C2'" . G   A 1 14 ? -3.426  -8.370  -8.487  1.00 85.71  ? 14  G   A "C2'" 1 
ATOM   282  O  "O2'" . G   A 1 14 ? -3.970  -9.673  -8.403  1.00 85.44  ? 14  G   A "O2'" 1 
ATOM   283  C  "C1'" . G   A 1 14 ? -2.403  -8.202  -7.364  1.00 81.92  ? 14  G   A "C1'" 1 
ATOM   284  N  N9    . G   A 1 14 ? -2.156  -6.811  -7.003  1.00 76.07  ? 14  G   A N9    1 
ATOM   285  C  C8    . G   A 1 14 ? -1.128  -6.016  -7.444  1.00 74.58  ? 14  G   A C8    1 
ATOM   286  N  N7    . G   A 1 14 ? -1.151  -4.816  -6.930  1.00 72.75  ? 14  G   A N7    1 
ATOM   287  C  C5    . G   A 1 14 ? -2.262  -4.819  -6.100  1.00 71.32  ? 14  G   A C5    1 
ATOM   288  C  C6    . G   A 1 14 ? -2.795  -3.794  -5.272  1.00 69.91  ? 14  G   A C6    1 
ATOM   289  O  O6    . G   A 1 14 ? -2.371  -2.646  -5.094  1.00 68.73  ? 14  G   A O6    1 
ATOM   290  N  N1    . G   A 1 14 ? -3.941  -4.218  -4.612  1.00 68.40  ? 14  G   A N1    1 
ATOM   291  C  C2    . G   A 1 14 ? -4.501  -5.464  -4.725  1.00 67.95  ? 14  G   A C2    1 
ATOM   292  N  N2    . G   A 1 14 ? -5.609  -5.673  -4.008  1.00 65.57  ? 14  G   A N2    1 
ATOM   293  N  N3    . G   A 1 14 ? -4.010  -6.433  -5.487  1.00 68.69  ? 14  G   A N3    1 
ATOM   294  C  C4    . G   A 1 14 ? -2.898  -6.043  -6.141  1.00 72.32  ? 14  G   A C4    1 
ATOM   295  P  P     . C   A 1 15 ? -3.848  -7.728  -11.923 1.00 96.23  ? 15  C   A P     1 
ATOM   296  O  OP1   . C   A 1 15 ? -4.268  -8.586  -13.061 1.00 94.42  ? 15  C   A OP1   1 
ATOM   297  O  OP2   . C   A 1 15 ? -3.053  -6.487  -12.174 1.00 92.97  ? 15  C   A OP2   1 
ATOM   298  O  "O5'" . C   A 1 15 ? -5.162  -7.308  -11.129 1.00 96.90  ? 15  C   A "O5'" 1 
ATOM   299  C  "C5'" . C   A 1 15 ? -6.164  -8.273  -10.832 1.00 97.27  ? 15  C   A "C5'" 1 
ATOM   300  C  "C4'" . C   A 1 15 ? -7.247  -7.647  -9.998  1.00 96.71  ? 15  C   A "C4'" 1 
ATOM   301  O  "O4'" . C   A 1 15 ? -6.667  -7.208  -8.747  1.00 95.50  ? 15  C   A "O4'" 1 
ATOM   302  C  "C3'" . C   A 1 15 ? -7.855  -6.375  -10.565 1.00 97.12  ? 15  C   A "C3'" 1 
ATOM   303  O  "O3'" . C   A 1 15 ? -8.898  -6.670  -11.486 1.00 97.93  ? 15  C   A "O3'" 1 
ATOM   304  C  "C2'" . C   A 1 15 ? -8.426  -5.724  -9.315  1.00 95.87  ? 15  C   A "C2'" 1 
ATOM   305  O  "O2'" . C   A 1 15 ? -9.651  -6.300  -8.913  1.00 98.35  ? 15  C   A "O2'" 1 
ATOM   306  C  "C1'" . C   A 1 15 ? -7.348  -6.056  -8.291  1.00 94.09  ? 15  C   A "C1'" 1 
ATOM   307  N  N1    . C   A 1 15 ? -6.377  -4.979  -8.155  1.00 91.61  ? 15  C   A N1    1 
ATOM   308  C  C2    . C   A 1 15 ? -6.712  -3.882  -7.378  1.00 91.35  ? 15  C   A C2    1 
ATOM   309  O  O2    . C   A 1 15 ? -7.842  -3.840  -6.864  1.00 91.76  ? 15  C   A O2    1 
ATOM   310  N  N3    . C   A 1 15 ? -5.809  -2.897  -7.204  1.00 90.36  ? 15  C   A N3    1 
ATOM   311  C  C4    . C   A 1 15 ? -4.617  -2.981  -7.790  1.00 90.27  ? 15  C   A C4    1 
ATOM   312  N  N4    . C   A 1 15 ? -3.748  -1.993  -7.586  1.00 91.89  ? 15  C   A N4    1 
ATOM   313  C  C5    . C   A 1 15 ? -4.259  -4.083  -8.612  1.00 90.54  ? 15  C   A C5    1 
ATOM   314  C  C6    . C   A 1 15 ? -5.161  -5.051  -8.765  1.00 90.45  ? 15  C   A C6    1 
ATOM   315  P  P     . G   A 1 16 ? -9.436  -5.522  -12.478 1.00 98.57  ? 16  G   A P     1 
ATOM   316  O  OP1   . G   A 1 16 ? -10.581 -6.162  -13.179 1.00 96.00  ? 16  G   A OP1   1 
ATOM   317  O  OP2   . G   A 1 16 ? -8.289  -4.984  -13.261 1.00 97.85  ? 16  G   A OP2   1 
ATOM   318  O  "O5'" . G   A 1 16 ? -9.965  -4.352  -11.524 1.00 95.03  ? 16  G   A "O5'" 1 
ATOM   319  C  "C5'" . G   A 1 16 ? -9.890  -2.981  -11.919 1.00 90.94  ? 16  G   A "C5'" 1 
ATOM   320  C  "C4'" . G   A 1 16 ? -10.559 -2.106  -10.885 1.00 90.73  ? 16  G   A "C4'" 1 
ATOM   321  O  "O4'" . G   A 1 16 ? -9.879  -2.301  -9.614  1.00 88.90  ? 16  G   A "O4'" 1 
ATOM   322  C  "C3'" . G   A 1 16 ? -10.487 -0.600  -11.120 1.00 92.13  ? 16  G   A "C3'" 1 
ATOM   323  O  "O3'" . G   A 1 16 ? -11.552 -0.088  -11.913 1.00 96.15  ? 16  G   A "O3'" 1 
ATOM   324  C  "C2'" . G   A 1 16 ? -10.596 -0.051  -9.707  1.00 89.49  ? 16  G   A "C2'" 1 
ATOM   325  O  "O2'" . G   A 1 16 ? -11.916 0.013   -9.230  1.00 90.34  ? 16  G   A "O2'" 1 
ATOM   326  C  "C1'" . G   A 1 16 ? -9.748  -1.057  -8.938  1.00 87.02  ? 16  G   A "C1'" 1 
ATOM   327  N  N9    . G   A 1 16 ? -8.348  -0.646  -8.977  1.00 83.90  ? 16  G   A N9    1 
ATOM   328  C  C8    . G   A 1 16 ? -7.310  -1.258  -9.636  1.00 81.42  ? 16  G   A C8    1 
ATOM   329  N  N7    . G   A 1 16 ? -6.180  -0.620  -9.509  1.00 80.32  ? 16  G   A N7    1 
ATOM   330  C  C5    . G   A 1 16 ? -6.488  0.474   -8.713  1.00 81.32  ? 16  G   A C5    1 
ATOM   331  C  C6    . G   A 1 16 ? -5.664  1.533   -8.239  1.00 82.52  ? 16  G   A C6    1 
ATOM   332  O  O6    . G   A 1 16 ? -4.463  1.722   -8.442  1.00 83.79  ? 16  G   A O6    1 
ATOM   333  N  N1    . G   A 1 16 ? -6.383  2.433   -7.457  1.00 81.65  ? 16  G   A N1    1 
ATOM   334  C  C2    . G   A 1 16 ? -7.721  2.332   -7.173  1.00 81.97  ? 16  G   A C2    1 
ATOM   335  N  N2    . G   A 1 16 ? -8.234  3.297   -6.402  1.00 80.92  ? 16  G   A N2    1 
ATOM   336  N  N3    . G   A 1 16 ? -8.501  1.357   -7.614  1.00 82.23  ? 16  G   A N3    1 
ATOM   337  C  C4    . G   A 1 16 ? -7.820  0.468   -8.371  1.00 82.17  ? 16  G   A C4    1 
ATOM   338  P  P     . A   A 1 17 ? -11.317 1.243   -12.793 1.00 98.97  ? 17  A   A P     1 
ATOM   339  O  OP1   . A   A 1 17 ? -12.593 1.556   -13.490 1.00 99.73  ? 17  A   A OP1   1 
ATOM   340  O  OP2   . A   A 1 17 ? -10.073 1.020   -13.586 1.00 97.83  ? 17  A   A OP2   1 
ATOM   341  O  "O5'" . A   A 1 17 ? -11.058 2.416   -11.740 1.00 97.94  ? 17  A   A "O5'" 1 
ATOM   342  C  "C5'" . A   A 1 17 ? -12.141 3.050   -11.059 1.00 96.93  ? 17  A   A "C5'" 1 
ATOM   343  C  "C4'" . A   A 1 17 ? -11.637 4.202   -10.208 1.00 97.05  ? 17  A   A "C4'" 1 
ATOM   344  O  "O4'" . A   A 1 17 ? -10.500 3.741   -9.428  1.00 96.48  ? 17  A   A "O4'" 1 
ATOM   345  C  "C3'" . A   A 1 17 ? -11.088 5.428   -10.927 1.00 97.10  ? 17  A   A "C3'" 1 
ATOM   346  O  "O3'" . A   A 1 17 ? -12.103 6.346   -11.310 1.00 99.83  ? 17  A   A "O3'" 1 
ATOM   347  C  "C2'" . A   A 1 17 ? -10.208 6.057   -9.855  1.00 94.92  ? 17  A   A "C2'" 1 
ATOM   348  O  "O2'" . A   A 1 17 ? -10.934 6.792   -8.892  1.00 91.64  ? 17  A   A "O2'" 1 
ATOM   349  C  "C1'" . A   A 1 17 ? -9.591  4.814   -9.222  1.00 93.91  ? 17  A   A "C1'" 1 
ATOM   350  N  N9    . A   A 1 17 ? -8.295  4.439   -9.789  1.00 91.73  ? 17  A   A N9    1 
ATOM   351  C  C8    . A   A 1 17 ? -7.999  3.353   -10.574 1.00 89.64  ? 17  A   A C8    1 
ATOM   352  N  N7    . A   A 1 17 ? -6.724  3.247   -10.868 1.00 89.93  ? 17  A   A N7    1 
ATOM   353  C  C5    . A   A 1 17 ? -6.143  4.346   -10.247 1.00 89.32  ? 17  A   A C5    1 
ATOM   354  C  C6    . A   A 1 17 ? -4.809  4.800   -10.166 1.00 88.25  ? 17  A   A C6    1 
ATOM   355  N  N6    . A   A 1 17 ? -3.776  4.163   -10.714 1.00 87.87  ? 17  A   A N6    1 
ATOM   356  N  N1    . A   A 1 17 ? -4.573  5.942   -9.484  1.00 87.86  ? 17  A   A N1    1 
ATOM   357  C  C2    . A   A 1 17 ? -5.605  6.569   -8.912  1.00 88.39  ? 17  A   A C2    1 
ATOM   358  N  N3    . A   A 1 17 ? -6.895  6.238   -8.903  1.00 89.97  ? 17  A   A N3    1 
ATOM   359  C  C4    . A   A 1 17 ? -7.101  5.101   -9.597  1.00 90.41  ? 17  A   A C4    1 
ATOM   360  P  P     . A   A 1 18 ? -11.789 7.430   -12.458 1.00 102.37 ? 18  A   A P     1 
ATOM   361  O  OP1   . A   A 1 18 ? -13.056 7.711   -13.187 1.00 101.61 ? 18  A   A OP1   1 
ATOM   362  O  OP2   . A   A 1 18 ? -10.607 6.911   -13.204 1.00 101.87 ? 18  A   A OP2   1 
ATOM   363  O  "O5'" . A   A 1 18 ? -11.362 8.753   -11.665 1.00 100.44 ? 18  A   A "O5'" 1 
ATOM   364  C  "C5'" . A   A 1 18 ? -12.323 9.492   -10.912 1.00 99.49  ? 18  A   A "C5'" 1 
ATOM   365  C  "C4'" . A   A 1 18 ? -11.704 10.740  -10.314 1.00 98.39  ? 18  A   A "C4'" 1 
ATOM   366  O  "O4'" . A   A 1 18 ? -10.628 10.382  -9.404  1.00 98.02  ? 18  A   A "O4'" 1 
ATOM   367  C  "C3'" . A   A 1 18 ? -11.075 11.747  -11.265 1.00 97.84  ? 18  A   A "C3'" 1 
ATOM   368  O  "O3'" . A   A 1 18 ? -12.053 12.625  -11.815 1.00 96.83  ? 18  A   A "O3'" 1 
ATOM   369  C  "C2'" . A   A 1 18 ? -10.137 12.508  -10.333 1.00 97.51  ? 18  A   A "C2'" 1 
ATOM   370  O  "O2'" . A   A 1 18 ? -10.802 13.469  -9.542  1.00 98.12  ? 18  A   A "O2'" 1 
ATOM   371  C  "C1'" . A   A 1 18 ? -9.624  11.384  -9.435  1.00 96.36  ? 18  A   A "C1'" 1 
ATOM   372  N  N9    . A   A 1 18 ? -8.366  10.771  -9.872  1.00 94.56  ? 18  A   A N9    1 
ATOM   373  C  C8    . A   A 1 18 ? -8.166  9.510   -10.384 1.00 94.06  ? 18  A   A C8    1 
ATOM   374  N  N7    . A   A 1 18 ? -6.906  9.220   -10.601 1.00 92.54  ? 18  A   A N7    1 
ATOM   375  C  C5    . A   A 1 18 ? -6.230  10.369  -10.218 1.00 92.55  ? 18  A   A C5    1 
ATOM   376  C  C6    . A   A 1 18 ? -4.859  10.696  -10.176 1.00 92.42  ? 18  A   A C6    1 
ATOM   377  N  N6    . A   A 1 18 ? -3.877  9.846   -10.496 1.00 92.56  ? 18  A   A N6    1 
ATOM   378  N  N1    . A   A 1 18 ? -4.527  11.939  -9.773  1.00 92.27  ? 18  A   A N1    1 
ATOM   379  C  C2    . A   A 1 18 ? -5.507  12.781  -9.414  1.00 92.19  ? 18  A   A C2    1 
ATOM   380  N  N3    . A   A 1 18 ? -6.821  12.583  -9.385  1.00 91.66  ? 18  A   A N3    1 
ATOM   381  C  C4    . A   A 1 18 ? -7.120  11.345  -9.802  1.00 92.49  ? 18  A   A C4    1 
ATOM   382  P  P     . G   A 1 19 ? -11.835 13.235  -13.287 1.00 97.54  ? 19  G   A P     1 
ATOM   383  O  OP1   . G   A 1 19 ? -12.924 14.217  -13.531 1.00 96.83  ? 19  G   A OP1   1 
ATOM   384  O  OP2   . G   A 1 19 ? -11.616 12.115  -14.248 1.00 96.75  ? 19  G   A OP2   1 
ATOM   385  O  "O5'" . G   A 1 19 ? -10.486 14.065  -13.162 1.00 96.30  ? 19  G   A "O5'" 1 
ATOM   386  C  "C5'" . G   A 1 19 ? -10.483 15.368  -12.587 1.00 94.32  ? 19  G   A "C5'" 1 
ATOM   387  C  "C4'" . G   A 1 19 ? -9.074  15.905  -12.530 1.00 92.52  ? 19  G   A "C4'" 1 
ATOM   388  O  "O4'" . G   A 1 19 ? -8.283  15.022  -11.683 1.00 90.66  ? 19  G   A "O4'" 1 
ATOM   389  C  "C3'" . G   A 1 19 ? -8.319  15.923  -13.853 1.00 92.22  ? 19  G   A "C3'" 1 
ATOM   390  O  "O3'" . G   A 1 19 ? -8.553  17.109  -14.604 1.00 93.46  ? 19  G   A "O3'" 1 
ATOM   391  C  "C2'" . G   A 1 19 ? -6.880  15.828  -13.378 1.00 90.43  ? 19  G   A "C2'" 1 
ATOM   392  O  "O2'" . G   A 1 19 ? -6.418  17.029  -12.785 1.00 91.51  ? 19  G   A "O2'" 1 
ATOM   393  C  "C1'" . G   A 1 19 ? -7.025  14.772  -12.292 1.00 87.96  ? 19  G   A "C1'" 1 
ATOM   394  N  N9    . G   A 1 19 ? -7.012  13.399  -12.788 1.00 83.14  ? 19  G   A N9    1 
ATOM   395  C  C8    . G   A 1 19 ? -8.095  12.604  -13.065 1.00 81.11  ? 19  G   A C8    1 
ATOM   396  N  N7    . G   A 1 19 ? -7.764  11.396  -13.434 1.00 80.19  ? 19  G   A N7    1 
ATOM   397  C  C5    . G   A 1 19 ? -6.376  11.398  -13.417 1.00 78.97  ? 19  G   A C5    1 
ATOM   398  C  C6    . G   A 1 19 ? -5.445  10.360  -13.711 1.00 77.71  ? 19  G   A C6    1 
ATOM   399  O  O6    . G   A 1 19 ? -5.673  9.186   -14.045 1.00 78.87  ? 19  G   A O6    1 
ATOM   400  N  N1    . G   A 1 19 ? -4.132  10.798  -13.572 1.00 76.10  ? 19  G   A N1    1 
ATOM   401  C  C2    . G   A 1 19 ? -3.759  12.064  -13.185 1.00 76.71  ? 19  G   A C2    1 
ATOM   402  N  N2    . G   A 1 19 ? -2.451  12.293  -13.092 1.00 75.75  ? 19  G   A N2    1 
ATOM   403  N  N3    . G   A 1 19 ? -4.612  13.034  -12.903 1.00 78.91  ? 19  G   A N3    1 
ATOM   404  C  C4    . G   A 1 19 ? -5.896  12.633  -13.038 1.00 80.79  ? 19  G   A C4    1 
ATOM   405  P  P     . U   A 1 20 ? -8.651  17.025  -16.210 1.00 95.99  ? 20  U   A P     1 
ATOM   406  O  OP1   . U   A 1 20 ? -8.807  18.425  -16.691 1.00 95.90  ? 20  U   A OP1   1 
ATOM   407  O  OP2   . U   A 1 20 ? -9.667  16.001  -16.567 1.00 95.25  ? 20  U   A OP2   1 
ATOM   408  O  "O5'" . U   A 1 20 ? -7.226  16.480  -16.692 1.00 94.09  ? 20  U   A "O5'" 1 
ATOM   409  C  "C5'" . U   A 1 20 ? -6.058  17.280  -16.552 1.00 91.85  ? 20  U   A "C5'" 1 
ATOM   410  C  "C4'" . U   A 1 20 ? -4.806  16.440  -16.698 1.00 91.45  ? 20  U   A "C4'" 1 
ATOM   411  O  "O4'" . U   A 1 20 ? -4.925  15.204  -15.958 1.00 90.62  ? 20  U   A "O4'" 1 
ATOM   412  C  "C3'" . U   A 1 20 ? -4.418  15.920  -18.071 1.00 90.35  ? 20  U   A "C3'" 1 
ATOM   413  O  "O3'" . U   A 1 20 ? -3.789  16.943  -18.831 1.00 89.48  ? 20  U   A "O3'" 1 
ATOM   414  C  "C2'" . U   A 1 20 ? -3.368  14.873  -17.710 1.00 90.51  ? 20  U   A "C2'" 1 
ATOM   415  O  "O2'" . U   A 1 20 ? -2.088  15.437  -17.528 1.00 91.10  ? 20  U   A "O2'" 1 
ATOM   416  C  "C1'" . U   A 1 20 ? -3.894  14.334  -16.377 1.00 88.96  ? 20  U   A "C1'" 1 
ATOM   417  N  N1    . U   A 1 20 ? -4.448  12.987  -16.522 1.00 87.76  ? 20  U   A N1    1 
ATOM   418  C  C2    . U   A 1 20 ? -3.549  11.963  -16.676 1.00 87.44  ? 20  U   A C2    1 
ATOM   419  O  O2    . U   A 1 20 ? -2.349  12.148  -16.685 1.00 86.44  ? 20  U   A O2    1 
ATOM   420  N  N3    . U   A 1 20 ? -4.105  10.717  -16.818 1.00 88.20  ? 20  U   A N3    1 
ATOM   421  C  C4    . U   A 1 20 ? -5.455  10.409  -16.817 1.00 89.24  ? 20  U   A C4    1 
ATOM   422  O  O4    . U   A 1 20 ? -5.809  9.229   -16.919 1.00 90.74  ? 20  U   A O4    1 
ATOM   423  C  C5    . U   A 1 20 ? -6.326  11.537  -16.650 1.00 87.60  ? 20  U   A C5    1 
ATOM   424  C  C6    . U   A 1 20 ? -5.804  12.757  -16.510 1.00 87.57  ? 20  U   A C6    1 
ATOM   425  P  P     . C   A 1 21 ? -3.754  16.834  -20.429 1.00 89.20  ? 21  C   A P     1 
ATOM   426  O  OP1   . C   A 1 21 ? -3.463  18.194  -20.943 1.00 88.58  ? 21  C   A OP1   1 
ATOM   427  O  OP2   . C   A 1 21 ? -5.002  16.146  -20.843 1.00 90.08  ? 21  C   A OP2   1 
ATOM   428  O  "O5'" . C   A 1 21 ? -2.521  15.867  -20.732 1.00 86.12  ? 21  C   A "O5'" 1 
ATOM   429  C  "C5'" . C   A 1 21 ? -1.193  16.267  -20.432 1.00 84.30  ? 21  C   A "C5'" 1 
ATOM   430  C  "C4'" . C   A 1 21 ? -0.288  15.062  -20.302 1.00 84.22  ? 21  C   A "C4'" 1 
ATOM   431  O  "O4'" . C   A 1 21 ? -0.794  14.161  -19.280 1.00 82.67  ? 21  C   A "O4'" 1 
ATOM   432  C  "C3'" . C   A 1 21 ? -0.124  14.154  -21.507 1.00 83.85  ? 21  C   A "C3'" 1 
ATOM   433  O  "O3'" . C   A 1 21 ? 0.784   14.702  -22.449 1.00 84.27  ? 21  C   A "O3'" 1 
ATOM   434  C  "C2'" . C   A 1 21 ? 0.454   12.903  -20.852 1.00 83.49  ? 21  C   A "C2'" 1 
ATOM   435  O  "O2'" . C   A 1 21 ? 1.825   12.997  -20.515 1.00 82.83  ? 21  C   A "O2'" 1 
ATOM   436  C  "C1'" . C   A 1 21 ? -0.385  12.836  -19.577 1.00 81.78  ? 21  C   A "C1'" 1 
ATOM   437  N  N1    . C   A 1 21 ? -1.583  12.004  -19.749 1.00 79.92  ? 21  C   A N1    1 
ATOM   438  C  C2    . C   A 1 21 ? -1.437  10.619  -19.727 1.00 78.72  ? 21  C   A C2    1 
ATOM   439  O  O2    . C   A 1 21 ? -0.303  10.142  -19.607 1.00 77.76  ? 21  C   A O2    1 
ATOM   440  N  N3    . C   A 1 21 ? -2.526  9.836   -19.848 1.00 78.15  ? 21  C   A N3    1 
ATOM   441  C  C4    . C   A 1 21 ? -3.726  10.388  -20.006 1.00 79.54  ? 21  C   A C4    1 
ATOM   442  N  N4    . C   A 1 21 ? -4.771  9.571   -20.115 1.00 79.58  ? 21  C   A N4    1 
ATOM   443  C  C5    . C   A 1 21 ? -3.907  11.803  -20.056 1.00 78.90  ? 21  C   A C5    1 
ATOM   444  C  C6    . C   A 1 21 ? -2.817  12.565  -19.921 1.00 78.98  ? 21  C   A C6    1 
ATOM   445  P  P     . G   A 1 22 ? 0.637   14.333  -24.004 1.00 85.56  ? 22  G   A P     1 
ATOM   446  O  OP1   . G   A 1 22 ? 1.639   15.168  -24.717 1.00 85.02  ? 22  G   A OP1   1 
ATOM   447  O  OP2   . G   A 1 22 ? -0.795  14.419  -24.387 1.00 85.02  ? 22  G   A OP2   1 
ATOM   448  O  "O5'" . G   A 1 22 ? 1.100   12.813  -24.095 1.00 83.49  ? 22  G   A "O5'" 1 
ATOM   449  C  "C5'" . G   A 1 22 ? 2.448   12.464  -23.834 1.00 84.73  ? 22  G   A "C5'" 1 
ATOM   450  C  "C4'" . G   A 1 22 ? 2.600   10.967  -23.777 1.00 85.85  ? 22  G   A "C4'" 1 
ATOM   451  O  "O4'" . G   A 1 22 ? 1.766   10.423  -22.720 1.00 84.74  ? 22  G   A "O4'" 1 
ATOM   452  C  "C3'" . G   A 1 22 ? 2.143   10.182  -24.992 1.00 86.56  ? 22  G   A "C3'" 1 
ATOM   453  O  "O3'" . G   A 1 22 ? 3.098   10.246  -26.041 1.00 90.34  ? 22  G   A "O3'" 1 
ATOM   454  C  "C2'" . G   A 1 22 ? 2.038   8.786   -24.401 1.00 84.20  ? 22  G   A "C2'" 1 
ATOM   455  O  "O2'" . G   A 1 22 ? 3.303   8.195   -24.182 1.00 81.53  ? 22  G   A "O2'" 1 
ATOM   456  C  "C1'" . G   A 1 22 ? 1.372   9.100   -23.063 1.00 82.27  ? 22  G   A "C1'" 1 
ATOM   457  N  N9    . G   A 1 22 ? -0.086  9.061   -23.126 1.00 79.52  ? 22  G   A N9    1 
ATOM   458  C  C8    . G   A 1 22 ? -0.949  10.131  -23.088 1.00 78.67  ? 22  G   A C8    1 
ATOM   459  N  N7    . G   A 1 22 ? -2.204  9.779   -23.152 1.00 76.51  ? 22  G   A N7    1 
ATOM   460  C  C5    . G   A 1 22 ? -2.169  8.396   -23.241 1.00 76.48  ? 22  G   A C5    1 
ATOM   461  C  C6    . G   A 1 22 ? -3.226  7.451   -23.326 1.00 76.11  ? 22  G   A C6    1 
ATOM   462  O  O6    . G   A 1 22 ? -4.455  7.658   -23.342 1.00 75.48  ? 22  G   A O6    1 
ATOM   463  N  N1    . G   A 1 22 ? -2.739  6.151   -23.387 1.00 75.81  ? 22  G   A N1    1 
ATOM   464  C  C2    . G   A 1 22 ? -1.408  5.804   -23.362 1.00 77.51  ? 22  G   A C2    1 
ATOM   465  N  N2    . G   A 1 22 ? -1.136  4.492   -23.407 1.00 79.67  ? 22  G   A N2    1 
ATOM   466  N  N3    . G   A 1 22 ? -0.416  6.675   -23.289 1.00 76.22  ? 22  G   A N3    1 
ATOM   467  C  C4    . G   A 1 22 ? -0.865  7.940   -23.230 1.00 77.36  ? 22  G   A C4    1 
ATOM   468  P  P     . C   A 1 23 ? 2.594   10.351  -27.563 1.00 93.45  ? 23  C   A P     1 
ATOM   469  O  OP1   . C   A 1 23 ? 3.762   10.826  -28.341 1.00 94.80  ? 23  C   A OP1   1 
ATOM   470  O  OP2   . C   A 1 23 ? 1.325   11.128  -27.598 1.00 93.38  ? 23  C   A OP2   1 
ATOM   471  O  "O5'" . C   A 1 23 ? 2.273   8.840   -27.972 1.00 91.36  ? 23  C   A "O5'" 1 
ATOM   472  C  "C5'" . C   A 1 23 ? 3.195   7.785   -27.692 1.00 88.81  ? 23  C   A "C5'" 1 
ATOM   473  C  "C4'" . C   A 1 23 ? 2.475   6.458   -27.711 1.00 87.05  ? 23  C   A "C4'" 1 
ATOM   474  O  "O4'" . C   A 1 23 ? 1.443   6.500   -26.699 1.00 87.55  ? 23  C   A "O4'" 1 
ATOM   475  C  "C3'" . C   A 1 23 ? 1.713   6.158   -28.994 1.00 87.94  ? 23  C   A "C3'" 1 
ATOM   476  O  "O3'" . C   A 1 23 ? 2.513   5.676   -30.074 1.00 88.59  ? 23  C   A "O3'" 1 
ATOM   477  C  "C2'" . C   A 1 23 ? 0.596   5.224   -28.531 1.00 86.39  ? 23  C   A "C2'" 1 
ATOM   478  O  "O2'" . C   A 1 23 ? 0.968   3.863   -28.491 1.00 85.54  ? 23  C   A "O2'" 1 
ATOM   479  C  "C1'" . C   A 1 23 ? 0.333   5.727   -27.111 1.00 84.32  ? 23  C   A "C1'" 1 
ATOM   480  N  N1    . C   A 1 23 ? -0.876  6.548   -26.982 1.00 81.25  ? 23  C   A N1    1 
ATOM   481  C  C2    . C   A 1 23 ? -2.106  5.902   -26.934 1.00 80.25  ? 23  C   A C2    1 
ATOM   482  O  O2    . C   A 1 23 ? -2.129  4.672   -27.017 1.00 80.14  ? 23  C   A O2    1 
ATOM   483  N  N3    . C   A 1 23 ? -3.241  6.631   -26.796 1.00 78.32  ? 23  C   A N3    1 
ATOM   484  C  C4    . C   A 1 23 ? -3.172  7.958   -26.711 1.00 75.92  ? 23  C   A C4    1 
ATOM   485  N  N4    . C   A 1 23 ? -4.314  8.626   -26.568 1.00 71.57  ? 23  C   A N4    1 
ATOM   486  C  C5    . C   A 1 23 ? -1.923  8.653   -26.766 1.00 77.63  ? 23  C   A C5    1 
ATOM   487  C  C6    . C   A 1 23 ? -0.809  7.914   -26.904 1.00 79.53  ? 23  C   A C6    1 
ATOM   488  O  "O5'" . U   B 1 1  ? -15.122 12.049  -25.798 1.00 94.08  ? 24  U   B "O5'" 1 
ATOM   489  C  "C5'" . U   B 1 1  ? -16.496 11.646  -25.725 1.00 93.66  ? 24  U   B "C5'" 1 
ATOM   490  C  "C4'" . U   B 1 1  ? -16.813 10.414  -26.544 1.00 92.90  ? 24  U   B "C4'" 1 
ATOM   491  O  "O4'" . U   B 1 1  ? -16.433 10.623  -27.933 1.00 92.17  ? 24  U   B "O4'" 1 
ATOM   492  C  "C3'" . U   B 1 1  ? -16.083 9.142   -26.150 1.00 92.46  ? 24  U   B "C3'" 1 
ATOM   493  O  "O3'" . U   B 1 1  ? -16.751 8.495   -25.081 1.00 92.39  ? 24  U   B "O3'" 1 
ATOM   494  C  "C2'" . U   B 1 1  ? -16.177 8.312   -27.425 1.00 92.36  ? 24  U   B "C2'" 1 
ATOM   495  O  "O2'" . U   B 1 1  ? -17.406 7.624   -27.566 1.00 92.00  ? 24  U   B "O2'" 1 
ATOM   496  C  "C1'" . U   B 1 1  ? -16.027 9.389   -28.503 1.00 91.35  ? 24  U   B "C1'" 1 
ATOM   497  N  N1    . U   B 1 1  ? -14.643 9.526   -28.976 1.00 89.38  ? 24  U   B N1    1 
ATOM   498  C  C2    . U   B 1 1  ? -14.127 8.493   -29.729 1.00 87.87  ? 24  U   B C2    1 
ATOM   499  O  O2    . U   B 1 1  ? -14.763 7.492   -30.002 1.00 87.58  ? 24  U   B O2    1 
ATOM   500  N  N3    . U   B 1 1  ? -12.839 8.670   -30.146 1.00 86.69  ? 24  U   B N3    1 
ATOM   501  C  C4    . U   B 1 1  ? -12.026 9.746   -29.886 1.00 87.58  ? 24  U   B C4    1 
ATOM   502  O  O4    . U   B 1 1  ? -10.877 9.743   -30.321 1.00 89.41  ? 24  U   B O4    1 
ATOM   503  C  C5    . U   B 1 1  ? -12.625 10.777  -29.098 1.00 86.62  ? 24  U   B C5    1 
ATOM   504  C  C6    . U   B 1 1  ? -13.884 10.636  -28.681 1.00 88.10  ? 24  U   B C6    1 
ATOM   505  P  P     . U   B 1 2  ? -15.913 7.590   -24.055 1.00 93.68  ? 25  U   B P     1 
ATOM   506  O  OP1   . U   B 1 2  ? -16.863 7.102   -23.021 1.00 93.47  ? 25  U   B OP1   1 
ATOM   507  O  OP2   . U   B 1 2  ? -14.716 8.378   -23.641 1.00 94.17  ? 25  U   B OP2   1 
ATOM   508  O  "O5'" . U   B 1 2  ? -15.448 6.338   -24.925 1.00 89.24  ? 25  U   B "O5'" 1 
ATOM   509  C  "C5'" . U   B 1 2  ? -16.385 5.343   -25.321 1.00 85.34  ? 25  U   B "C5'" 1 
ATOM   510  C  "C4'" . U   B 1 2  ? -15.719 4.301   -26.189 1.00 83.61  ? 25  U   B "C4'" 1 
ATOM   511  O  "O4'" . U   B 1 2  ? -15.210 4.908   -27.406 1.00 82.49  ? 25  U   B "O4'" 1 
ATOM   512  C  "C3'" . U   B 1 2  ? -14.496 3.626   -25.609 1.00 82.83  ? 25  U   B "C3'" 1 
ATOM   513  O  "O3'" . U   B 1 2  ? -14.858 2.596   -24.715 1.00 85.09  ? 25  U   B "O3'" 1 
ATOM   514  C  "C2'" . U   B 1 2  ? -13.831 3.064   -26.852 1.00 80.43  ? 25  U   B "C2'" 1 
ATOM   515  O  "O2'" . U   B 1 2  ? -14.413 1.865   -27.303 1.00 78.76  ? 25  U   B "O2'" 1 
ATOM   516  C  "C1'" . U   B 1 2  ? -14.060 4.202   -27.845 1.00 79.25  ? 25  U   B "C1'" 1 
ATOM   517  N  N1    . U   B 1 2  ? -12.929 5.134   -27.842 1.00 77.33  ? 25  U   B N1    1 
ATOM   518  C  C2    . U   B 1 2  ? -11.784 4.747   -28.507 1.00 76.06  ? 25  U   B C2    1 
ATOM   519  O  O2    . U   B 1 2  ? -11.706 3.693   -29.115 1.00 75.86  ? 25  U   B O2    1 
ATOM   520  N  N3    . U   B 1 2  ? -10.741 5.639   -28.437 1.00 74.37  ? 25  U   B N3    1 
ATOM   521  C  C4    . U   B 1 2  ? -10.737 6.859   -27.790 1.00 74.75  ? 25  U   B C4    1 
ATOM   522  O  O4    . U   B 1 2  ? -9.714  7.539   -27.785 1.00 75.49  ? 25  U   B O4    1 
ATOM   523  C  C5    . U   B 1 2  ? -11.971 7.197   -27.143 1.00 75.83  ? 25  U   B C5    1 
ATOM   524  C  C6    . U   B 1 2  ? -13.001 6.343   -27.190 1.00 76.46  ? 25  U   B C6    1 
ATOM   525  P  P     . G   B 1 3  ? -13.991 2.372   -23.382 1.00 86.39  ? 26  G   B P     1 
ATOM   526  O  OP1   . G   B 1 3  ? -14.668 1.288   -22.601 1.00 84.52  ? 26  G   B OP1   1 
ATOM   527  O  OP2   . G   B 1 3  ? -13.799 3.720   -22.774 1.00 85.62  ? 26  G   B OP2   1 
ATOM   528  O  "O5'" . G   B 1 3  ? -12.582 1.847   -23.916 1.00 80.74  ? 26  G   B "O5'" 1 
ATOM   529  C  "C5'" . G   B 1 3  ? -12.494 0.633   -24.644 1.00 76.74  ? 26  G   B "C5'" 1 
ATOM   530  C  "C4'" . G   B 1 3  ? -11.123 0.483   -25.240 1.00 74.93  ? 26  G   B "C4'" 1 
ATOM   531  O  "O4'" . G   B 1 3  ? -10.811 1.644   -26.048 1.00 73.72  ? 26  G   B "O4'" 1 
ATOM   532  C  "C3'" . G   B 1 3  ? -9.963  0.473   -24.268 1.00 74.97  ? 26  G   B "C3'" 1 
ATOM   533  O  "O3'" . G   B 1 3  ? -9.877  -0.779  -23.589 1.00 77.46  ? 26  G   B "O3'" 1 
ATOM   534  C  "C2'" . G   B 1 3  ? -8.781  0.758   -25.195 1.00 72.64  ? 26  G   B "C2'" 1 
ATOM   535  O  "O2'" . G   B 1 3  ? -8.326  -0.369  -25.909 1.00 72.57  ? 26  G   B "O2'" 1 
ATOM   536  C  "C1'" . G   B 1 3  ? -9.404  1.736   -26.193 1.00 70.83  ? 26  G   B "C1'" 1 
ATOM   537  N  N9    . G   B 1 3  ? -9.008  3.126   -25.989 1.00 67.45  ? 26  G   B N9    1 
ATOM   538  C  C8    . G   B 1 3  ? -9.785  4.151   -25.508 1.00 66.66  ? 26  G   B C8    1 
ATOM   539  N  N7    . G   B 1 3  ? -9.166  5.298   -25.488 1.00 65.24  ? 26  G   B N7    1 
ATOM   540  C  C5    . G   B 1 3  ? -7.902  5.009   -25.982 1.00 66.03  ? 26  G   B C5    1 
ATOM   541  C  C6    . G   B 1 3  ? -6.798  5.863   -26.223 1.00 67.11  ? 26  G   B C6    1 
ATOM   542  O  O6    . G   B 1 3  ? -6.725  7.098   -26.073 1.00 69.47  ? 26  G   B O6    1 
ATOM   543  N  N1    . G   B 1 3  ? -5.700  5.151   -26.701 1.00 66.06  ? 26  G   B N1    1 
ATOM   544  C  C2    . G   B 1 3  ? -5.677  3.799   -26.936 1.00 66.06  ? 26  G   B C2    1 
ATOM   545  N  N2    . G   B 1 3  ? -4.520  3.300   -27.376 1.00 64.67  ? 26  G   B N2    1 
ATOM   546  N  N3    . G   B 1 3  ? -6.713  2.998   -26.746 1.00 64.96  ? 26  G   B N3    1 
ATOM   547  C  C4    . G   B 1 3  ? -7.783  3.668   -26.270 1.00 65.65  ? 26  G   B C4    1 
ATOM   548  P  P     . C   B 1 4  ? -9.237  -0.846  -22.110 1.00 78.80  ? 27  C   B P     1 
ATOM   549  O  OP1   . C   B 1 4  ? -9.516  -2.217  -21.621 1.00 76.25  ? 27  C   B OP1   1 
ATOM   550  O  OP2   . C   B 1 4  ? -9.666  0.335   -21.295 1.00 74.84  ? 27  C   B OP2   1 
ATOM   551  O  "O5'" . C   B 1 4  ? -7.675  -0.775  -22.386 1.00 75.02  ? 27  C   B "O5'" 1 
ATOM   552  C  "C5'" . C   B 1 4  ? -7.028  -1.871  -23.004 1.00 75.63  ? 27  C   B "C5'" 1 
ATOM   553  C  "C4'" . C   B 1 4  ? -5.605  -1.519  -23.294 1.00 76.60  ? 27  C   B "C4'" 1 
ATOM   554  O  "O4'" . C   B 1 4  ? -5.551  -0.464  -24.291 1.00 76.97  ? 27  C   B "O4'" 1 
ATOM   555  C  "C3'" . C   B 1 4  ? -4.874  -0.904  -22.124 1.00 77.66  ? 27  C   B "C3'" 1 
ATOM   556  O  "O3'" . C   B 1 4  ? -4.507  -1.883  -21.174 1.00 79.45  ? 27  C   B "O3'" 1 
ATOM   557  C  "C2'" . C   B 1 4  ? -3.715  -0.224  -22.837 1.00 76.08  ? 27  C   B "C2'" 1 
ATOM   558  O  "O2'" . C   B 1 4  ? -2.761  -1.124  -23.357 1.00 76.42  ? 27  C   B "O2'" 1 
ATOM   559  C  "C1'" . C   B 1 4  ? -4.475  0.416   -23.994 1.00 72.59  ? 27  C   B "C1'" 1 
ATOM   560  N  N1    . C   B 1 4  ? -5.030  1.720   -23.621 1.00 66.51  ? 27  C   B N1    1 
ATOM   561  C  C2    . C   B 1 4  ? -4.224  2.822   -23.779 1.00 64.33  ? 27  C   B C2    1 
ATOM   562  O  O2    . C   B 1 4  ? -3.082  2.643   -24.214 1.00 65.69  ? 27  C   B O2    1 
ATOM   563  N  N3    . C   B 1 4  ? -4.694  4.049   -23.457 1.00 61.30  ? 27  C   B N3    1 
ATOM   564  C  C4    . C   B 1 4  ? -5.932  4.181   -22.980 1.00 60.85  ? 27  C   B C4    1 
ATOM   565  N  N4    . C   B 1 4  ? -6.351  5.411   -22.665 1.00 58.53  ? 27  C   B N4    1 
ATOM   566  C  C5    . C   B 1 4  ? -6.792  3.058   -22.801 1.00 61.96  ? 27  C   B C5    1 
ATOM   567  C  C6    . C   B 1 4  ? -6.302  1.851   -23.132 1.00 64.24  ? 27  C   B C6    1 
ATOM   568  P  P     . G   B 1 5  ? -4.418  -1.482  -19.629 1.00 79.99  ? 28  G   B P     1 
ATOM   569  O  OP1   . G   B 1 5  ? -4.111  -2.753  -18.923 1.00 79.86  ? 28  G   B OP1   1 
ATOM   570  O  OP2   . G   B 1 5  ? -5.614  -0.686  -19.230 1.00 75.73  ? 28  G   B OP2   1 
ATOM   571  O  "O5'" . G   B 1 5  ? -3.129  -0.558  -19.608 1.00 77.79  ? 28  G   B "O5'" 1 
ATOM   572  C  "C5'" . G   B 1 5  ? -1.870  -1.089  -19.993 1.00 77.96  ? 28  G   B "C5'" 1 
ATOM   573  C  "C4'" . G   B 1 5  ? -0.830  0.001   -20.002 1.00 79.10  ? 28  G   B "C4'" 1 
ATOM   574  O  "O4'" . G   B 1 5  ? -1.238  0.995   -20.974 1.00 78.71  ? 28  G   B "O4'" 1 
ATOM   575  C  "C3'" . G   B 1 5  ? -0.677  0.809   -18.718 1.00 79.42  ? 28  G   B "C3'" 1 
ATOM   576  O  "O3'" . G   B 1 5  ? 0.120   0.163   -17.721 1.00 80.47  ? 28  G   B "O3'" 1 
ATOM   577  C  "C2'" . G   B 1 5  ? -0.052  2.097   -19.234 1.00 77.92  ? 28  G   B "C2'" 1 
ATOM   578  O  "O2'" . G   B 1 5  ? 1.342   2.030   -19.429 1.00 79.55  ? 28  G   B "O2'" 1 
ATOM   579  C  "C1'" . G   B 1 5  ? -0.787  2.271   -20.562 1.00 76.13  ? 28  G   B "C1'" 1 
ATOM   580  N  N9    . G   B 1 5  ? -1.944  3.138   -20.406 1.00 73.03  ? 28  G   B N9    1 
ATOM   581  C  C8    . G   B 1 5  ? -3.272  2.789   -20.337 1.00 70.89  ? 28  G   B C8    1 
ATOM   582  N  N7    . G   B 1 5  ? -4.058  3.816   -20.155 1.00 69.63  ? 28  G   B N7    1 
ATOM   583  C  C5    . G   B 1 5  ? -3.193  4.902   -20.115 1.00 68.95  ? 28  G   B C5    1 
ATOM   584  C  C6    . G   B 1 5  ? -3.451  6.282   -19.926 1.00 68.23  ? 28  G   B C6    1 
ATOM   585  O  O6    . G   B 1 5  ? -4.537  6.852   -19.767 1.00 67.15  ? 28  G   B O6    1 
ATOM   586  N  N1    . G   B 1 5  ? -2.274  7.024   -19.927 1.00 68.19  ? 28  G   B N1    1 
ATOM   587  C  C2    . G   B 1 5  ? -1.010  6.507   -20.086 1.00 68.94  ? 28  G   B C2    1 
ATOM   588  N  N2    . G   B 1 5  ? 0.011   7.375   -20.036 1.00 67.60  ? 28  G   B N2    1 
ATOM   589  N  N3    . G   B 1 5  ? -0.762  5.229   -20.276 1.00 69.85  ? 28  G   B N3    1 
ATOM   590  C  C4    . G   B 1 5  ? -1.889  4.493   -20.274 1.00 70.83  ? 28  G   B C4    1 
ATOM   591  P  P     . U   B 1 6  ? -0.100  0.533   -16.163 1.00 81.62  ? 29  U   B P     1 
ATOM   592  O  OP1   . U   B 1 6  ? 0.612   -0.469  -15.334 1.00 81.13  ? 29  U   B OP1   1 
ATOM   593  O  OP2   . U   B 1 6  ? -1.538  0.795   -15.911 1.00 81.01  ? 29  U   B OP2   1 
ATOM   594  O  "O5'" . U   B 1 6  ? 0.655   1.921   -16.014 1.00 80.65  ? 29  U   B "O5'" 1 
ATOM   595  C  "C5'" . U   B 1 6  ? 1.987   2.072   -16.474 1.00 78.45  ? 29  U   B "C5'" 1 
ATOM   596  C  "C4'" . U   B 1 6  ? 2.457   3.466   -16.190 1.00 78.06  ? 29  U   B "C4'" 1 
ATOM   597  O  "O4'" . U   B 1 6  ? 1.847   4.408   -17.106 1.00 76.85  ? 29  U   B "O4'" 1 
ATOM   598  C  "C3'" . U   B 1 6  ? 2.057   3.995   -14.829 1.00 77.99  ? 29  U   B "C3'" 1 
ATOM   599  O  "O3'" . U   B 1 6  ? 2.936   3.496   -13.833 1.00 79.51  ? 29  U   B "O3'" 1 
ATOM   600  C  "C2'" . U   B 1 6  ? 2.229   5.492   -15.026 1.00 77.88  ? 29  U   B "C2'" 1 
ATOM   601  O  "O2'" . U   B 1 6  ? 3.581   5.849   -14.827 1.00 80.18  ? 29  U   B "O2'" 1 
ATOM   602  C  "C1'" . U   B 1 6  ? 1.775   5.678   -16.486 1.00 75.85  ? 29  U   B "C1'" 1 
ATOM   603  N  N1    . U   B 1 6  ? 0.379   6.158   -16.625 1.00 74.29  ? 29  U   B N1    1 
ATOM   604  C  C2    . U   B 1 6  ? 0.149   7.504   -16.428 1.00 72.55  ? 29  U   B C2    1 
ATOM   605  O  O2    . U   B 1 6  ? 1.044   8.301   -16.214 1.00 70.48  ? 29  U   B O2    1 
ATOM   606  N  N3    . U   B 1 6  ? -1.177  7.890   -16.492 1.00 72.95  ? 29  U   B N3    1 
ATOM   607  C  C4    . U   B 1 6  ? -2.259  7.074   -16.725 1.00 74.25  ? 29  U   B C4    1 
ATOM   608  O  O4    . U   B 1 6  ? -3.406  7.537   -16.758 1.00 73.24  ? 29  U   B O4    1 
ATOM   609  C  C5    . U   B 1 6  ? -1.922  5.684   -16.913 1.00 73.14  ? 29  U   B C5    1 
ATOM   610  C  C6    . U   B 1 6  ? -0.641  5.271   -16.864 1.00 74.07  ? 29  U   B C6    1 
ATOM   611  P  P     . C   B 1 7  ? 2.467   3.471   -12.296 1.00 81.44  ? 30  C   B P     1 
ATOM   612  O  OP1   . C   B 1 7  ? 3.610   2.984   -11.488 1.00 82.48  ? 30  C   B OP1   1 
ATOM   613  O  OP2   . C   B 1 7  ? 1.147   2.813   -12.153 1.00 80.55  ? 30  C   B OP2   1 
ATOM   614  O  "O5'" . C   B 1 7  ? 2.304   5.009   -11.953 1.00 82.19  ? 30  C   B "O5'" 1 
ATOM   615  C  "C5'" . C   B 1 7  ? 3.419   5.765   -11.524 1.00 82.24  ? 30  C   B "C5'" 1 
ATOM   616  C  "C4'" . C   B 1 7  ? 2.994   7.174   -11.247 1.00 82.94  ? 30  C   B "C4'" 1 
ATOM   617  O  "O4'" . C   B 1 7  ? 2.372   7.686   -12.456 1.00 82.37  ? 30  C   B "O4'" 1 
ATOM   618  C  "C3'" . C   B 1 7  ? 1.897   7.349   -10.207 1.00 83.55  ? 30  C   B "C3'" 1 
ATOM   619  O  "O3'" . C   B 1 7  ? 2.384   7.328   -8.871  1.00 83.25  ? 30  C   B "O3'" 1 
ATOM   620  C  "C2'" . C   B 1 7  ? 1.370   8.722   -10.580 1.00 83.57  ? 30  C   B "C2'" 1 
ATOM   621  O  "O2'" . C   B 1 7  ? 2.241   9.757   -10.163 1.00 83.96  ? 30  C   B "O2'" 1 
ATOM   622  C  "C1'" . C   B 1 7  ? 1.351   8.605   -12.105 1.00 82.21  ? 30  C   B "C1'" 1 
ATOM   623  N  N1    . C   B 1 7  ? 0.063   8.081   -12.570 1.00 80.30  ? 30  C   B N1    1 
ATOM   624  C  C2    . C   B 1 7  ? -0.922  8.997   -12.904 1.00 79.93  ? 30  C   B C2    1 
ATOM   625  O  O2    . C   B 1 7  ? -0.627  10.201  -12.891 1.00 78.66  ? 30  C   B O2    1 
ATOM   626  N  N3    . C   B 1 7  ? -2.161  8.553   -13.243 1.00 78.74  ? 30  C   B N3    1 
ATOM   627  C  C4    . C   B 1 7  ? -2.410  7.240   -13.273 1.00 76.74  ? 30  C   B C4    1 
ATOM   628  N  N4    . C   B 1 7  ? -3.644  6.849   -13.562 1.00 77.49  ? 30  C   B N4    1 
ATOM   629  C  C5    . C   B 1 7  ? -1.400  6.276   -12.993 1.00 76.97  ? 30  C   B C5    1 
ATOM   630  C  C6    . C   B 1 7  ? -0.186  6.736   -12.646 1.00 78.82  ? 30  C   B C6    1 
ATOM   631  P  P     . A   B 1 8  ? 1.434   6.787   -7.691  1.00 84.49  ? 31  A   B P     1 
ATOM   632  O  OP1   . A   B 1 8  ? 2.307   6.651   -6.500  1.00 85.47  ? 31  A   B OP1   1 
ATOM   633  O  OP2   . A   B 1 8  ? 0.662   5.615   -8.175  1.00 84.85  ? 31  A   B OP2   1 
ATOM   634  O  "O5'" . A   B 1 8  ? 0.391   7.963   -7.431  1.00 83.60  ? 31  A   B "O5'" 1 
ATOM   635  C  "C5'" . A   B 1 8  ? 0.857   9.265   -7.177  1.00 83.99  ? 31  A   B "C5'" 1 
ATOM   636  C  "C4'" . A   B 1 8  ? -0.152  10.060  -6.392  1.00 85.14  ? 31  A   B "C4'" 1 
ATOM   637  O  "O4'" . A   B 1 8  ? -1.225  10.619  -7.182  1.00 84.87  ? 31  A   B "O4'" 1 
ATOM   638  C  "C3'" . A   B 1 8  ? -0.898  9.492   -5.204  1.00 85.70  ? 31  A   B "C3'" 1 
ATOM   639  O  "O3'" . A   B 1 8  ? -0.035  9.135   -4.131  1.00 87.84  ? 31  A   B "O3'" 1 
ATOM   640  C  "C2'" . A   B 1 8  ? -1.769  10.700  -4.879  1.00 85.13  ? 31  A   B "C2'" 1 
ATOM   641  O  "O2'" . A   B 1 8  ? -1.053  11.748  -4.255  1.00 83.66  ? 31  A   B "O2'" 1 
ATOM   642  C  "C1'" . A   B 1 8  ? -2.207  11.124  -6.287  1.00 83.39  ? 31  A   B "C1'" 1 
ATOM   643  N  N9    . A   B 1 8  ? -3.477  10.489  -6.598  1.00 81.48  ? 31  A   B N9    1 
ATOM   644  C  C8    . A   B 1 8  ? -3.698  9.245   -7.119  1.00 81.56  ? 31  A   B C8    1 
ATOM   645  N  N7    . A   B 1 8  ? -4.965  8.939   -7.235  1.00 81.53  ? 31  A   B N7    1 
ATOM   646  C  C5    . A   B 1 8  ? -5.620  10.065  -6.766  1.00 81.66  ? 31  A   B C5    1 
ATOM   647  C  C6    . A   B 1 8  ? -6.979  10.376  -6.629  1.00 82.35  ? 31  A   B C6    1 
ATOM   648  N  N6    . A   B 1 8  ? -7.963  9.522   -6.939  1.00 82.52  ? 31  A   B N6    1 
ATOM   649  N  N1    . A   B 1 8  ? -7.301  11.606  -6.153  1.00 81.86  ? 31  A   B N1    1 
ATOM   650  C  C2    . A   B 1 8  ? -6.307  12.446  -5.825  1.00 80.85  ? 31  A   B C2    1 
ATOM   651  N  N3    . A   B 1 8  ? -4.991  12.260  -5.896  1.00 81.33  ? 31  A   B N3    1 
ATOM   652  C  C4    . A   B 1 8  ? -4.714  11.036  -6.383  1.00 81.70  ? 31  A   B C4    1 
ATOM   653  P  P     . C   B 1 9  ? -0.630  8.961   -2.643  1.00 89.55  ? 32  C   B P     1 
ATOM   654  O  OP1   . C   B 1 9  ? -0.528  10.290  -1.986  1.00 88.90  ? 32  C   B OP1   1 
ATOM   655  O  OP2   . C   B 1 9  ? 0.029   7.785   -2.022  1.00 88.97  ? 32  C   B OP2   1 
ATOM   656  O  "O5'" . C   B 1 9  ? -2.181  8.635   -2.846  1.00 87.60  ? 32  C   B "O5'" 1 
ATOM   657  C  "C5'" . C   B 1 9  ? -3.184  9.475   -2.266  1.00 85.13  ? 32  C   B "C5'" 1 
ATOM   658  C  "C4'" . C   B 1 9  ? -4.569  8.898   -2.488  1.00 84.86  ? 32  C   B "C4'" 1 
ATOM   659  O  "O4'" . C   B 1 9  ? -4.812  8.711   -3.912  1.00 83.66  ? 32  C   B "O4'" 1 
ATOM   660  C  "C3'" . C   B 1 9  ? -4.847  7.530   -1.887  1.00 84.82  ? 32  C   B "C3'" 1 
ATOM   661  O  "O3'" . C   B 1 9  ? -5.209  7.637   -0.513  1.00 84.83  ? 32  C   B "O3'" 1 
ATOM   662  C  "C2'" . C   B 1 9  ? -6.019  7.037   -2.730  1.00 83.59  ? 32  C   B "C2'" 1 
ATOM   663  O  "O2'" . C   B 1 9  ? -7.266  7.526   -2.290  1.00 85.58  ? 32  C   B "O2'" 1 
ATOM   664  C  "C1'" . C   B 1 9  ? -5.676  7.604   -4.110  1.00 81.21  ? 32  C   B "C1'" 1 
ATOM   665  N  N1    . C   B 1 9  ? -4.977  6.616   -4.939  1.00 77.21  ? 32  C   B N1    1 
ATOM   666  C  C2    . C   B 1 9  ? -5.729  5.636   -5.598  1.00 76.28  ? 32  C   B C2    1 
ATOM   667  O  O2    . C   B 1 9  ? -6.972  5.656   -5.496  1.00 73.05  ? 32  C   B O2    1 
ATOM   668  N  N3    . C   B 1 9  ? -5.084  4.694   -6.327  1.00 74.85  ? 32  C   B N3    1 
ATOM   669  C  C4    . C   B 1 9  ? -3.753  4.706   -6.404  1.00 73.31  ? 32  C   B C4    1 
ATOM   670  N  N4    . C   B 1 9  ? -3.163  3.727   -7.087  1.00 70.84  ? 32  C   B N4    1 
ATOM   671  C  C5    . C   B 1 9  ? -2.970  5.713   -5.771  1.00 72.88  ? 32  C   B C5    1 
ATOM   672  C  C6    . C   B 1 9  ? -3.616  6.638   -5.055  1.00 74.18  ? 32  C   B C6    1 
ATOM   673  P  P     . G   B 1 10 ? -5.312  6.308   0.384   1.00 85.87  ? 33  G   B P     1 
ATOM   674  O  OP1   . G   B 1 10 ? -5.892  6.699   1.691   1.00 86.02  ? 33  G   B OP1   1 
ATOM   675  O  OP2   . G   B 1 10 ? -3.996  5.620   0.355   1.00 84.59  ? 33  G   B OP2   1 
ATOM   676  O  "O5'" . G   B 1 10 ? -6.376  5.407   -0.401  1.00 83.05  ? 33  G   B "O5'" 1 
ATOM   677  C  "C5'" . G   B 1 10 ? -7.779  5.585   -0.204  1.00 78.12  ? 33  G   B "C5'" 1 
ATOM   678  C  "C4'" . G   B 1 10 ? -8.541  4.357   -0.647  1.00 75.56  ? 33  G   B "C4'" 1 
ATOM   679  O  "O4'" . G   B 1 10 ? -8.339  4.149   -2.063  1.00 74.59  ? 33  G   B "O4'" 1 
ATOM   680  C  "C3'" . G   B 1 10 ? -8.118  3.033   -0.032  1.00 75.61  ? 33  G   B "C3'" 1 
ATOM   681  O  "O3'" . G   B 1 10 ? -8.699  2.840   1.247   1.00 74.27  ? 33  G   B "O3'" 1 
ATOM   682  C  "C2'" . G   B 1 10 ? -8.655  2.020   -1.036  1.00 75.53  ? 33  G   B "C2'" 1 
ATOM   683  O  "O2'" . G   B 1 10 ? -9.994  1.649   -0.796  1.00 75.84  ? 33  G   B "O2'" 1 
ATOM   684  C  "C1'" . G   B 1 10 ? -8.489  2.768   -2.365  1.00 75.08  ? 33  G   B "C1'" 1 
ATOM   685  N  N9    . G   B 1 10 ? -7.306  2.334   -3.109  1.00 74.05  ? 33  G   B N9    1 
ATOM   686  C  C8    . G   B 1 10 ? -6.093  2.978   -3.174  1.00 73.21  ? 33  G   B C8    1 
ATOM   687  N  N7    . G   B 1 10 ? -5.215  2.344   -3.902  1.00 72.07  ? 33  G   B N7    1 
ATOM   688  C  C5    . G   B 1 10 ? -5.890  1.219   -4.352  1.00 72.09  ? 33  G   B C5    1 
ATOM   689  C  C6    . G   B 1 10 ? -5.447  0.155   -5.185  1.00 73.53  ? 33  G   B C6    1 
ATOM   690  O  O6    . G   B 1 10 ? -4.337  -0.005  -5.710  1.00 73.34  ? 33  G   B O6    1 
ATOM   691  N  N1    . G   B 1 10 ? -6.448  -0.791  -5.383  1.00 74.10  ? 33  G   B N1    1 
ATOM   692  C  C2    . G   B 1 10 ? -7.712  -0.722  -4.847  1.00 74.60  ? 33  G   B C2    1 
ATOM   693  N  N2    . G   B 1 10 ? -8.535  -1.742  -5.151  1.00 75.16  ? 33  G   B N2    1 
ATOM   694  N  N3    . G   B 1 10 ? -8.138  0.269   -4.070  1.00 72.51  ? 33  G   B N3    1 
ATOM   695  C  C4    . G   B 1 10 ? -7.181  1.196   -3.870  1.00 72.28  ? 33  G   B C4    1 
ATOM   696  P  P     . C   B 1 11 ? -7.908  1.987   2.355   1.00 73.43  ? 34  C   B P     1 
ATOM   697  O  OP1   . C   B 1 11 ? -8.630  2.122   3.642   1.00 73.40  ? 34  C   B OP1   1 
ATOM   698  O  OP2   . C   B 1 11 ? -6.460  2.293   2.286   1.00 72.25  ? 34  C   B OP2   1 
ATOM   699  O  "O5'" . C   B 1 11 ? -8.086  0.493   1.866   1.00 73.86  ? 34  C   B "O5'" 1 
ATOM   700  C  "C5'" . C   B 1 11 ? -9.364  -0.106  1.812   1.00 71.95  ? 34  C   B "C5'" 1 
ATOM   701  C  "C4'" . C   B 1 11 ? -9.264  -1.420  1.098   1.00 71.08  ? 34  C   B "C4'" 1 
ATOM   702  O  "O4'" . C   B 1 11 ? -8.903  -1.189  -0.286  1.00 71.30  ? 34  C   B "O4'" 1 
ATOM   703  C  "C3'" . C   B 1 11 ? -8.147  -2.317  1.576   1.00 69.72  ? 34  C   B "C3'" 1 
ATOM   704  O  "O3'" . C   B 1 11 ? -8.514  -2.993  2.759   1.00 73.51  ? 34  C   B "O3'" 1 
ATOM   705  C  "C2'" . C   B 1 11 ? -7.994  -3.268  0.402   1.00 69.48  ? 34  C   B "C2'" 1 
ATOM   706  O  "O2'" . C   B 1 11 ? -8.932  -4.320  0.406   1.00 67.28  ? 34  C   B "O2'" 1 
ATOM   707  C  "C1'" . C   B 1 11 ? -8.235  -2.331  -0.787  1.00 70.44  ? 34  C   B "C1'" 1 
ATOM   708  N  N1    . C   B 1 11 ? -6.976  -1.899  -1.410  1.00 70.20  ? 34  C   B N1    1 
ATOM   709  C  C2    . C   B 1 11 ? -6.389  -2.719  -2.375  1.00 70.98  ? 34  C   B C2    1 
ATOM   710  O  O2    . C   B 1 11 ? -6.962  -3.764  -2.705  1.00 73.10  ? 34  C   B O2    1 
ATOM   711  N  N3    . C   B 1 11 ? -5.211  -2.358  -2.917  1.00 70.72  ? 34  C   B N3    1 
ATOM   712  C  C4    . C   B 1 11 ? -4.611  -1.243  -2.519  1.00 69.10  ? 34  C   B C4    1 
ATOM   713  N  N4    . C   B 1 11 ? -3.438  -0.960  -3.049  1.00 70.98  ? 34  C   B N4    1 
ATOM   714  C  C5    . C   B 1 11 ? -5.193  -0.377  -1.556  1.00 69.96  ? 34  C   B C5    1 
ATOM   715  C  C6    . C   B 1 11 ? -6.372  -0.735  -1.038  1.00 70.25  ? 34  C   B C6    1 
ATOM   716  P  P     . C   B 1 12 ? -7.379  -3.700  3.650   1.00 78.64  ? 35  C   B P     1 
ATOM   717  O  OP1   . C   B 1 12 ? -8.035  -4.305  4.839   1.00 79.25  ? 35  C   B OP1   1 
ATOM   718  O  OP2   . C   B 1 12 ? -6.269  -2.733  3.835   1.00 78.17  ? 35  C   B OP2   1 
ATOM   719  O  "O5'" . C   B 1 12 ? -6.835  -4.889  2.740   1.00 75.81  ? 35  C   B "O5'" 1 
ATOM   720  C  "C5'" . C   B 1 12 ? -7.620  -6.046  2.502   1.00 73.10  ? 35  C   B "C5'" 1 
ATOM   721  C  "C4'" . C   B 1 12 ? -6.943  -6.924  1.483   1.00 72.29  ? 35  C   B "C4'" 1 
ATOM   722  O  "O4'" . C   B 1 12 ? -6.738  -6.169  0.261   1.00 72.16  ? 35  C   B "O4'" 1 
ATOM   723  C  "C3'" . C   B 1 12 ? -5.533  -7.366  1.824   1.00 72.01  ? 35  C   B "C3'" 1 
ATOM   724  O  "O3'" . C   B 1 12 ? -5.542  -8.497  2.662   1.00 71.93  ? 35  C   B "O3'" 1 
ATOM   725  C  "C2'" . C   B 1 12 ? -5.015  -7.776  0.469   1.00 70.52  ? 35  C   B "C2'" 1 
ATOM   726  O  "O2'" . C   B 1 12 ? -5.561  -9.020  0.118   1.00 71.74  ? 35  C   B "O2'" 1 
ATOM   727  C  "C1'" . C   B 1 12 ? -5.587  -6.665  -0.409  1.00 71.53  ? 35  C   B "C1'" 1 
ATOM   728  N  N1    . C   B 1 12 ? -4.619  -5.572  -0.571  1.00 70.00  ? 35  C   B N1    1 
ATOM   729  C  C2    . C   B 1 12 ? -3.559  -5.760  -1.450  1.00 70.47  ? 35  C   B C2    1 
ATOM   730  O  O2    . C   B 1 12 ? -3.479  -6.831  -2.065  1.00 70.36  ? 35  C   B O2    1 
ATOM   731  N  N3    . C   B 1 12 ? -2.640  -4.783  -1.602  1.00 70.73  ? 35  C   B N3    1 
ATOM   732  C  C4    . C   B 1 12 ? -2.745  -3.660  -0.901  1.00 71.02  ? 35  C   B C4    1 
ATOM   733  N  N4    . C   B 1 12 ? -1.799  -2.739  -1.067  1.00 71.42  ? 35  C   B N4    1 
ATOM   734  C  C5    . C   B 1 12 ? -3.822  -3.437  0.004   1.00 71.27  ? 35  C   B C5    1 
ATOM   735  C  C6    . C   B 1 12 ? -4.734  -4.410  0.131   1.00 69.64  ? 35  C   B C6    1 
ATOM   736  P  P     . G   B 1 13 ? -4.500  -8.581  3.872   1.00 72.09  ? 36  G   B P     1 
ATOM   737  O  OP1   . G   B 1 13 ? -5.033  -9.556  4.854   1.00 72.32  ? 36  G   B OP1   1 
ATOM   738  O  OP2   . G   B 1 13 ? -4.238  -7.180  4.286   1.00 72.86  ? 36  G   B OP2   1 
ATOM   739  O  "O5'" . G   B 1 13 ? -3.182  -9.186  3.227   1.00 66.87  ? 36  G   B "O5'" 1 
ATOM   740  C  "C5'" . G   B 1 13 ? -3.223  -10.418 2.552   1.00 63.93  ? 36  G   B "C5'" 1 
ATOM   741  C  "C4'" . G   B 1 13 ? -2.100  -10.494 1.569   1.00 63.93  ? 36  G   B "C4'" 1 
ATOM   742  O  "O4'" . G   B 1 13 ? -2.174  -9.376  0.653   1.00 63.40  ? 36  G   B "O4'" 1 
ATOM   743  C  "C3'" . G   B 1 13 ? -0.725  -10.307 2.156   1.00 66.13  ? 36  G   B "C3'" 1 
ATOM   744  O  "O3'" . G   B 1 13 ? -0.328  -11.487 2.843   1.00 69.79  ? 36  G   B "O3'" 1 
ATOM   745  C  "C2'" . G   B 1 13 ? 0.077   -10.042 0.892   1.00 64.58  ? 36  G   B "C2'" 1 
ATOM   746  O  "O2'" . G   B 1 13 ? 0.244   -11.233 0.155   1.00 65.60  ? 36  G   B "O2'" 1 
ATOM   747  C  "C1'" . G   B 1 13 ? -0.884  -9.121  0.132   1.00 61.22  ? 36  G   B "C1'" 1 
ATOM   748  N  N9    . G   B 1 13 ? -0.605  -7.692  0.260   1.00 59.13  ? 36  G   B N9    1 
ATOM   749  C  C8    . G   B 1 13 ? -1.335  -6.746  0.942   1.00 59.46  ? 36  G   B C8    1 
ATOM   750  N  N7    . G   B 1 13 ? -0.836  -5.542  0.843   1.00 59.23  ? 36  G   B N7    1 
ATOM   751  C  C5    . G   B 1 13 ? 0.294   -5.709  0.052   1.00 60.32  ? 36  G   B C5    1 
ATOM   752  C  C6    . G   B 1 13 ? 1.256   -4.758  -0.412  1.00 63.82  ? 36  G   B C6    1 
ATOM   753  O  O6    . G   B 1 13 ? 1.338   -3.533  -0.168  1.00 66.03  ? 36  G   B O6    1 
ATOM   754  N  N1    . G   B 1 13 ? 2.210   -5.365  -1.223  1.00 62.97  ? 36  G   B N1    1 
ATOM   755  C  C2    . G   B 1 13 ? 2.262   -6.704  -1.510  1.00 60.48  ? 36  G   B C2    1 
ATOM   756  N  N2    . G   B 1 13 ? 3.255   -7.101  -2.307  1.00 61.53  ? 36  G   B N2    1 
ATOM   757  N  N3    . G   B 1 13 ? 1.407   -7.590  -1.057  1.00 58.06  ? 36  G   B N3    1 
ATOM   758  C  C4    . G   B 1 13 ? 0.450   -7.030  -0.304  1.00 58.19  ? 36  G   B C4    1 
ATOM   759  P  P     . G   B 1 14 ? 0.749   -11.395 4.028   1.00 69.35  ? 37  G   B P     1 
ATOM   760  O  OP1   . G   B 1 14 ? 0.673   -12.687 4.747   1.00 69.41  ? 37  G   B OP1   1 
ATOM   761  O  OP2   . G   B 1 14 ? 0.543   -10.130 4.782   1.00 68.26  ? 37  G   B OP2   1 
ATOM   762  O  "O5'" . G   B 1 14 ? 2.122   -11.306 3.225   1.00 67.00  ? 37  G   B "O5'" 1 
ATOM   763  C  "C5'" . G   B 1 14 ? 2.540   -12.372 2.393   1.00 64.92  ? 37  G   B "C5'" 1 
ATOM   764  C  "C4'" . G   B 1 14 ? 3.812   -12.009 1.664   1.00 65.75  ? 37  G   B "C4'" 1 
ATOM   765  O  "O4'" . G   B 1 14 ? 3.555   -11.010 0.641   1.00 65.72  ? 37  G   B "O4'" 1 
ATOM   766  C  "C3'" . G   B 1 14 ? 4.947   -11.416 2.479   1.00 65.06  ? 37  G   B "C3'" 1 
ATOM   767  O  "O3'" . G   B 1 14 ? 5.725   -12.411 3.093   1.00 65.96  ? 37  G   B "O3'" 1 
ATOM   768  C  "C2'" . G   B 1 14 ? 5.768   -10.741 1.402   1.00 64.67  ? 37  G   B "C2'" 1 
ATOM   769  O  "O2'" . G   B 1 14 ? 6.511   -11.681 0.658   1.00 63.25  ? 37  G   B "O2'" 1 
ATOM   770  C  "C1'" . G   B 1 14 ? 4.659   -10.116 0.559   1.00 63.35  ? 37  G   B "C1'" 1 
ATOM   771  N  N9    . G   B 1 14 ? 4.212   -8.823  1.069   1.00 59.93  ? 37  G   B N9    1 
ATOM   772  C  C8    . G   B 1 14 ? 3.089   -8.582  1.829   1.00 58.29  ? 37  G   B C8    1 
ATOM   773  N  N7    . G   B 1 14 ? 2.905   -7.315  2.081   1.00 57.33  ? 37  G   B N7    1 
ATOM   774  C  C5    . G   B 1 14 ? 3.976   -6.683  1.462   1.00 54.87  ? 37  G   B C5    1 
ATOM   775  C  C6    . G   B 1 14 ? 4.292   -5.310  1.368   1.00 52.72  ? 37  G   B C6    1 
ATOM   776  O  O6    . G   B 1 14 ? 3.664   -4.350  1.802   1.00 55.02  ? 37  G   B O6    1 
ATOM   777  N  N1    . G   B 1 14 ? 5.465   -5.104  0.664   1.00 51.68  ? 37  G   B N1    1 
ATOM   778  C  C2    . G   B 1 14 ? 6.233   -6.094  0.102   1.00 52.99  ? 37  G   B C2    1 
ATOM   779  N  N2    . G   B 1 14 ? 7.332   -5.684  -0.554  1.00 51.43  ? 37  G   B N2    1 
ATOM   780  N  N3    . G   B 1 14 ? 5.943   -7.386  0.172   1.00 52.30  ? 37  G   B N3    1 
ATOM   781  C  C4    . G   B 1 14 ? 4.806   -7.603  0.857   1.00 55.89  ? 37  G   B C4    1 
ATOM   782  P  P     . C   B 1 15 ? 6.319   -12.138 4.547   1.00 69.56  ? 38  C   B P     1 
ATOM   783  O  OP1   . C   B 1 15 ? 7.116   -13.336 4.925   1.00 69.86  ? 38  C   B OP1   1 
ATOM   784  O  OP2   . C   B 1 15 ? 5.189   -11.701 5.411   1.00 67.76  ? 38  C   B OP2   1 
ATOM   785  O  "O5'" . C   B 1 15 ? 7.338   -10.936 4.301   1.00 68.43  ? 38  C   B "O5'" 1 
ATOM   786  C  "C5'" . C   B 1 15 ? 8.524   -11.154 3.539   1.00 65.50  ? 38  C   B "C5'" 1 
ATOM   787  C  "C4'" . C   B 1 15 ? 9.160   -9.844  3.156   1.00 63.72  ? 38  C   B "C4'" 1 
ATOM   788  O  "O4'" . C   B 1 15 ? 8.189   -9.008  2.483   1.00 62.74  ? 38  C   B "O4'" 1 
ATOM   789  C  "C3'" . C   B 1 15 ? 9.593   -8.935  4.281   1.00 64.84  ? 38  C   B "C3'" 1 
ATOM   790  O  "O3'" . C   B 1 15 ? 10.789  -9.353  4.897   1.00 66.92  ? 38  C   B "O3'" 1 
ATOM   791  C  "C2'" . C   B 1 15 ? 9.788   -7.636  3.527   1.00 63.01  ? 38  C   B "C2'" 1 
ATOM   792  O  "O2'" . C   B 1 15 ? 10.925  -7.647  2.705   1.00 63.51  ? 38  C   B "O2'" 1 
ATOM   793  C  "C1'" . C   B 1 15 ? 8.542   -7.645  2.655   1.00 60.58  ? 38  C   B "C1'" 1 
ATOM   794  N  N1    . C   B 1 15 ? 7.447   -6.945  3.332   1.00 58.49  ? 38  C   B N1    1 
ATOM   795  C  C2    . C   B 1 15 ? 7.483   -5.570  3.329   1.00 57.45  ? 38  C   B C2    1 
ATOM   796  O  O2    . C   B 1 15 ? 8.442   -5.020  2.784   1.00 58.36  ? 38  C   B O2    1 
ATOM   797  N  N3    . C   B 1 15 ? 6.496   -4.872  3.923   1.00 54.68  ? 38  C   B N3    1 
ATOM   798  C  C4    . C   B 1 15 ? 5.512   -5.511  4.534   1.00 54.77  ? 38  C   B C4    1 
ATOM   799  N  N4    . C   B 1 15 ? 4.573   -4.771  5.131   1.00 55.35  ? 38  C   B N4    1 
ATOM   800  C  C5    . C   B 1 15 ? 5.449   -6.936  4.569   1.00 56.98  ? 38  C   B C5    1 
ATOM   801  C  C6    . C   B 1 15 ? 6.429   -7.610  3.953   1.00 57.94  ? 38  C   B C6    1 
ATOM   802  P  P     . G   B 1 16 ? 11.084  -8.910  6.407   1.00 68.82  ? 39  G   B P     1 
ATOM   803  O  OP1   . G   B 1 16 ? 12.273  -9.695  6.814   1.00 68.72  ? 39  G   B OP1   1 
ATOM   804  O  OP2   . G   B 1 16 ? 9.831   -8.992  7.205   1.00 66.31  ? 39  G   B OP2   1 
ATOM   805  O  "O5'" . G   B 1 16 ? 11.479  -7.375  6.281   1.00 68.44  ? 39  G   B "O5'" 1 
ATOM   806  C  "C5'" . G   B 1 16 ? 12.666  -6.976  5.607   1.00 68.90  ? 39  G   B "C5'" 1 
ATOM   807  C  "C4'" . G   B 1 16 ? 12.774  -5.470  5.586   1.00 69.11  ? 39  G   B "C4'" 1 
ATOM   808  O  "O4'" . G   B 1 16 ? 11.645  -4.929  4.844   1.00 68.42  ? 39  G   B "O4'" 1 
ATOM   809  C  "C3'" . G   B 1 16 ? 12.681  -4.786  6.941   1.00 69.56  ? 39  G   B "C3'" 1 
ATOM   810  O  "O3'" . G   B 1 16 ? 13.937  -4.760  7.602   1.00 70.26  ? 39  G   B "O3'" 1 
ATOM   811  C  "C2'" . G   B 1 16 ? 12.223  -3.384  6.553   1.00 69.60  ? 39  G   B "C2'" 1 
ATOM   812  O  "O2'" . G   B 1 16 ? 13.243  -2.515  6.104   1.00 72.07  ? 39  G   B "O2'" 1 
ATOM   813  C  "C1'" . G   B 1 16 ? 11.260  -3.688  5.408   1.00 67.79  ? 39  G   B "C1'" 1 
ATOM   814  N  N9    . G   B 1 16 ? 9.891   -3.781  5.902   1.00 64.32  ? 39  G   B N9    1 
ATOM   815  C  C8    . G   B 1 16 ? 9.157   -4.907  6.184   1.00 64.16  ? 39  G   B C8    1 
ATOM   816  N  N7    . G   B 1 16 ? 7.974   -4.636  6.672   1.00 63.17  ? 39  G   B N7    1 
ATOM   817  C  C5    . G   B 1 16 ? 7.921   -3.247  6.692   1.00 62.27  ? 39  G   B C5    1 
ATOM   818  C  C6    . G   B 1 16 ? 6.887   -2.353  7.122   1.00 61.20  ? 39  G   B C6    1 
ATOM   819  O  O6    . G   B 1 16 ? 5.756   -2.619  7.569   1.00 60.00  ? 39  G   B O6    1 
ATOM   820  N  N1    . G   B 1 16 ? 7.276   -1.026  6.982   1.00 60.06  ? 39  G   B N1    1 
ATOM   821  C  C2    . G   B 1 16 ? 8.483   -0.604  6.489   1.00 59.50  ? 39  G   B C2    1 
ATOM   822  N  N2    . G   B 1 16 ? 8.673   0.706   6.440   1.00 60.80  ? 39  G   B N2    1 
ATOM   823  N  N3    . G   B 1 16 ? 9.437   -1.412  6.078   1.00 60.24  ? 39  G   B N3    1 
ATOM   824  C  C4    . G   B 1 16 ? 9.094   -2.710  6.210   1.00 62.87  ? 39  G   B C4    1 
ATOM   825  P  P     . A   B 1 17 ? 14.158  -5.636  8.936   1.00 74.02  ? 40  A   B P     1 
ATOM   826  O  OP1   . A   B 1 17 ? 14.736  -6.927  8.490   1.00 73.25  ? 40  A   B OP1   1 
ATOM   827  O  OP2   . A   B 1 17 ? 12.945  -5.646  9.798   1.00 72.85  ? 40  A   B OP2   1 
ATOM   828  O  "O5'" . A   B 1 17 ? 15.293  -4.834  9.712   1.00 72.67  ? 40  A   B "O5'" 1 
ATOM   829  C  "C5'" . A   B 1 17 ? 14.991  -3.632  10.407  1.00 71.97  ? 40  A   B "C5'" 1 
ATOM   830  C  "C4'" . A   B 1 17 ? 15.013  -3.879  11.899  1.00 72.27  ? 40  A   B "C4'" 1 
ATOM   831  O  "O4'" . A   B 1 17 ? 16.346  -4.227  12.351  1.00 71.34  ? 40  A   B "O4'" 1 
ATOM   832  C  "C3'" . A   B 1 17 ? 14.556  -2.729  12.782  1.00 71.82  ? 40  A   B "C3'" 1 
ATOM   833  O  "O3'" . A   B 1 17 ? 13.149  -2.913  12.913  1.00 72.56  ? 40  A   B "O3'" 1 
ATOM   834  C  "C2'" . A   B 1 17 ? 15.279  -3.014  14.102  1.00 71.81  ? 40  A   B "C2'" 1 
ATOM   835  O  "O2'" . A   B 1 17 ? 14.587  -3.910  14.948  1.00 72.79  ? 40  A   B "O2'" 1 
ATOM   836  C  "C1'" . A   B 1 17 ? 16.574  -3.683  13.635  1.00 69.51  ? 40  A   B "C1'" 1 
ATOM   837  N  N9    . A   B 1 17 ? 17.740  -2.800  13.562  1.00 67.53  ? 40  A   B N9    1 
ATOM   838  C  C8    . A   B 1 17 ? 18.378  -2.343  12.431  1.00 66.07  ? 40  A   B C8    1 
ATOM   839  N  N7    . A   B 1 17 ? 19.435  -1.609  12.679  1.00 65.31  ? 40  A   B N7    1 
ATOM   840  C  C5    . A   B 1 17 ? 19.494  -1.566  14.066  1.00 66.03  ? 40  A   B C5    1 
ATOM   841  C  C6    . A   B 1 17 ? 20.399  -0.948  14.963  1.00 66.12  ? 40  A   B C6    1 
ATOM   842  N  N6    . A   B 1 17 ? 21.454  -0.224  14.570  1.00 62.58  ? 40  A   B N6    1 
ATOM   843  N  N1    . A   B 1 17 ? 20.171  -1.101  16.292  1.00 64.98  ? 40  A   B N1    1 
ATOM   844  C  C2    . A   B 1 17 ? 19.102  -1.814  16.680  1.00 65.13  ? 40  A   B C2    1 
ATOM   845  N  N3    . A   B 1 17 ? 18.181  -2.440  15.934  1.00 65.21  ? 40  A   B N3    1 
ATOM   846  C  C4    . A   B 1 17 ? 18.443  -2.281  14.624  1.00 66.00  ? 40  A   B C4    1 
ATOM   847  P  P     . A   B 1 18 ? 12.238  -1.796  13.612  1.00 71.65  ? 41  A   B P     1 
ATOM   848  O  OP1   . A   B 1 18 ? 10.987  -2.490  14.008  1.00 71.71  ? 41  A   B OP1   1 
ATOM   849  O  OP2   . A   B 1 18 ? 12.179  -0.596  12.738  1.00 70.13  ? 41  A   B OP2   1 
ATOM   850  O  "O5'" . A   B 1 18 ? 13.000  -1.457  14.963  1.00 71.51  ? 41  A   B "O5'" 1 
ATOM   851  C  "C5'" . A   B 1 18 ? 12.505  -1.918  16.213  1.00 68.40  ? 41  A   B "C5'" 1 
ATOM   852  C  "C4'" . A   B 1 18 ? 13.157  -1.152  17.342  1.00 69.78  ? 41  A   B "C4'" 1 
ATOM   853  O  "O4'" . A   B 1 18 ? 14.591  -1.138  17.157  1.00 67.09  ? 41  A   B "O4'" 1 
ATOM   854  C  "C3'" . A   B 1 18 ? 12.854  0.330   17.449  1.00 69.81  ? 41  A   B "C3'" 1 
ATOM   855  O  "O3'" . A   B 1 18 ? 11.615  0.496   18.128  1.00 73.01  ? 41  A   B "O3'" 1 
ATOM   856  C  "C2'" . A   B 1 18 ? 13.987  0.807   18.354  1.00 68.66  ? 41  A   B "C2'" 1 
ATOM   857  O  "O2'" . A   B 1 18 ? 13.665  0.553   19.708  1.00 69.75  ? 41  A   B "O2'" 1 
ATOM   858  C  "C1'" . A   B 1 18 ? 15.141  -0.112  17.946  1.00 64.32  ? 41  A   B "C1'" 1 
ATOM   859  N  N9    . A   B 1 18 ? 16.227  0.490   17.181  1.00 61.69  ? 41  A   B N9    1 
ATOM   860  C  C8    . A   B 1 18 ? 16.395  0.424   15.821  1.00 62.92  ? 41  A   B C8    1 
ATOM   861  N  N7    . A   B 1 18 ? 17.506  0.977   15.395  1.00 60.04  ? 41  A   B N7    1 
ATOM   862  C  C5    . A   B 1 18 ? 18.099  1.451   16.547  1.00 57.65  ? 41  A   B C5    1 
ATOM   863  C  C6    . A   B 1 18 ? 19.302  2.105   16.765  1.00 58.25  ? 41  A   B C6    1 
ATOM   864  N  N6    . A   B 1 18 ? 20.166  2.390   15.789  1.00 53.99  ? 41  A   B N6    1 
ATOM   865  N  N1    . A   B 1 18 ? 19.606  2.452   18.039  1.00 60.19  ? 41  A   B N1    1 
ATOM   866  C  C2    . A   B 1 18 ? 18.743  2.135   19.012  1.00 56.68  ? 41  A   B C2    1 
ATOM   867  N  N3    . A   B 1 18 ? 17.582  1.504   18.927  1.00 56.06  ? 41  A   B N3    1 
ATOM   868  C  C4    . A   B 1 18 ? 17.314  1.183   17.654  1.00 57.94  ? 41  A   B C4    1 
ATOM   869  P  P     . G   B 1 19 ? 10.291  0.818   17.288  1.00 75.28  ? 42  G   B P     1 
ATOM   870  O  OP1   . G   B 1 19 ? 9.128   0.213   17.977  1.00 73.92  ? 42  G   B OP1   1 
ATOM   871  O  OP2   . G   B 1 19 ? 10.553  0.495   15.862  1.00 78.68  ? 42  G   B OP2   1 
ATOM   872  O  "O5'" . G   B 1 19 ? 10.152  2.395   17.365  1.00 74.99  ? 42  G   B "O5'" 1 
ATOM   873  C  "C5'" . G   B 1 19 ? 9.700   3.025   18.545  1.00 73.96  ? 42  G   B "C5'" 1 
ATOM   874  C  "C4'" . G   B 1 19 ? 8.633   4.035   18.215  1.00 73.47  ? 42  G   B "C4'" 1 
ATOM   875  O  "O4'" . G   B 1 19 ? 8.549   4.291   16.784  1.00 73.03  ? 42  G   B "O4'" 1 
ATOM   876  C  "C3'" . G   B 1 19 ? 7.248   3.601   18.623  1.00 72.85  ? 42  G   B "C3'" 1 
ATOM   877  O  "O3'" . G   B 1 19 ? 7.084   3.983   19.968  1.00 73.89  ? 42  G   B "O3'" 1 
ATOM   878  C  "C2'" . G   B 1 19 ? 6.372   4.412   17.685  1.00 73.46  ? 42  G   B "C2'" 1 
ATOM   879  O  "O2'" . G   B 1 19 ? 6.190   5.742   18.123  1.00 74.80  ? 42  G   B "O2'" 1 
ATOM   880  C  "C1'" . G   B 1 19 ? 7.188   4.355   16.391  1.00 74.07  ? 42  G   B "C1'" 1 
ATOM   881  N  N9    . G   B 1 19 ? 6.897   3.175   15.578  1.00 75.59  ? 42  G   B N9    1 
ATOM   882  C  C8    . G   B 1 19 ? 7.809   2.272   15.083  1.00 76.71  ? 42  G   B C8    1 
ATOM   883  N  N7    . G   B 1 19 ? 7.253   1.289   14.427  1.00 77.23  ? 42  G   B N7    1 
ATOM   884  C  C5    . G   B 1 19 ? 5.894   1.563   14.483  1.00 77.88  ? 42  G   B C5    1 
ATOM   885  C  C6    . G   B 1 19 ? 4.790   0.846   13.957  1.00 78.56  ? 42  G   B C6    1 
ATOM   886  O  O6    . G   B 1 19 ? 4.790   -0.223  13.348  1.00 78.60  ? 42  G   B O6    1 
ATOM   887  N  N1    . G   B 1 19 ? 3.586   1.493   14.217  1.00 78.33  ? 42  G   B N1    1 
ATOM   888  C  C2    . G   B 1 19 ? 3.463   2.661   14.914  1.00 77.50  ? 42  G   B C2    1 
ATOM   889  N  N2    . G   B 1 19 ? 2.233   3.122   15.057  1.00 78.83  ? 42  G   B N2    1 
ATOM   890  N  N3    . G   B 1 19 ? 4.478   3.328   15.432  1.00 77.67  ? 42  G   B N3    1 
ATOM   891  C  C4    . G   B 1 19 ? 5.657   2.731   15.176  1.00 76.94  ? 42  G   B C4    1 
ATOM   892  P  P     . U   B 1 20 ? 6.312   3.014   20.974  1.00 76.38  ? 43  U   B P     1 
ATOM   893  O  OP1   . U   B 1 20 ? 6.651   3.443   22.353  1.00 76.73  ? 43  U   B OP1   1 
ATOM   894  O  OP2   . U   B 1 20 ? 6.579   1.610   20.563  1.00 77.23  ? 43  U   B OP2   1 
ATOM   895  O  "O5'" . U   B 1 20 ? 4.779   3.337   20.680  1.00 75.39  ? 43  U   B "O5'" 1 
ATOM   896  C  "C5'" . U   B 1 20 ? 4.344   4.664   20.394  1.00 73.58  ? 43  U   B "C5'" 1 
ATOM   897  C  "C4'" . U   B 1 20 ? 2.871   4.662   20.051  1.00 74.58  ? 43  U   B "C4'" 1 
ATOM   898  O  "O4'" . U   B 1 20 ? 2.667   4.338   18.651  1.00 74.50  ? 43  U   B "O4'" 1 
ATOM   899  C  "C3'" . U   B 1 20 ? 2.024   3.670   20.829  1.00 74.08  ? 43  U   B "C3'" 1 
ATOM   900  O  "O3'" . U   B 1 20 ? 1.538   4.241   22.030  1.00 76.17  ? 43  U   B "O3'" 1 
ATOM   901  C  "C2'" . U   B 1 20 ? 0.862   3.403   19.889  1.00 73.44  ? 43  U   B "C2'" 1 
ATOM   902  O  "O2'" . U   B 1 20 ? -0.155  4.367   20.053  1.00 71.81  ? 43  U   B "O2'" 1 
ATOM   903  C  "C1'" . U   B 1 20 ? 1.534   3.499   18.515  1.00 74.03  ? 43  U   B "C1'" 1 
ATOM   904  N  N1    . U   B 1 20 ? 1.994   2.208   17.984  1.00 73.72  ? 43  U   B N1    1 
ATOM   905  C  C2    . U   B 1 20 ? 1.050   1.359   17.437  1.00 72.80  ? 43  U   B C2    1 
ATOM   906  O  O2    . U   B 1 20 ? -0.127  1.645   17.364  1.00 71.34  ? 43  U   B O2    1 
ATOM   907  N  N3    . U   B 1 20 ? 1.545   0.162   16.977  1.00 73.07  ? 43  U   B N3    1 
ATOM   908  C  C4    . U   B 1 20 ? 2.864   -0.256  17.004  1.00 74.42  ? 43  U   B C4    1 
ATOM   909  O  O4    . U   B 1 20 ? 3.149   -1.393  16.626  1.00 73.19  ? 43  U   B O4    1 
ATOM   910  C  C5    . U   B 1 20 ? 3.778   0.690   17.571  1.00 74.89  ? 43  U   B C5    1 
ATOM   911  C  C6    . U   B 1 20 ? 3.323   1.858   18.031  1.00 73.59  ? 43  U   B C6    1 
ATOM   912  P  P     . C   B 1 21 ? 1.195   3.281   23.261  1.00 79.46  ? 44  C   B P     1 
ATOM   913  O  OP1   . C   B 1 21 ? 0.853   4.106   24.443  1.00 78.79  ? 44  C   B OP1   1 
ATOM   914  O  OP2   . C   B 1 21 ? 2.324   2.322   23.341  1.00 79.69  ? 44  C   B OP2   1 
ATOM   915  O  "O5'" . C   B 1 21 ? -0.127  2.517   22.793  1.00 79.12  ? 44  C   B "O5'" 1 
ATOM   916  C  "C5'" . C   B 1 21 ? -1.395  3.165   22.858  1.00 79.52  ? 44  C   B "C5'" 1 
ATOM   917  C  "C4'" . C   B 1 21 ? -2.495  2.245   22.387  1.00 79.75  ? 44  C   B "C4'" 1 
ATOM   918  O  "O4'" . C   B 1 21 ? -2.305  1.919   20.988  1.00 80.72  ? 44  C   B "O4'" 1 
ATOM   919  C  "C3'" . C   B 1 21 ? -2.602  0.887   23.052  1.00 80.26  ? 44  C   B "C3'" 1 
ATOM   920  O  "O3'" . C   B 1 21 ? -3.290  0.963   24.284  1.00 82.08  ? 44  C   B "O3'" 1 
ATOM   921  C  "C2'" . C   B 1 21 ? -3.430  0.124   22.030  1.00 80.18  ? 44  C   B "C2'" 1 
ATOM   922  O  "O2'" . C   B 1 21 ? -4.800  0.456   22.036  1.00 79.30  ? 44  C   B "O2'" 1 
ATOM   923  C  "C1'" . C   B 1 21 ? -2.795  0.610   20.735  1.00 80.48  ? 44  C   B "C1'" 1 
ATOM   924  N  N1    . C   B 1 21 ? -1.660  -0.244  20.380  1.00 80.64  ? 44  C   B N1    1 
ATOM   925  C  C2    . C   B 1 21 ? -1.914  -1.494  19.808  1.00 80.01  ? 44  C   B C2    1 
ATOM   926  O  O2    . C   B 1 21 ? -3.093  -1.830  19.602  1.00 78.95  ? 44  C   B O2    1 
ATOM   927  N  N3    . C   B 1 21 ? -0.872  -2.295  19.492  1.00 78.72  ? 44  C   B N3    1 
ATOM   928  C  C4    . C   B 1 21 ? 0.377   -1.882  19.710  1.00 78.91  ? 44  C   B C4    1 
ATOM   929  N  N4    . C   B 1 21 ? 1.371   -2.690  19.367  1.00 78.49  ? 44  C   B N4    1 
ATOM   930  C  C5    . C   B 1 21 ? 0.661   -0.612  20.288  1.00 80.79  ? 44  C   B C5    1 
ATOM   931  C  C6    . C   B 1 21 ? -0.377  0.168   20.605  1.00 80.36  ? 44  C   B C6    1 
ATOM   932  P  P     . G   B 1 22 ? -3.245  -0.284  25.292  1.00 84.04  ? 45  G   B P     1 
ATOM   933  O  OP1   . G   B 1 22 ? -4.162  0.027   26.419  1.00 83.80  ? 45  G   B OP1   1 
ATOM   934  O  OP2   . G   B 1 22 ? -1.818  -0.585  25.557  1.00 81.79  ? 45  G   B OP2   1 
ATOM   935  O  "O5'" . G   B 1 22 ? -3.895  -1.497  24.483  1.00 82.95  ? 45  G   B "O5'" 1 
ATOM   936  C  "C5'" . G   B 1 22 ? -5.313  -1.604  24.353  1.00 81.52  ? 45  G   B "C5'" 1 
ATOM   937  C  "C4'" . G   B 1 22 ? -5.693  -2.916  23.702  1.00 80.63  ? 45  G   B "C4'" 1 
ATOM   938  O  "O4'" . G   B 1 22 ? -5.039  -3.027  22.409  1.00 80.64  ? 45  G   B "O4'" 1 
ATOM   939  C  "C3'" . G   B 1 22 ? -5.268  -4.190  24.409  1.00 80.52  ? 45  G   B "C3'" 1 
ATOM   940  O  "O3'" . G   B 1 22 ? -6.188  -4.550  25.416  1.00 81.72  ? 45  G   B "O3'" 1 
ATOM   941  C  "C2'" . G   B 1 22 ? -5.343  -5.191  23.272  1.00 80.31  ? 45  G   B "C2'" 1 
ATOM   942  O  "O2'" . G   B 1 22 ? -6.669  -5.492  22.897  1.00 79.72  ? 45  G   B "O2'" 1 
ATOM   943  C  "C1'" . G   B 1 22 ? -4.700  -4.383  22.158  1.00 78.86  ? 45  G   B "C1'" 1 
ATOM   944  N  N9    . G   B 1 22 ? -3.246  -4.508  22.138  1.00 76.37  ? 45  G   B N9    1 
ATOM   945  C  C8    . G   B 1 22 ? -2.322  -3.585  22.559  1.00 76.02  ? 45  G   B C8    1 
ATOM   946  N  N7    . G   B 1 22 ? -1.091  -3.953  22.327  1.00 75.67  ? 45  G   B N7    1 
ATOM   947  C  C5    . G   B 1 22 ? -1.213  -5.203  21.735  1.00 74.33  ? 45  G   B C5    1 
ATOM   948  C  C6    . G   B 1 22 ? -0.223  -6.085  21.227  1.00 73.72  ? 45  G   B C6    1 
ATOM   949  O  O6    . G   B 1 22 ? 0.999   -5.937  21.199  1.00 74.06  ? 45  G   B O6    1 
ATOM   950  N  N1    . G   B 1 22 ? -0.785  -7.239  20.701  1.00 72.73  ? 45  G   B N1    1 
ATOM   951  C  C2    . G   B 1 22 ? -2.122  -7.516  20.666  1.00 73.19  ? 45  G   B C2    1 
ATOM   952  N  N2    . G   B 1 22 ? -2.464  -8.680  20.106  1.00 72.94  ? 45  G   B N2    1 
ATOM   953  N  N3    . G   B 1 22 ? -3.058  -6.708  21.139  1.00 74.18  ? 45  G   B N3    1 
ATOM   954  C  C4    . G   B 1 22 ? -2.535  -5.572  21.643  1.00 74.70  ? 45  G   B C4    1 
ATOM   955  P  P     . C   B 1 23 ? -5.719  -5.513  26.613  1.00 84.43  ? 46  C   B P     1 
ATOM   956  O  OP1   . C   B 1 23 ? -6.928  -5.657  27.473  1.00 85.36  ? 46  C   B OP1   1 
ATOM   957  O  OP2   . C   B 1 23 ? -4.450  -5.012  27.204  1.00 84.24  ? 46  C   B OP2   1 
ATOM   958  O  "O5'" . C   B 1 23 ? -5.400  -6.913  25.924  1.00 79.81  ? 46  C   B "O5'" 1 
ATOM   959  C  "C5'" . C   B 1 23 ? -6.428  -7.669  25.307  1.00 76.68  ? 46  C   B "C5'" 1 
ATOM   960  C  "C4'" . C   B 1 23 ? -5.828  -8.814  24.543  1.00 76.17  ? 46  C   B "C4'" 1 
ATOM   961  O  "O4'" . C   B 1 23 ? -4.765  -8.281  23.717  1.00 75.74  ? 46  C   B "O4'" 1 
ATOM   962  C  "C3'" . C   B 1 23 ? -5.115  -9.873  25.368  1.00 76.12  ? 46  C   B "C3'" 1 
ATOM   963  O  "O3'" . C   B 1 23 ? -5.939  -10.809 26.078  1.00 75.32  ? 46  C   B "O3'" 1 
ATOM   964  C  "C2'" . C   B 1 23 ? -4.187  -10.503 24.337  1.00 75.92  ? 46  C   B "C2'" 1 
ATOM   965  O  "O2'" . C   B 1 23 ? -4.836  -11.431 23.490  1.00 75.15  ? 46  C   B "O2'" 1 
ATOM   966  C  "C1'" . C   B 1 23 ? -3.780  -9.279  23.517  1.00 75.26  ? 46  C   B "C1'" 1 
ATOM   967  N  N1    . C   B 1 23 ? -2.472  -8.722  23.882  1.00 74.17  ? 46  C   B N1    1 
ATOM   968  C  C2    . C   B 1 23 ? -1.325  -9.366  23.420  1.00 73.41  ? 46  C   B C2    1 
ATOM   969  O  O2    . C   B 1 23 ? -1.453  -10.406 22.752  1.00 71.19  ? 46  C   B O2    1 
ATOM   970  N  N3    . C   B 1 23 ? -0.110  -8.843  23.708  1.00 72.96  ? 46  C   B N3    1 
ATOM   971  C  C4    . C   B 1 23 ? -0.018  -7.723  24.427  1.00 73.22  ? 46  C   B C4    1 
ATOM   972  N  N4    . C   B 1 23 ? 1.207   -7.226  24.651  1.00 73.41  ? 46  C   B N4    1 
ATOM   973  C  C5    . C   B 1 23 ? -1.174  -7.058  24.938  1.00 73.69  ? 46  C   B C5    1 
ATOM   974  C  C6    . C   B 1 23 ? -2.371  -7.588  24.644  1.00 74.58  ? 46  C   B C6    1 
HETATM 975  MG MG    . MG  C 2 .  ? 0.692   -0.317  -5.940  1.00 78.75  ? 101 MG  A MG    1 
HETATM 976  C  C4    . NMZ D 3 .  ? 10.126  -1.732  10.034  1.00 59.68  ? 101 NMZ B C4    1 
HETATM 977  C  C5    . NMZ D 3 .  ? 9.148   -0.793  10.858  1.00 60.40  ? 101 NMZ B C5    1 
HETATM 978  C  C6    . NMZ D 3 .  ? 9.278   0.694   10.416  1.00 59.91  ? 101 NMZ B C6    1 
HETATM 979  C  C3    . NMZ D 3 .  ? 9.964   -3.209  10.427  1.00 60.00  ? 101 NMZ B C3    1 
HETATM 980  C  C2    . NMZ D 3 .  ? 8.502   -3.666  10.214  1.00 60.74  ? 101 NMZ B C2    1 
HETATM 981  C  C1    . NMZ D 3 .  ? 7.519   -2.767  11.052  1.00 59.35  ? 101 NMZ B C1    1 
HETATM 982  O  O1    . NMZ D 3 .  ? 7.774   -2.934  12.416  1.00 60.79  ? 101 NMZ B O1    1 
HETATM 983  O  O2    . NMZ D 3 .  ? 6.525   -4.769  18.856  1.00 70.50  ? 101 NMZ B O2    1 
HETATM 984  C  C10   . NMZ D 3 .  ? 6.904   -2.706  13.534  1.00 63.63  ? 101 NMZ B C10   1 
HETATM 985  C  C11   . NMZ D 3 .  ? 5.858   -3.877  13.727  1.00 64.61  ? 101 NMZ B C11   1 
HETATM 986  C  C12   . NMZ D 3 .  ? 4.951   -3.558  15.021  1.00 64.70  ? 101 NMZ B C12   1 
HETATM 987  C  C13   . NMZ D 3 .  ? 4.477   -4.939  11.966  1.00 67.61  ? 101 NMZ B C13   1 
HETATM 988  C  C14   . NMZ D 3 .  ? 3.237   -4.645  11.072  1.00 68.68  ? 101 NMZ B C14   1 
HETATM 989  C  C15   . NMZ D 3 .  ? 3.331   -5.811  10.177  1.00 69.55  ? 101 NMZ B C15   1 
HETATM 990  C  C16   . NMZ D 3 .  ? 4.838   -6.063  9.864   1.00 66.48  ? 101 NMZ B C16   1 
HETATM 991  C  C17   . NMZ D 3 .  ? 5.453   -5.355  8.656   1.00 66.49  ? 101 NMZ B C17   1 
HETATM 992  C  C18   . NMZ D 3 .  ? 2.012   -7.881  10.164  1.00 77.77  ? 101 NMZ B C18   1 
HETATM 993  C  C19   . NMZ D 3 .  ? 1.431   -8.969  11.017  1.00 78.64  ? 101 NMZ B C19   1 
HETATM 994  C  C20   . NMZ D 3 .  ? 0.708   -10.027 10.096  1.00 79.14  ? 101 NMZ B C20   1 
HETATM 995  C  C21   . NMZ D 3 .  ? 1.643   -10.651 9.002   1.00 81.29  ? 101 NMZ B C21   1 
HETATM 996  C  C22   . NMZ D 3 .  ? 2.182   -9.587  8.188   1.00 81.84  ? 101 NMZ B C22   1 
HETATM 997  C  C23   . NMZ D 3 .  ? 3.173   -10.172 7.089   1.00 83.43  ? 101 NMZ B C23   1 
HETATM 998  C  C24   . NMZ D 3 .  ? 3.842   -4.497  20.274  1.00 67.78  ? 101 NMZ B C24   1 
HETATM 999  C  C26   . NMZ D 3 .  ? 5.598   -3.950  18.785  1.00 67.40  ? 101 NMZ B C26   1 
HETATM 1000 C  C27   . NMZ D 3 .  ? 3.837   -4.764  21.625  1.00 68.36  ? 101 NMZ B C27   1 
HETATM 1001 C  C28   . NMZ D 3 .  ? 4.702   -3.503  20.053  1.00 67.51  ? 101 NMZ B C28   1 
HETATM 1002 C  C7    . NMZ D 3 .  ? 5.921   -3.534  16.290  1.00 63.15  ? 101 NMZ B C7    1 
HETATM 1003 C  C8    . NMZ D 3 .  ? 6.965   -2.336  16.063  1.00 63.30  ? 101 NMZ B C8    1 
HETATM 1004 C  C9    . NMZ D 3 .  ? 7.822   -2.592  14.767  1.00 62.88  ? 101 NMZ B C9    1 
HETATM 1005 F  F99   . NMZ D 3 .  ? 9.844   -1.566  8.666   1.00 62.71  ? 101 NMZ B F99   1 
HETATM 1006 N  N19   . NMZ D 3 .  ? 4.644   -9.827  7.337   1.00 82.62  ? 101 NMZ B N19   1 
HETATM 1007 N  N2    . NMZ D 3 .  ? 8.311   -5.120  10.615  1.00 59.67  ? 101 NMZ B N2    1 
HETATM 1008 N  N23   . NMZ D 3 .  ? 2.457   -9.630  11.722  1.00 76.18  ? 101 NMZ B N23   1 
HETATM 1009 N  N3    . NMZ D 3 .  ? 2.810   -4.676  22.600  1.00 68.86  ? 101 NMZ B N3    1 
HETATM 1010 N  N6    . NMZ D 3 .  ? 8.408   1.576   11.107  1.00 60.06  ? 101 NMZ B N6    1 
HETATM 1011 N  N7    . NMZ D 3 .  ? 5.170   -3.228  17.542  1.00 65.21  ? 101 NMZ B N7    1 
HETATM 1012 N  N9    . NMZ D 3 .  ? 8.768   -1.491  14.538  1.00 64.42  ? 101 NMZ B N9    1 
HETATM 1013 O  O11   . NMZ D 3 .  ? 5.039   -3.908  12.499  1.00 66.17  ? 101 NMZ B O11   1 
HETATM 1014 O  O12   . NMZ D 3 .  ? 4.033   -4.595  15.169  1.00 65.49  ? 101 NMZ B O12   1 
HETATM 1015 O  O14   . NMZ D 3 .  ? 2.100   -4.704  11.875  1.00 69.40  ? 101 NMZ B O14   1 
HETATM 1016 O  O16   . NMZ D 3 .  ? 5.360   -5.760  11.134  1.00 66.30  ? 101 NMZ B O16   1 
HETATM 1017 O  O17   . NMZ D 3 .  ? 6.552   -6.149  8.249   1.00 63.14  ? 101 NMZ B O17   1 
HETATM 1018 O  O18   . NMZ D 3 .  ? 2.690   -6.955  10.903  1.00 74.42  ? 101 NMZ B O18   1 
HETATM 1019 O  O19   . NMZ D 3 .  ? 4.012   -2.291  19.757  1.00 69.87  ? 101 NMZ B O19   1 
HETATM 1020 O  O22   . NMZ D 3 .  ? 2.882   -8.555  9.051   1.00 79.96  ? 101 NMZ B O22   1 
HETATM 1021 O  O23   . NMZ D 3 .  ? 10.653  -3.849  9.778   1.00 59.15  ? 101 NMZ B O23   1 
HETATM 1022 O  O24   . NMZ D 3 .  ? 2.508   -11.190 9.530   1.00 84.27  ? 101 NMZ B O24   1 
HETATM 1023 O  O25   . NMZ D 3 .  ? -0.144  -9.493  9.538   1.00 76.45  ? 101 NMZ B O25   1 
HETATM 1024 O  O5    . NMZ D 3 .  ? 7.723   -1.314  10.661  1.00 61.79  ? 101 NMZ B O5    1 
HETATM 1025 MG MG    . MG  E 2 .  ? 0.372   -3.270  3.523   1.00 61.11  ? 102 MG  B MG    1 
HETATM 1026 O  O     . HOH F 4 .  ? -5.894  6.954   -16.525 1.00 77.32  ? 201 HOH A O     1 
# 
